data_8TRK
#
_entry.id   8TRK
#
_cell.length_a   1.00
_cell.length_b   1.00
_cell.length_c   1.00
_cell.angle_alpha   90.00
_cell.angle_beta   90.00
_cell.angle_gamma   90.00
#
_symmetry.space_group_name_H-M   'P 1'
#
loop_
_entity.id
_entity.type
_entity.pdbx_description
1 polymer 'P2X purinoceptor 7'
2 non-polymer "4,4',4''-[methanetriyltris(4,1-phenyleneazanediyl)]tri(benzene-1-sulfonic acid)"
3 non-polymer "GUANOSINE-5'-DIPHOSPHATE"
4 non-polymer 'ZINC ION'
5 non-polymer 2-acetamido-2-deoxy-beta-D-glucopyranose
6 non-polymer 'PALMITIC ACID'
7 water water
#
_entity_poly.entity_id   1
_entity_poly.type   'polypeptide(L)'
_entity_poly.pdbx_seq_one_letter_code
;MPACCSWNDVFQYETNKVTRIQSVNYGTIKWILHMTVFSYVSFALMSDKLYQRKEPLISSVHTKVKGVAEVTENVTEGGV
TKLVHGIFDTADYTLPLQGNSFFVMTNYLKSEGQEQKLCPEYPSRGKQCHSDQGCIKGWMDPQSKGIQTGRCIPYDQKRK
TCEIFAWCPAEEGKEAPRPALLRSAENFTVLIKNNIDFPGHNYTTRNILPGMNISCTFHKTWNPQCPIFRLGDIFQEIGE
NFTEVAVQGGIMGIEIYWDCNLDSWSHRCQPKYSFRRLDDKYTNESLFPGYNFRYAKYYKENGMEKRTLIKAFGVRFDIL
VFGTGGKFDIIQLVVYIGSTLSYFGLATVCIDLIINTYASTCCRSRVYPSCKCCEPCAVNEYYYRKKCEPIVEPKPTLKY
VSFVDEPHIWMVDQQLLGKSLQDVKGQEVPRPQTDFLELSRLSLSLHHSPPIPGQPEEMQLLQIEAVPRSRDSPDWCQCG
NCLPSQLPENRRALEELCCRRKPGQCITTSELFSKIVLSREALQLLLLYQEPLLALEGEAINSKLRHCAYRSYATWRFVS
QDMADFAILPSCCRWKIRKEFPKTQGQYSGFKYPY
;
_entity_poly.pdbx_strand_id   A,C,B
#
loop_
_chem_comp.id
_chem_comp.type
_chem_comp.name
_chem_comp.formula
GDP RNA linking GUANOSINE-5'-DIPHOSPHATE 'C10 H15 N5 O11 P2'
KFM non-polymer '4,4',4''-[methanetriyltris(4,1-phenyleneazanediyl)]tri(benzene-1-sulfonic acid)' 'C37 H31 N3 O9 S3'
NAG D-saccharide, beta linking 2-acetamido-2-deoxy-beta-D-glucopyranose 'C8 H15 N O6'
PLM non-polymer 'PALMITIC ACID' 'C16 H32 O2'
ZN non-polymer 'ZINC ION' 'Zn 2'
#
# COMPACT_ATOMS: atom_id res chain seq x y z
N SER A 6 -10.35 2.51 37.68
CA SER A 6 -9.76 3.52 36.77
C SER A 6 -10.69 3.80 35.59
N TRP A 7 -11.98 3.99 35.89
CA TRP A 7 -12.92 4.36 34.84
C TRP A 7 -12.57 5.71 34.24
N ASN A 8 -12.18 6.67 35.08
CA ASN A 8 -11.81 7.99 34.56
C ASN A 8 -10.58 7.91 33.67
N ASP A 9 -9.74 6.89 33.83
CA ASP A 9 -8.59 6.73 32.95
C ASP A 9 -9.04 6.36 31.54
N VAL A 10 -10.12 5.59 31.43
CA VAL A 10 -10.62 5.21 30.12
C VAL A 10 -11.25 6.40 29.41
N PHE A 11 -11.96 7.24 30.16
CA PHE A 11 -12.73 8.33 29.58
C PHE A 11 -11.92 9.57 29.28
N GLN A 12 -10.60 9.50 29.38
CA GLN A 12 -9.77 10.63 28.98
C GLN A 12 -9.71 10.74 27.46
N TYR A 13 -9.71 11.98 26.98
CA TYR A 13 -9.44 12.27 25.58
C TYR A 13 -8.33 13.30 25.49
N GLU A 14 -7.31 13.00 24.69
CA GLU A 14 -6.20 13.90 24.43
C GLU A 14 -6.44 14.68 23.16
N THR A 15 -6.26 16.00 23.24
CA THR A 15 -6.26 16.85 22.07
C THR A 15 -5.04 17.74 22.14
N ASN A 16 -4.37 17.92 21.00
CA ASN A 16 -3.17 18.72 20.95
C ASN A 16 -3.48 20.19 21.09
N LYS A 17 -2.62 20.90 21.81
CA LYS A 17 -2.71 22.36 21.87
C LYS A 17 -2.15 22.95 20.58
N VAL A 18 -2.87 23.90 20.00
CA VAL A 18 -2.54 24.43 18.70
C VAL A 18 -2.44 25.95 18.81
N THR A 19 -2.05 26.57 17.68
CA THR A 19 -1.86 28.02 17.59
C THR A 19 -2.35 28.42 16.21
N ARG A 20 -3.54 29.01 16.14
CA ARG A 20 -3.97 29.58 14.87
C ARG A 20 -3.02 30.71 14.52
N ILE A 21 -2.73 30.86 13.24
CA ILE A 21 -2.00 32.01 12.73
C ILE A 21 -2.82 32.59 11.59
N GLN A 22 -3.24 33.85 11.74
CA GLN A 22 -3.92 34.54 10.66
C GLN A 22 -2.86 35.13 9.72
N SER A 23 -2.35 34.26 8.86
CA SER A 23 -1.35 34.62 7.87
C SER A 23 -1.90 34.29 6.49
N VAL A 24 -1.89 35.28 5.60
CA VAL A 24 -2.28 35.04 4.22
C VAL A 24 -1.30 34.08 3.57
N ASN A 25 -0.01 34.29 3.78
CA ASN A 25 1.00 33.46 3.14
C ASN A 25 0.89 32.01 3.57
N TYR A 26 0.77 31.77 4.88
CA TYR A 26 0.79 30.41 5.38
C TYR A 26 -0.50 29.67 5.03
N GLY A 27 -1.63 30.35 5.13
CA GLY A 27 -2.88 29.73 4.71
C GLY A 27 -2.91 29.41 3.23
N THR A 28 -2.42 30.34 2.40
CA THR A 28 -2.35 30.10 0.97
C THR A 28 -1.43 28.92 0.66
N ILE A 29 -0.26 28.87 1.30
CA ILE A 29 0.66 27.76 1.08
C ILE A 29 0.01 26.45 1.50
N LYS A 30 -0.65 26.45 2.66
CA LYS A 30 -1.31 25.24 3.14
C LYS A 30 -2.32 24.74 2.14
N TRP A 31 -3.18 25.63 1.64
CA TRP A 31 -4.23 25.19 0.74
C TRP A 31 -3.67 24.79 -0.62
N ILE A 32 -2.63 25.48 -1.08
CA ILE A 32 -2.01 25.09 -2.34
C ILE A 32 -1.42 23.68 -2.23
N LEU A 33 -0.72 23.40 -1.13
CA LEU A 33 -0.11 22.09 -0.97
C LEU A 33 -1.17 21.01 -0.80
N HIS A 34 -2.25 21.31 -0.08
CA HIS A 34 -3.34 20.36 0.05
C HIS A 34 -3.98 20.05 -1.29
N MET A 35 -4.24 21.09 -2.10
CA MET A 35 -4.82 20.87 -3.42
C MET A 35 -3.88 20.08 -4.30
N THR A 36 -2.59 20.37 -4.23
CA THR A 36 -1.62 19.61 -5.02
C THR A 36 -1.62 18.13 -4.66
N VAL A 37 -1.58 17.83 -3.35
CA VAL A 37 -1.55 16.43 -2.92
C VAL A 37 -2.85 15.74 -3.31
N PHE A 38 -3.99 16.39 -3.08
CA PHE A 38 -5.27 15.81 -3.44
C PHE A 38 -5.36 15.54 -4.93
N SER A 39 -4.92 16.51 -5.75
CA SER A 39 -4.97 16.34 -7.18
C SER A 39 -4.12 15.17 -7.63
N TYR A 40 -2.90 15.05 -7.09
CA TYR A 40 -2.05 13.96 -7.52
C TYR A 40 -2.60 12.61 -7.08
N VAL A 41 -3.08 12.50 -5.84
CA VAL A 41 -3.57 11.21 -5.38
C VAL A 41 -4.81 10.81 -6.15
N SER A 42 -5.71 11.77 -6.42
CA SER A 42 -6.88 11.48 -7.22
C SER A 42 -6.50 11.06 -8.64
N PHE A 43 -5.56 11.77 -9.26
CA PHE A 43 -5.14 11.44 -10.60
C PHE A 43 -4.53 10.04 -10.66
N ALA A 44 -3.67 9.71 -9.70
CA ALA A 44 -3.08 8.39 -9.66
C ALA A 44 -4.15 7.31 -9.49
N LEU A 45 -5.10 7.55 -8.59
CA LEU A 45 -6.17 6.58 -8.37
C LEU A 45 -6.96 6.34 -9.64
N MET A 46 -7.32 7.41 -10.34
CA MET A 46 -8.15 7.26 -11.53
C MET A 46 -7.37 6.66 -12.69
N SER A 47 -6.15 7.15 -12.92
CA SER A 47 -5.36 6.67 -14.05
C SER A 47 -4.96 5.21 -13.88
N ASP A 48 -4.40 4.85 -12.72
CA ASP A 48 -3.96 3.49 -12.48
C ASP A 48 -5.08 2.57 -12.01
N LYS A 49 -6.27 3.11 -11.80
CA LYS A 49 -7.41 2.32 -11.35
C LYS A 49 -7.08 1.54 -10.09
N LEU A 50 -6.50 2.25 -9.13
CA LEU A 50 -6.05 1.63 -7.89
C LEU A 50 -7.20 1.29 -6.96
N TYR A 51 -8.42 1.69 -7.29
CA TYR A 51 -9.62 1.25 -6.60
C TYR A 51 -10.13 -0.11 -7.08
N GLN A 52 -9.57 -0.60 -8.19
CA GLN A 52 -10.03 -1.87 -8.81
C GLN A 52 -9.13 -3.04 -8.41
N ARG A 53 -9.70 -4.17 -8.00
CA ARG A 53 -8.93 -5.42 -7.77
C ARG A 53 -8.82 -6.06 -9.15
N LYS A 54 -7.62 -6.17 -9.73
CA LYS A 54 -7.46 -6.66 -11.13
C LYS A 54 -7.16 -8.16 -11.12
N GLU A 55 -7.64 -8.90 -12.12
CA GLU A 55 -7.46 -10.33 -12.23
C GLU A 55 -6.99 -10.68 -13.64
N PRO A 56 -6.07 -11.64 -13.77
CA PRO A 56 -5.71 -12.12 -15.11
C PRO A 56 -6.76 -13.05 -15.68
N LEU A 57 -6.76 -13.14 -17.01
CA LEU A 57 -7.75 -13.93 -17.73
C LEU A 57 -7.26 -15.34 -18.01
N ILE A 58 -8.22 -16.21 -18.30
CA ILE A 58 -7.96 -17.54 -18.85
C ILE A 58 -8.62 -17.58 -20.22
N SER A 59 -7.91 -18.11 -21.21
CA SER A 59 -8.28 -17.96 -22.60
C SER A 59 -8.41 -19.30 -23.31
N SER A 60 -9.29 -19.31 -24.32
CA SER A 60 -9.43 -20.40 -25.27
C SER A 60 -9.45 -19.80 -26.66
N VAL A 61 -8.67 -20.39 -27.57
CA VAL A 61 -8.57 -19.90 -28.94
C VAL A 61 -8.96 -21.03 -29.89
N HIS A 62 -9.79 -20.68 -30.90
CA HIS A 62 -10.25 -21.64 -31.94
C HIS A 62 -10.08 -20.94 -33.30
N THR A 63 -9.18 -21.42 -34.16
CA THR A 63 -8.82 -20.80 -35.43
C THR A 63 -9.36 -21.60 -36.60
N LYS A 64 -9.62 -20.91 -37.70
CA LYS A 64 -10.06 -21.52 -38.95
C LYS A 64 -9.35 -20.83 -40.10
N VAL A 65 -8.35 -21.50 -40.68
CA VAL A 65 -7.57 -20.95 -41.82
C VAL A 65 -8.31 -21.37 -43.11
N LYS A 66 -8.48 -20.45 -44.04
CA LYS A 66 -9.20 -20.71 -45.32
C LYS A 66 -8.32 -20.27 -46.48
N GLY A 67 -7.81 -21.22 -47.28
CA GLY A 67 -7.00 -20.88 -48.45
C GLY A 67 -6.70 -22.06 -49.36
N VAL A 68 -6.79 -21.88 -50.68
CA VAL A 68 -6.41 -22.88 -51.67
C VAL A 68 -5.32 -22.29 -52.55
N ALA A 69 -4.20 -23.00 -52.66
CA ALA A 69 -3.07 -22.58 -53.46
C ALA A 69 -2.90 -23.56 -54.62
N GLU A 70 -2.86 -23.02 -55.83
CA GLU A 70 -2.68 -23.83 -57.03
C GLU A 70 -1.19 -23.89 -57.36
N VAL A 71 -0.64 -25.10 -57.40
CA VAL A 71 0.77 -25.32 -57.64
C VAL A 71 0.94 -26.13 -58.90
N THR A 72 1.87 -25.70 -59.76
CA THR A 72 2.20 -26.39 -61.01
C THR A 72 3.56 -27.03 -60.82
N GLU A 73 3.56 -28.30 -60.41
CA GLU A 73 4.79 -29.01 -60.11
C GLU A 73 5.24 -29.81 -61.32
N ASN A 74 6.50 -29.65 -61.70
CA ASN A 74 7.06 -30.33 -62.85
C ASN A 74 8.56 -30.59 -62.68
N LEU A 83 4.32 -32.19 -66.08
CA LEU A 83 3.68 -31.11 -65.32
C LEU A 83 2.33 -31.56 -64.79
N VAL A 84 2.12 -31.38 -63.48
CA VAL A 84 0.87 -31.70 -62.83
C VAL A 84 0.38 -30.46 -62.09
N HIS A 85 -0.86 -30.08 -62.32
CA HIS A 85 -1.49 -28.96 -61.63
C HIS A 85 -2.20 -29.51 -60.39
N GLY A 86 -1.72 -29.10 -59.22
CA GLY A 86 -2.30 -29.55 -57.97
C GLY A 86 -2.86 -28.41 -57.15
N ILE A 87 -3.74 -28.73 -56.22
CA ILE A 87 -4.35 -27.76 -55.32
C ILE A 87 -3.91 -28.10 -53.89
N PHE A 88 -3.51 -27.08 -53.12
CA PHE A 88 -3.07 -27.22 -51.70
C PHE A 88 -4.10 -26.54 -50.80
N ASP A 89 -5.03 -27.29 -50.23
CA ASP A 89 -6.12 -26.76 -49.43
C ASP A 89 -5.68 -26.71 -47.97
N THR A 90 -5.73 -25.52 -47.37
CA THR A 90 -5.38 -25.34 -45.98
C THR A 90 -6.56 -25.72 -45.09
N ALA A 91 -7.11 -26.90 -45.32
CA ALA A 91 -8.20 -27.41 -44.50
C ALA A 91 -7.90 -28.82 -44.03
N ASP A 92 -7.26 -29.61 -44.88
CA ASP A 92 -6.92 -30.99 -44.58
C ASP A 92 -5.45 -31.30 -44.76
N TYR A 93 -4.78 -30.64 -45.71
CA TYR A 93 -3.39 -30.93 -45.98
C TYR A 93 -2.49 -30.45 -44.84
N THR A 94 -2.84 -29.34 -44.20
CA THR A 94 -1.92 -28.63 -43.32
C THR A 94 -2.48 -28.29 -41.94
N LEU A 95 -3.79 -28.41 -41.70
CA LEU A 95 -4.41 -27.91 -40.48
C LEU A 95 -5.23 -28.97 -39.76
N PRO A 96 -4.58 -29.82 -38.95
CA PRO A 96 -5.33 -30.62 -37.97
C PRO A 96 -5.40 -29.97 -36.60
N LEU A 97 -4.61 -28.93 -36.36
CA LEU A 97 -4.57 -28.22 -35.09
C LEU A 97 -5.09 -26.81 -35.30
N GLN A 98 -6.13 -26.45 -34.51
CA GLN A 98 -6.82 -25.13 -34.62
C GLN A 98 -7.07 -24.57 -33.22
N GLY A 99 -6.12 -23.83 -32.64
CA GLY A 99 -6.15 -23.40 -31.25
C GLY A 99 -5.13 -22.30 -31.03
N ASN A 100 -4.36 -22.40 -29.94
CA ASN A 100 -3.39 -21.35 -29.64
C ASN A 100 -2.42 -21.12 -30.79
N SER A 101 -1.95 -22.18 -31.42
CA SER A 101 -0.94 -22.09 -32.46
C SER A 101 -1.40 -22.85 -33.69
N PHE A 102 -1.03 -22.35 -34.86
CA PHE A 102 -1.34 -23.02 -36.10
C PHE A 102 -0.23 -22.77 -37.12
N PHE A 103 -0.13 -23.69 -38.07
CA PHE A 103 0.95 -23.72 -39.06
C PHE A 103 0.36 -23.58 -40.46
N VAL A 104 0.92 -22.67 -41.25
CA VAL A 104 0.57 -22.50 -42.64
C VAL A 104 1.81 -22.82 -43.46
N MET A 105 1.73 -23.86 -44.27
CA MET A 105 2.86 -24.27 -45.10
C MET A 105 3.06 -23.30 -46.24
N THR A 106 4.30 -22.89 -46.43
CA THR A 106 4.68 -21.94 -47.47
C THR A 106 5.70 -22.48 -48.44
N ASN A 107 6.17 -23.71 -48.26
CA ASN A 107 7.20 -24.30 -49.10
C ASN A 107 7.36 -25.75 -48.68
N TYR A 108 7.92 -26.54 -49.58
CA TYR A 108 8.11 -27.95 -49.30
C TYR A 108 9.19 -28.52 -50.21
N LEU A 109 9.83 -29.58 -49.72
CA LEU A 109 10.77 -30.38 -50.49
C LEU A 109 10.32 -31.84 -50.40
N LYS A 110 9.79 -32.36 -51.49
CA LYS A 110 9.22 -33.70 -51.52
C LYS A 110 10.15 -34.64 -52.27
N SER A 111 10.44 -35.78 -51.65
CA SER A 111 11.21 -36.85 -52.27
C SER A 111 10.32 -38.07 -52.41
N GLU A 112 9.77 -38.26 -53.61
CA GLU A 112 8.79 -39.36 -53.84
C GLU A 112 9.51 -40.67 -54.14
N GLY A 113 8.97 -41.78 -53.66
CA GLY A 113 9.48 -43.12 -53.93
C GLY A 113 10.94 -43.29 -53.62
N GLN A 114 11.29 -43.23 -52.34
CA GLN A 114 12.66 -43.45 -51.90
C GLN A 114 12.84 -44.92 -51.54
N GLU A 115 13.98 -45.47 -51.92
CA GLU A 115 14.34 -46.86 -51.63
C GLU A 115 15.67 -46.89 -50.89
N GLN A 116 15.74 -47.71 -49.86
CA GLN A 116 16.96 -47.86 -49.07
C GLN A 116 17.99 -48.60 -49.91
N LYS A 117 18.95 -47.86 -50.46
CA LYS A 117 19.97 -48.44 -51.31
C LYS A 117 21.17 -47.51 -51.30
N LEU A 118 22.11 -47.75 -52.22
CA LEU A 118 23.36 -47.01 -52.29
C LEU A 118 23.26 -45.90 -53.32
N CYS A 119 23.74 -44.72 -52.96
CA CYS A 119 23.66 -43.55 -53.82
C CYS A 119 24.61 -42.48 -53.27
N PRO A 120 24.93 -41.47 -54.07
CA PRO A 120 25.74 -40.35 -53.57
C PRO A 120 24.97 -39.48 -52.61
N GLU A 121 25.70 -38.77 -51.76
CA GLU A 121 25.12 -37.82 -50.83
C GLU A 121 25.03 -36.45 -51.47
N TYR A 122 24.03 -35.68 -51.06
CA TYR A 122 23.82 -34.36 -51.61
C TYR A 122 24.98 -33.45 -51.22
N PRO A 123 25.50 -32.63 -52.14
CA PRO A 123 26.60 -31.71 -51.79
C PRO A 123 26.11 -30.45 -51.09
N SER A 124 25.92 -30.57 -49.77
CA SER A 124 25.42 -29.48 -48.94
C SER A 124 26.54 -28.97 -48.04
N ARG A 125 26.68 -27.65 -47.99
CA ARG A 125 27.68 -27.01 -47.12
C ARG A 125 29.07 -27.58 -47.39
N GLY A 126 29.38 -27.80 -48.66
CA GLY A 126 30.68 -28.32 -49.04
C GLY A 126 30.85 -29.80 -48.83
N LYS A 127 29.77 -30.56 -48.70
CA LYS A 127 29.88 -32.00 -48.49
C LYS A 127 30.32 -32.67 -49.79
N GLN A 128 31.63 -32.90 -49.90
CA GLN A 128 32.21 -33.50 -51.10
C GLN A 128 33.49 -34.22 -50.69
N CYS A 129 34.16 -34.82 -51.66
CA CYS A 129 35.43 -35.50 -51.43
C CYS A 129 36.45 -35.00 -52.43
N HIS A 130 37.70 -34.88 -51.96
CA HIS A 130 38.83 -34.67 -52.85
C HIS A 130 39.47 -35.98 -53.29
N SER A 131 39.16 -37.08 -52.62
CA SER A 131 39.70 -38.39 -52.96
C SER A 131 38.78 -39.46 -52.39
N ASP A 132 38.89 -40.67 -52.95
CA ASP A 132 38.04 -41.76 -52.49
C ASP A 132 38.31 -42.09 -51.02
N GLN A 133 39.58 -42.08 -50.62
CA GLN A 133 39.93 -42.41 -49.24
C GLN A 133 39.42 -41.39 -48.23
N GLY A 134 38.97 -40.22 -48.68
CA GLY A 134 38.44 -39.24 -47.75
C GLY A 134 37.23 -39.75 -46.99
N CYS A 135 36.30 -40.40 -47.70
CA CYS A 135 35.10 -40.92 -47.07
C CYS A 135 35.45 -42.04 -46.08
N ILE A 136 34.69 -42.10 -44.99
CA ILE A 136 34.94 -43.06 -43.92
C ILE A 136 33.94 -44.20 -44.07
N LYS A 137 34.45 -45.43 -44.13
CA LYS A 137 33.59 -46.60 -44.24
C LYS A 137 32.97 -46.94 -42.90
N GLY A 138 31.70 -47.33 -42.92
CA GLY A 138 31.00 -47.78 -41.74
C GLY A 138 30.52 -46.67 -40.83
N TRP A 139 30.73 -45.41 -41.19
CA TRP A 139 30.33 -44.27 -40.37
C TRP A 139 29.25 -43.50 -41.10
N MET A 140 28.19 -43.16 -40.37
CA MET A 140 27.05 -42.46 -40.94
C MET A 140 27.09 -40.99 -40.52
N ASP A 141 27.05 -40.11 -41.50
CA ASP A 141 27.09 -38.68 -41.21
C ASP A 141 25.84 -38.27 -40.44
N PRO A 142 25.96 -37.48 -39.37
CA PRO A 142 24.76 -37.09 -38.61
C PRO A 142 23.88 -36.11 -39.35
N GLN A 143 24.41 -35.42 -40.37
CA GLN A 143 23.60 -34.51 -41.15
C GLN A 143 22.89 -35.26 -42.28
N SER A 144 23.67 -35.90 -43.16
CA SER A 144 23.08 -36.67 -44.24
C SER A 144 22.34 -37.90 -43.75
N LYS A 145 22.65 -38.37 -42.54
CA LYS A 145 21.98 -39.55 -41.96
C LYS A 145 22.12 -40.76 -42.89
N GLY A 146 23.27 -40.88 -43.53
CA GLY A 146 23.53 -41.99 -44.44
C GLY A 146 24.84 -42.67 -44.11
N ILE A 147 24.80 -44.00 -44.14
CA ILE A 147 25.98 -44.80 -43.79
C ILE A 147 26.94 -44.80 -44.97
N GLN A 148 28.17 -44.34 -44.73
CA GLN A 148 29.18 -44.28 -45.76
C GLN A 148 29.85 -45.63 -45.95
N THR A 149 30.09 -45.99 -47.22
CA THR A 149 30.76 -47.24 -47.56
C THR A 149 32.25 -47.06 -47.78
N GLY A 150 32.78 -45.85 -47.56
CA GLY A 150 34.19 -45.58 -47.76
C GLY A 150 34.57 -45.16 -49.16
N ARG A 151 33.63 -45.18 -50.11
CA ARG A 151 33.87 -44.79 -51.48
C ARG A 151 33.21 -43.45 -51.77
N CYS A 152 33.65 -42.81 -52.85
CA CYS A 152 33.10 -41.52 -53.27
C CYS A 152 32.49 -41.70 -54.66
N ILE A 153 31.20 -41.39 -54.78
CA ILE A 153 30.48 -41.49 -56.04
C ILE A 153 30.64 -40.19 -56.81
N PRO A 154 30.62 -40.21 -58.14
CA PRO A 154 30.53 -38.95 -58.92
C PRO A 154 29.10 -38.42 -58.96
N TYR A 155 28.69 -37.77 -57.88
CA TYR A 155 27.34 -37.23 -57.79
C TYR A 155 27.04 -36.33 -58.98
N ASP A 156 27.94 -35.38 -59.26
CA ASP A 156 27.79 -34.47 -60.39
C ASP A 156 29.13 -34.38 -61.11
N GLN A 157 29.11 -33.70 -62.25
CA GLN A 157 30.34 -33.56 -63.05
C GLN A 157 31.43 -32.88 -62.24
N LYS A 158 31.07 -31.83 -61.50
CA LYS A 158 32.03 -31.10 -60.68
C LYS A 158 31.65 -31.08 -59.20
N ARG A 159 30.72 -31.93 -58.78
CA ARG A 159 30.23 -31.96 -57.40
C ARG A 159 30.14 -33.39 -56.90
N LYS A 160 31.18 -34.18 -57.13
CA LYS A 160 31.22 -35.54 -56.62
C LYS A 160 31.17 -35.52 -55.09
N THR A 161 30.41 -36.47 -54.53
CA THR A 161 30.21 -36.56 -53.09
C THR A 161 30.45 -38.00 -52.63
N CYS A 162 30.49 -38.17 -51.32
CA CYS A 162 30.82 -39.47 -50.73
C CYS A 162 29.70 -40.47 -50.95
N GLU A 163 30.08 -41.71 -51.22
CA GLU A 163 29.13 -42.80 -51.35
C GLU A 163 28.47 -43.10 -50.01
N ILE A 164 27.17 -43.35 -50.04
CA ILE A 164 26.43 -43.64 -48.82
C ILE A 164 25.30 -44.62 -49.14
N PHE A 165 24.99 -45.48 -48.18
CA PHE A 165 23.82 -46.35 -48.25
C PHE A 165 22.74 -45.74 -47.36
N ALA A 166 21.67 -45.25 -47.99
CA ALA A 166 20.59 -44.62 -47.27
C ALA A 166 19.38 -44.58 -48.20
N TRP A 167 18.32 -43.91 -47.75
CA TRP A 167 17.18 -43.66 -48.62
C TRP A 167 17.64 -42.85 -49.83
N CYS A 168 17.26 -43.30 -51.02
CA CYS A 168 17.72 -42.69 -52.25
C CYS A 168 16.56 -42.52 -53.22
N PRO A 169 16.60 -41.49 -54.09
CA PRO A 169 17.65 -40.46 -54.21
C PRO A 169 17.70 -39.49 -53.03
N ALA A 170 18.85 -39.47 -52.35
CA ALA A 170 18.99 -38.68 -51.15
C ALA A 170 18.95 -37.19 -51.47
N GLU A 171 18.18 -36.44 -50.68
CA GLU A 171 18.06 -34.99 -50.84
C GLU A 171 18.35 -34.25 -49.55
N GLU A 172 18.86 -34.93 -48.52
CA GLU A 172 19.17 -34.27 -47.27
C GLU A 172 20.17 -33.13 -47.50
N GLY A 173 19.93 -32.01 -46.84
CA GLY A 173 20.74 -30.83 -47.02
C GLY A 173 20.35 -29.97 -48.19
N LYS A 174 19.37 -30.38 -48.99
CA LYS A 174 18.92 -29.59 -50.12
C LYS A 174 18.27 -28.30 -49.64
N GLU A 175 18.62 -27.20 -50.30
CA GLU A 175 18.11 -25.90 -49.91
C GLU A 175 16.64 -25.77 -50.27
N ALA A 176 15.93 -24.94 -49.50
CA ALA A 176 14.52 -24.71 -49.76
C ALA A 176 14.35 -24.00 -51.10
N PRO A 177 13.37 -24.41 -51.91
CA PRO A 177 13.21 -23.79 -53.22
C PRO A 177 12.94 -22.30 -53.13
N ARG A 178 13.52 -21.56 -54.07
CA ARG A 178 13.38 -20.12 -54.17
C ARG A 178 12.98 -19.78 -55.60
N PRO A 179 11.85 -19.09 -55.81
CA PRO A 179 10.89 -18.56 -54.84
C PRO A 179 10.01 -19.64 -54.20
N ALA A 180 9.45 -19.32 -53.05
CA ALA A 180 8.62 -20.27 -52.33
C ALA A 180 7.46 -20.75 -53.20
N LEU A 181 7.21 -22.06 -53.14
CA LEU A 181 6.15 -22.63 -53.96
C LEU A 181 4.79 -22.08 -53.57
N LEU A 182 4.50 -22.03 -52.27
CA LEU A 182 3.22 -21.53 -51.78
C LEU A 182 3.34 -20.08 -51.31
N ARG A 183 3.62 -19.20 -52.27
CA ARG A 183 3.59 -17.77 -51.96
C ARG A 183 2.16 -17.27 -51.81
N SER A 184 1.23 -17.95 -52.48
CA SER A 184 -0.18 -17.58 -52.44
C SER A 184 -0.77 -17.71 -51.05
N ALA A 185 0.01 -18.23 -50.10
CA ALA A 185 -0.44 -18.33 -48.73
C ALA A 185 -0.60 -16.96 -48.08
N GLU A 186 0.00 -15.92 -48.65
CA GLU A 186 -0.19 -14.58 -48.11
C GLU A 186 -1.61 -14.09 -48.34
N ASN A 187 -2.33 -14.71 -49.26
CA ASN A 187 -3.72 -14.39 -49.53
C ASN A 187 -4.69 -15.19 -48.68
N PHE A 188 -4.19 -16.12 -47.87
CA PHE A 188 -5.05 -16.89 -47.00
C PHE A 188 -5.55 -16.03 -45.85
N THR A 189 -6.65 -16.46 -45.25
CA THR A 189 -7.27 -15.77 -44.15
C THR A 189 -7.44 -16.73 -42.98
N VAL A 190 -7.32 -16.18 -41.77
CA VAL A 190 -7.55 -16.94 -40.55
C VAL A 190 -8.59 -16.22 -39.71
N LEU A 191 -9.60 -16.96 -39.29
CA LEU A 191 -10.61 -16.48 -38.36
C LEU A 191 -10.25 -16.97 -36.96
N ILE A 192 -10.10 -16.03 -36.03
CA ILE A 192 -9.74 -16.34 -34.66
C ILE A 192 -10.94 -16.08 -33.77
N LYS A 193 -11.38 -17.12 -33.08
CA LYS A 193 -12.40 -17.02 -32.05
C LYS A 193 -11.73 -17.15 -30.70
N ASN A 194 -11.86 -16.13 -29.87
CA ASN A 194 -11.18 -16.06 -28.58
C ASN A 194 -12.21 -15.88 -27.48
N ASN A 195 -12.23 -16.83 -26.55
CA ASN A 195 -13.08 -16.80 -25.37
C ASN A 195 -12.22 -16.58 -24.14
N ILE A 196 -12.54 -15.56 -23.35
CA ILE A 196 -11.81 -15.26 -22.13
C ILE A 196 -12.77 -15.31 -20.95
N ASP A 197 -12.18 -15.39 -19.77
CA ASP A 197 -12.93 -15.40 -18.52
C ASP A 197 -12.05 -14.80 -17.44
N PHE A 198 -12.67 -14.07 -16.53
CA PHE A 198 -12.03 -13.64 -15.30
C PHE A 198 -12.71 -14.38 -14.15
N PRO A 199 -12.15 -15.52 -13.71
CA PRO A 199 -12.89 -16.38 -12.80
C PRO A 199 -13.28 -15.73 -11.48
N GLY A 200 -12.39 -14.87 -10.94
CA GLY A 200 -12.72 -14.17 -9.72
C GLY A 200 -13.87 -13.20 -9.88
N HIS A 201 -13.85 -12.42 -10.96
CA HIS A 201 -14.92 -11.48 -11.25
C HIS A 201 -16.14 -12.15 -11.85
N ASN A 202 -16.06 -13.43 -12.20
CA ASN A 202 -17.19 -14.16 -12.75
C ASN A 202 -17.71 -13.47 -14.02
N TYR A 203 -16.78 -13.15 -14.91
CA TYR A 203 -17.07 -12.48 -16.16
C TYR A 203 -16.44 -13.23 -17.32
N THR A 204 -17.23 -13.46 -18.36
CA THR A 204 -16.75 -14.08 -19.58
C THR A 204 -17.30 -13.31 -20.77
N THR A 205 -16.47 -13.19 -21.80
CA THR A 205 -16.85 -12.54 -23.04
C THR A 205 -16.07 -13.19 -24.18
N ARG A 206 -16.36 -12.76 -25.39
CA ARG A 206 -15.72 -13.29 -26.58
C ARG A 206 -15.48 -12.16 -27.57
N ASN A 207 -14.58 -12.43 -28.51
CA ASN A 207 -14.13 -11.43 -29.46
C ASN A 207 -15.08 -11.25 -30.64
N ILE A 208 -16.08 -12.11 -30.78
CA ILE A 208 -17.09 -11.99 -31.81
C ILE A 208 -18.44 -11.90 -31.12
N LEU A 209 -19.21 -10.88 -31.45
CA LEU A 209 -20.47 -10.59 -30.81
C LEU A 209 -21.54 -10.45 -31.87
N PRO A 210 -22.82 -10.61 -31.50
CA PRO A 210 -23.89 -10.47 -32.49
C PRO A 210 -23.86 -9.11 -33.16
N GLY A 211 -24.13 -9.10 -34.46
CA GLY A 211 -24.12 -7.87 -35.22
C GLY A 211 -22.78 -7.46 -35.75
N MET A 212 -21.87 -8.41 -35.97
CA MET A 212 -20.55 -8.13 -36.51
C MET A 212 -20.49 -8.50 -37.99
N ASN A 213 -19.78 -7.68 -38.75
CA ASN A 213 -19.61 -7.93 -40.17
C ASN A 213 -18.80 -9.21 -40.39
N ILE A 214 -19.22 -10.00 -41.37
CA ILE A 214 -18.53 -11.23 -41.72
C ILE A 214 -17.59 -11.02 -42.90
N SER A 215 -18.01 -10.22 -43.89
CA SER A 215 -17.17 -9.96 -45.04
C SER A 215 -15.97 -9.08 -44.70
N CYS A 216 -15.92 -8.54 -43.50
CA CYS A 216 -14.81 -7.70 -43.09
C CYS A 216 -13.51 -8.50 -42.99
N THR A 217 -12.41 -7.78 -43.13
CA THR A 217 -11.08 -8.28 -42.84
C THR A 217 -10.37 -7.24 -42.00
N PHE A 218 -9.52 -7.71 -41.07
CA PHE A 218 -8.94 -6.82 -40.08
C PHE A 218 -8.15 -5.70 -40.74
N HIS A 219 -8.39 -4.48 -40.27
CA HIS A 219 -7.53 -3.35 -40.52
C HIS A 219 -7.40 -2.58 -39.22
N LYS A 220 -6.22 -2.06 -38.95
CA LYS A 220 -5.94 -1.43 -37.67
C LYS A 220 -6.77 -0.18 -37.45
N THR A 221 -7.18 0.50 -38.53
CA THR A 221 -8.08 1.64 -38.45
C THR A 221 -9.49 1.33 -38.92
N TRP A 222 -9.64 0.83 -40.15
CA TRP A 222 -10.99 0.65 -40.77
C TRP A 222 -11.78 -0.46 -40.05
N ASN A 223 -11.18 -1.60 -39.79
CA ASN A 223 -11.84 -2.75 -39.16
C ASN A 223 -10.95 -3.29 -38.04
N PRO A 224 -10.80 -2.53 -36.94
CA PRO A 224 -9.89 -2.94 -35.88
C PRO A 224 -10.42 -4.07 -35.02
N GLN A 225 -11.66 -4.51 -35.23
CA GLN A 225 -12.28 -5.55 -34.43
C GLN A 225 -12.68 -6.77 -35.23
N CYS A 226 -12.41 -6.80 -36.52
CA CYS A 226 -12.71 -7.98 -37.32
C CYS A 226 -11.69 -9.05 -37.00
N PRO A 227 -12.10 -10.24 -36.56
CA PRO A 227 -11.11 -11.26 -36.20
C PRO A 227 -10.70 -12.14 -37.37
N ILE A 228 -10.93 -11.66 -38.59
CA ILE A 228 -10.48 -12.33 -39.80
C ILE A 228 -9.26 -11.59 -40.30
N PHE A 229 -8.15 -12.31 -40.45
CA PHE A 229 -6.86 -11.72 -40.76
C PHE A 229 -6.31 -12.32 -42.04
N ARG A 230 -5.87 -11.46 -42.94
CA ARG A 230 -5.08 -11.88 -44.10
C ARG A 230 -3.62 -11.93 -43.68
N LEU A 231 -2.96 -13.05 -43.99
CA LEU A 231 -1.61 -13.28 -43.50
C LEU A 231 -0.63 -12.28 -44.07
N GLY A 232 -0.74 -11.98 -45.37
CA GLY A 232 0.08 -10.95 -45.96
C GLY A 232 -0.10 -9.61 -45.29
N ASP A 233 -1.33 -9.28 -44.90
CA ASP A 233 -1.57 -8.05 -44.16
C ASP A 233 -0.92 -8.11 -42.79
N ILE A 234 -0.95 -9.27 -42.15
CA ILE A 234 -0.28 -9.43 -40.86
C ILE A 234 1.20 -9.08 -41.00
N PHE A 235 1.81 -9.54 -42.09
CA PHE A 235 3.24 -9.28 -42.28
C PHE A 235 3.50 -7.84 -42.69
N GLN A 236 2.65 -7.28 -43.54
CA GLN A 236 2.83 -5.89 -43.98
C GLN A 236 2.69 -4.91 -42.83
N GLU A 237 1.77 -5.18 -41.90
CA GLU A 237 1.55 -4.26 -40.80
C GLU A 237 2.79 -4.03 -39.95
N ILE A 238 3.75 -4.95 -39.97
CA ILE A 238 4.93 -4.85 -39.13
C ILE A 238 6.21 -4.84 -39.95
N GLY A 239 6.10 -4.58 -41.25
CA GLY A 239 7.28 -4.48 -42.08
C GLY A 239 8.04 -5.76 -42.26
N GLU A 240 7.34 -6.86 -42.50
CA GLU A 240 7.95 -8.15 -42.79
C GLU A 240 7.59 -8.56 -44.20
N ASN A 241 8.54 -9.14 -44.91
CA ASN A 241 8.35 -9.58 -46.28
C ASN A 241 7.89 -11.02 -46.27
N PHE A 242 6.63 -11.25 -46.64
CA PHE A 242 6.10 -12.60 -46.64
C PHE A 242 6.79 -13.46 -47.69
N THR A 243 7.13 -12.88 -48.84
CA THR A 243 7.76 -13.65 -49.90
C THR A 243 9.10 -14.24 -49.44
N GLU A 244 9.88 -13.46 -48.71
CA GLU A 244 11.16 -13.95 -48.21
C GLU A 244 10.98 -14.92 -47.05
N VAL A 245 10.09 -14.61 -46.11
CA VAL A 245 9.87 -15.47 -44.97
C VAL A 245 9.33 -16.82 -45.40
N ALA A 246 8.59 -16.86 -46.51
CA ALA A 246 7.99 -18.08 -46.99
C ALA A 246 9.03 -19.12 -47.39
N VAL A 247 10.24 -18.69 -47.75
CA VAL A 247 11.24 -19.60 -48.29
C VAL A 247 11.72 -20.56 -47.23
N GLN A 248 12.12 -20.04 -46.07
CA GLN A 248 12.62 -20.85 -44.97
C GLN A 248 11.63 -20.97 -43.82
N GLY A 249 10.62 -20.12 -43.78
CA GLY A 249 9.62 -20.17 -42.73
C GLY A 249 9.89 -19.20 -41.61
N GLY A 250 9.05 -19.28 -40.59
CA GLY A 250 9.15 -18.37 -39.48
C GLY A 250 8.11 -18.65 -38.44
N ILE A 251 8.07 -17.78 -37.44
CA ILE A 251 7.08 -17.81 -36.38
C ILE A 251 6.57 -16.39 -36.19
N MET A 252 5.26 -16.23 -36.26
CA MET A 252 4.62 -14.93 -36.09
C MET A 252 3.65 -14.98 -34.94
N GLY A 253 3.60 -13.89 -34.19
CA GLY A 253 2.69 -13.77 -33.07
C GLY A 253 1.52 -12.86 -33.36
N ILE A 254 0.33 -13.36 -33.05
CA ILE A 254 -0.89 -12.56 -33.07
C ILE A 254 -1.25 -12.33 -31.61
N GLU A 255 -0.93 -11.14 -31.12
CA GLU A 255 -1.16 -10.79 -29.73
C GLU A 255 -2.56 -10.23 -29.58
N ILE A 256 -3.31 -10.74 -28.62
CA ILE A 256 -4.65 -10.26 -28.30
C ILE A 256 -4.60 -9.74 -26.88
N TYR A 257 -4.76 -8.43 -26.74
CA TYR A 257 -4.71 -7.77 -25.45
C TYR A 257 -6.11 -7.41 -25.00
N TRP A 258 -6.44 -7.82 -23.79
CA TRP A 258 -7.73 -7.53 -23.18
C TRP A 258 -7.50 -6.61 -21.98
N ASP A 259 -7.66 -5.31 -22.21
CA ASP A 259 -7.71 -4.33 -21.12
C ASP A 259 -9.20 -4.09 -20.86
N CYS A 260 -9.70 -4.76 -19.84
CA CYS A 260 -11.14 -4.88 -19.61
C CYS A 260 -11.51 -4.23 -18.28
N ASN A 261 -12.49 -3.35 -18.32
CA ASN A 261 -13.04 -2.70 -17.14
C ASN A 261 -14.42 -3.26 -16.91
N LEU A 262 -14.61 -3.94 -15.79
CA LEU A 262 -15.83 -4.67 -15.52
C LEU A 262 -16.79 -3.90 -14.64
N ASP A 263 -16.48 -2.64 -14.33
CA ASP A 263 -17.40 -1.78 -13.61
C ASP A 263 -18.53 -1.33 -14.53
N SER A 264 -19.74 -1.31 -13.98
CA SER A 264 -20.92 -1.03 -14.80
C SER A 264 -20.85 0.36 -15.41
N TRP A 265 -20.42 1.35 -14.64
CA TRP A 265 -20.44 2.73 -15.10
C TRP A 265 -19.34 3.04 -16.09
N SER A 266 -18.35 2.17 -16.22
CA SER A 266 -17.23 2.39 -17.14
C SER A 266 -16.88 1.09 -17.85
N HIS A 267 -17.90 0.29 -18.13
CA HIS A 267 -17.66 -1.04 -18.68
C HIS A 267 -17.05 -0.96 -20.07
N ARG A 268 -15.98 -1.71 -20.27
CA ARG A 268 -15.32 -1.79 -21.57
C ARG A 268 -14.47 -3.05 -21.56
N CYS A 269 -14.78 -4.00 -22.44
CA CYS A 269 -14.00 -5.23 -22.56
C CYS A 269 -13.96 -5.56 -24.05
N GLN A 270 -12.92 -5.09 -24.72
CA GLN A 270 -12.69 -5.28 -26.13
C GLN A 270 -11.27 -5.77 -26.36
N PRO A 271 -11.04 -6.55 -27.40
CA PRO A 271 -9.67 -6.97 -27.71
C PRO A 271 -8.95 -6.03 -28.67
N LYS A 272 -7.65 -5.91 -28.43
CA LYS A 272 -6.74 -5.18 -29.29
C LYS A 272 -5.77 -6.17 -29.92
N TYR A 273 -5.69 -6.16 -31.24
CA TYR A 273 -4.87 -7.11 -31.98
C TYR A 273 -3.58 -6.45 -32.42
N SER A 274 -2.47 -7.14 -32.21
CA SER A 274 -1.14 -6.68 -32.59
C SER A 274 -0.33 -7.88 -33.04
N PHE A 275 0.73 -7.59 -33.77
CA PHE A 275 1.53 -8.62 -34.42
C PHE A 275 3.01 -8.40 -34.14
N ARG A 276 3.73 -9.50 -34.04
CA ARG A 276 5.13 -9.50 -33.65
C ARG A 276 5.78 -10.76 -34.17
N ARG A 277 6.87 -10.59 -34.93
CA ARG A 277 7.66 -11.73 -35.34
C ARG A 277 8.40 -12.31 -34.13
N LEU A 278 8.32 -13.63 -33.98
CA LEU A 278 8.83 -14.31 -32.80
C LEU A 278 10.14 -15.03 -33.05
N ASP A 279 10.36 -15.53 -34.26
CA ASP A 279 11.66 -16.06 -34.62
C ASP A 279 12.64 -14.93 -34.89
N ASP A 280 13.92 -15.22 -34.72
CA ASP A 280 14.95 -14.24 -35.00
C ASP A 280 15.24 -14.22 -36.49
N LYS A 281 15.15 -13.04 -37.09
CA LYS A 281 15.44 -12.90 -38.51
C LYS A 281 16.88 -13.26 -38.82
N TYR A 282 17.81 -12.87 -37.94
CA TYR A 282 19.25 -13.05 -38.16
C TYR A 282 19.79 -14.25 -37.39
N THR A 283 19.01 -15.32 -37.30
CA THR A 283 19.48 -16.54 -36.67
C THR A 283 20.67 -17.09 -37.45
N ASN A 284 21.67 -17.57 -36.71
CA ASN A 284 22.84 -18.15 -37.35
C ASN A 284 22.46 -19.42 -38.10
N GLU A 285 23.15 -19.64 -39.23
CA GLU A 285 22.84 -20.79 -40.07
C GLU A 285 22.99 -22.11 -39.34
N SER A 286 23.74 -22.13 -38.24
CA SER A 286 23.95 -23.35 -37.46
C SER A 286 22.90 -23.53 -36.38
N LEU A 287 21.96 -22.58 -36.25
CA LEU A 287 20.90 -22.67 -35.25
C LEU A 287 19.54 -22.92 -35.89
N PHE A 288 19.52 -23.40 -37.13
CA PHE A 288 18.29 -23.83 -37.77
C PHE A 288 17.32 -22.67 -37.93
N PRO A 289 17.66 -21.70 -38.79
CA PRO A 289 16.76 -20.58 -39.04
C PRO A 289 15.44 -21.03 -39.66
N GLY A 290 14.39 -20.27 -39.37
CA GLY A 290 13.10 -20.54 -39.93
C GLY A 290 12.22 -21.41 -39.08
N TYR A 291 11.38 -22.18 -39.77
CA TYR A 291 10.50 -23.15 -39.16
C TYR A 291 10.19 -24.22 -40.19
N ASN A 292 10.45 -25.47 -39.83
CA ASN A 292 10.21 -26.58 -40.72
C ASN A 292 10.05 -27.84 -39.89
N PHE A 293 9.59 -28.89 -40.56
CA PHE A 293 9.52 -30.21 -39.95
C PHE A 293 9.53 -31.24 -41.07
N ARG A 294 10.02 -32.43 -40.75
CA ARG A 294 10.04 -33.55 -41.67
C ARG A 294 9.03 -34.59 -41.22
N TYR A 295 8.25 -35.08 -42.17
CA TYR A 295 7.32 -36.19 -41.92
C TYR A 295 7.38 -37.13 -43.12
N ALA A 296 7.28 -38.42 -42.84
CA ALA A 296 7.43 -39.45 -43.85
C ALA A 296 6.17 -40.30 -43.94
N LYS A 297 5.94 -40.83 -45.14
CA LYS A 297 4.85 -41.76 -45.40
C LYS A 297 5.44 -43.00 -46.05
N TYR A 298 5.45 -44.14 -45.34
CA TYR A 298 6.07 -45.39 -45.83
C TYR A 298 5.05 -46.22 -46.61
N TYR A 299 5.40 -46.69 -47.81
CA TYR A 299 4.51 -47.51 -48.67
C TYR A 299 5.36 -48.50 -49.47
N LYS A 300 4.89 -49.74 -49.63
CA LYS A 300 5.64 -50.79 -50.39
C LYS A 300 5.20 -50.74 -51.86
N GLU A 301 6.13 -50.49 -52.78
CA GLU A 301 5.84 -50.38 -54.23
C GLU A 301 6.65 -51.43 -55.00
N ASN A 302 6.01 -52.22 -55.86
CA ASN A 302 6.68 -53.26 -56.68
C ASN A 302 7.29 -54.32 -55.76
N GLY A 303 6.74 -54.50 -54.56
CA GLY A 303 7.26 -55.48 -53.59
C GLY A 303 8.48 -54.97 -52.87
N MET A 304 8.87 -53.71 -53.10
CA MET A 304 10.06 -53.08 -52.46
C MET A 304 9.59 -51.95 -51.54
N GLU A 305 9.84 -52.07 -50.24
CA GLU A 305 9.43 -51.03 -49.25
C GLU A 305 10.00 -49.68 -49.69
N LYS A 306 9.15 -48.66 -49.82
CA LYS A 306 9.58 -47.29 -50.22
C LYS A 306 9.14 -46.29 -49.15
N ARG A 307 9.60 -45.05 -49.23
CA ARG A 307 9.22 -43.99 -48.26
C ARG A 307 9.15 -42.62 -48.96
N THR A 308 8.05 -41.90 -48.81
CA THR A 308 7.92 -40.54 -49.32
C THR A 308 8.21 -39.57 -48.19
N LEU A 309 9.24 -38.74 -48.37
CA LEU A 309 9.64 -37.77 -47.37
C LEU A 309 9.30 -36.37 -47.85
N ILE A 310 8.73 -35.58 -46.93
CA ILE A 310 8.36 -34.20 -47.20
C ILE A 310 8.94 -33.33 -46.10
N LYS A 311 9.79 -32.38 -46.47
CA LYS A 311 10.25 -31.35 -45.56
C LYS A 311 9.43 -30.10 -45.84
N ALA A 312 8.60 -29.72 -44.88
CA ALA A 312 7.69 -28.60 -45.03
C ALA A 312 8.25 -27.38 -44.32
N PHE A 313 8.31 -26.27 -45.04
CA PHE A 313 8.64 -24.97 -44.48
C PHE A 313 7.38 -24.15 -44.41
N GLY A 314 7.26 -23.37 -43.35
CA GLY A 314 6.09 -22.54 -43.21
C GLY A 314 6.22 -21.58 -42.06
N VAL A 315 5.12 -20.92 -41.77
CA VAL A 315 5.02 -19.95 -40.69
C VAL A 315 4.09 -20.52 -39.64
N ARG A 316 4.61 -20.69 -38.43
CA ARG A 316 3.80 -21.02 -37.28
C ARG A 316 3.30 -19.73 -36.65
N PHE A 317 1.98 -19.60 -36.53
CA PHE A 317 1.37 -18.45 -35.90
C PHE A 317 1.00 -18.81 -34.48
N ASP A 318 1.52 -18.05 -33.53
CA ASP A 318 1.28 -18.27 -32.11
C ASP A 318 0.36 -17.15 -31.63
N ILE A 319 -0.85 -17.50 -31.23
CA ILE A 319 -1.82 -16.54 -30.75
C ILE A 319 -1.60 -16.38 -29.25
N LEU A 320 -1.22 -15.17 -28.85
CA LEU A 320 -0.86 -14.87 -27.48
C LEU A 320 -1.91 -13.95 -26.90
N VAL A 321 -2.68 -14.46 -25.94
CA VAL A 321 -3.78 -13.74 -25.34
C VAL A 321 -3.41 -13.43 -23.90
N PHE A 322 -3.46 -12.15 -23.55
CA PHE A 322 -3.07 -11.67 -22.24
C PHE A 322 -3.94 -10.49 -21.90
N GLY A 323 -4.08 -10.24 -20.61
CA GLY A 323 -4.84 -9.10 -20.15
C GLY A 323 -5.33 -9.29 -18.74
N THR A 324 -5.93 -8.22 -18.22
CA THR A 324 -6.43 -8.17 -16.86
C THR A 324 -7.81 -7.52 -16.87
N GLY A 325 -8.62 -7.89 -15.88
CA GLY A 325 -9.94 -7.34 -15.72
C GLY A 325 -10.11 -6.76 -14.32
N GLY A 326 -10.46 -5.48 -14.27
CA GLY A 326 -10.59 -4.76 -13.03
C GLY A 326 -12.03 -4.55 -12.65
N LYS A 327 -12.30 -4.63 -11.35
CA LYS A 327 -13.61 -4.36 -10.79
C LYS A 327 -13.39 -3.68 -9.44
N PHE A 328 -14.25 -2.72 -9.12
CA PHE A 328 -14.11 -1.97 -7.89
C PHE A 328 -14.02 -2.90 -6.68
N ASP A 329 -13.02 -2.65 -5.83
CA ASP A 329 -12.84 -3.35 -4.57
C ASP A 329 -12.69 -2.32 -3.47
N ILE A 330 -13.50 -2.44 -2.42
CA ILE A 330 -13.47 -1.46 -1.34
C ILE A 330 -12.17 -1.57 -0.55
N ILE A 331 -11.66 -2.79 -0.37
CA ILE A 331 -10.45 -2.97 0.41
C ILE A 331 -9.26 -2.31 -0.28
N GLN A 332 -9.19 -2.43 -1.60
CA GLN A 332 -8.10 -1.78 -2.34
C GLN A 332 -8.15 -0.27 -2.20
N LEU A 333 -9.35 0.31 -2.30
CA LEU A 333 -9.51 1.74 -2.14
C LEU A 333 -9.13 2.19 -0.74
N VAL A 334 -9.55 1.43 0.27
CA VAL A 334 -9.19 1.76 1.64
C VAL A 334 -7.69 1.74 1.83
N VAL A 335 -7.03 0.72 1.29
CA VAL A 335 -5.58 0.60 1.40
C VAL A 335 -4.89 1.76 0.71
N TYR A 336 -5.35 2.13 -0.49
CA TYR A 336 -4.75 3.24 -1.21
C TYR A 336 -4.91 4.55 -0.45
N ILE A 337 -6.10 4.80 0.08
CA ILE A 337 -6.34 6.03 0.82
C ILE A 337 -5.48 6.07 2.08
N GLY A 338 -5.38 4.95 2.78
CA GLY A 338 -4.51 4.90 3.94
C GLY A 338 -3.06 5.16 3.59
N SER A 339 -2.61 4.61 2.47
CA SER A 339 -1.25 4.86 2.02
C SER A 339 -1.01 6.33 1.74
N THR A 340 -1.98 6.99 1.10
CA THR A 340 -1.80 8.38 0.69
C THR A 340 -2.18 9.41 1.74
N LEU A 341 -2.74 8.99 2.88
CA LEU A 341 -3.19 9.95 3.88
C LEU A 341 -2.03 10.75 4.46
N SER A 342 -0.90 10.10 4.70
CA SER A 342 0.23 10.78 5.36
C SER A 342 0.81 11.89 4.50
N TYR A 343 0.45 11.96 3.22
CA TYR A 343 0.97 13.02 2.36
C TYR A 343 0.30 14.35 2.61
N PHE A 344 -0.80 14.37 3.35
CA PHE A 344 -1.51 15.61 3.66
C PHE A 344 -0.88 16.36 4.83
N GLY A 345 0.13 15.81 5.47
CA GLY A 345 0.96 16.54 6.40
C GLY A 345 2.11 17.29 5.77
N LEU A 346 2.15 17.32 4.45
CA LEU A 346 3.20 18.06 3.75
C LEU A 346 3.14 19.54 4.05
N ALA A 347 1.95 20.12 4.05
CA ALA A 347 1.81 21.53 4.37
C ALA A 347 2.33 21.83 5.77
N THR A 348 1.94 20.99 6.73
CA THR A 348 2.42 21.17 8.09
C THR A 348 3.94 21.10 8.15
N VAL A 349 4.52 20.09 7.51
CA VAL A 349 5.96 19.90 7.56
C VAL A 349 6.66 21.12 6.95
N CYS A 350 6.21 21.55 5.78
CA CYS A 350 6.86 22.66 5.09
C CYS A 350 6.77 23.95 5.88
N ILE A 351 5.57 24.28 6.37
CA ILE A 351 5.39 25.55 7.04
C ILE A 351 6.09 25.56 8.40
N ASP A 352 6.07 24.44 9.11
CA ASP A 352 6.80 24.35 10.37
C ASP A 352 8.31 24.48 10.12
N LEU A 353 8.81 23.88 9.05
CA LEU A 353 10.22 24.03 8.71
C LEU A 353 10.56 25.48 8.40
N ILE A 354 9.68 26.16 7.68
CA ILE A 354 9.86 27.58 7.40
C ILE A 354 9.95 28.38 8.70
N ILE A 355 8.99 28.14 9.60
CA ILE A 355 8.96 28.85 10.88
C ILE A 355 10.26 28.61 11.64
N ASN A 356 10.69 27.34 11.72
CA ASN A 356 11.90 27.01 12.47
C ASN A 356 13.13 27.67 11.86
N THR A 357 13.25 27.62 10.52
CA THR A 357 14.43 28.17 9.88
C THR A 357 14.49 29.69 10.04
N TYR A 358 13.38 30.37 9.83
CA TYR A 358 13.37 31.82 9.89
C TYR A 358 13.29 32.37 11.31
N ALA A 359 13.27 31.50 12.30
CA ALA A 359 13.24 31.91 13.70
C ALA A 359 14.65 31.98 14.25
N SER A 360 15.61 31.54 13.45
CA SER A 360 17.00 31.51 13.85
C SER A 360 17.58 32.98 13.95
N THR A 361 18.59 33.18 14.78
CA THR A 361 19.23 34.48 14.94
C THR A 361 20.31 34.68 13.89
N CYS A 362 20.51 33.66 13.05
CA CYS A 362 21.50 33.71 12.01
C CYS A 362 21.06 34.46 10.76
N CYS A 363 19.75 34.51 10.59
CA CYS A 363 19.16 35.13 9.44
C CYS A 363 19.12 36.65 9.51
N ARG A 364 19.02 37.13 10.73
CA ARG A 364 18.98 38.55 11.00
C ARG A 364 20.38 39.15 10.92
N SER A 365 21.39 38.29 10.89
CA SER A 365 22.78 38.72 10.88
C SER A 365 23.46 38.57 9.53
N ARG A 366 23.02 37.63 8.71
CA ARG A 366 23.66 37.36 7.44
C ARG A 366 22.69 37.41 6.26
N VAL A 367 21.45 36.98 6.45
CA VAL A 367 20.52 36.87 5.34
C VAL A 367 19.82 38.21 5.09
N TYR A 368 19.14 38.73 6.10
CA TYR A 368 18.38 39.97 5.91
C TYR A 368 19.28 41.13 5.52
N PRO A 369 20.41 41.38 6.17
CA PRO A 369 21.28 42.47 5.71
C PRO A 369 21.72 42.32 4.27
N SER A 370 22.03 41.09 3.85
CA SER A 370 22.38 40.86 2.45
C SER A 370 21.16 41.01 1.54
N CYS A 371 20.06 40.38 1.91
CA CYS A 371 18.82 40.42 1.13
C CYS A 371 17.74 41.11 1.96
N LYS A 372 17.35 42.30 1.54
CA LYS A 372 16.36 43.08 2.28
C LYS A 372 14.93 42.71 1.92
N CYS A 373 14.73 41.76 1.00
CA CYS A 373 13.40 41.33 0.62
C CYS A 373 12.91 40.25 1.57
N CYS A 374 13.79 39.82 2.47
CA CYS A 374 13.50 38.77 3.41
C CYS A 374 13.28 39.24 4.83
N GLU A 375 13.27 40.56 4.97
CA GLU A 375 13.05 41.20 6.27
C GLU A 375 11.69 40.87 6.88
N PRO A 376 10.62 40.84 6.05
CA PRO A 376 9.31 40.61 6.65
C PRO A 376 9.06 39.15 7.04
N CYS A 377 10.09 38.33 6.94
CA CYS A 377 10.01 36.96 7.37
C CYS A 377 10.64 36.76 8.75
N ALA A 378 10.67 37.86 9.49
CA ALA A 378 11.22 37.86 10.84
C ALA A 378 10.11 37.67 11.87
N VAL A 379 8.86 37.66 11.39
CA VAL A 379 7.72 37.36 12.26
C VAL A 379 7.72 35.90 12.64
N ASN A 380 8.54 35.08 11.98
CA ASN A 380 8.69 33.64 12.30
C ASN A 380 9.26 33.49 13.70
N GLU A 381 10.01 34.48 14.18
CA GLU A 381 10.57 34.46 15.56
C GLU A 381 9.40 34.57 16.53
N TYR A 382 8.40 35.41 16.24
CA TYR A 382 7.18 35.55 17.06
C TYR A 382 6.35 34.27 16.96
N TYR A 383 6.27 33.68 15.77
CA TYR A 383 5.50 32.43 15.53
C TYR A 383 6.18 31.27 16.24
N TYR A 384 7.50 31.28 16.37
CA TYR A 384 8.29 30.20 16.99
C TYR A 384 8.27 30.29 18.51
N ARG A 385 8.13 31.49 19.10
CA ARG A 385 8.06 31.67 20.57
C ARG A 385 6.64 31.32 21.01
N LYS A 386 5.64 31.53 20.14
CA LYS A 386 4.23 31.20 20.41
C LYS A 386 4.03 29.71 20.21
N LYS A 387 4.95 29.02 19.55
CA LYS A 387 4.80 27.61 19.23
C LYS A 387 5.59 26.68 20.12
N CYS A 388 6.83 27.03 20.48
CA CYS A 388 7.72 26.13 21.19
C CYS A 388 8.06 26.65 22.58
N GLU A 389 8.19 25.72 23.52
CA GLU A 389 8.61 25.99 24.90
C GLU A 389 9.81 25.12 25.22
N PRO A 390 11.02 25.62 25.00
CA PRO A 390 12.20 24.82 25.35
C PRO A 390 12.30 24.59 26.84
N ILE A 391 12.76 23.39 27.20
CA ILE A 391 13.03 23.03 28.59
C ILE A 391 14.29 22.18 28.62
N VAL A 392 14.85 22.05 29.82
CA VAL A 392 16.12 21.36 30.02
C VAL A 392 15.87 20.18 30.96
N GLU A 393 16.66 19.14 30.77
CA GLU A 393 16.61 17.99 31.66
C GLU A 393 16.99 18.42 33.07
N PRO A 394 16.14 18.20 34.07
CA PRO A 394 16.49 18.61 35.44
C PRO A 394 17.40 17.61 36.15
N LYS A 395 18.66 17.61 35.74
CA LYS A 395 19.63 16.72 36.32
C LYS A 395 20.29 17.37 37.55
N PRO A 396 20.87 16.55 38.42
CA PRO A 396 21.42 17.11 39.68
C PRO A 396 22.48 18.18 39.47
N THR A 397 23.29 18.05 38.42
CA THR A 397 24.35 19.01 38.16
C THR A 397 23.82 20.34 37.62
N LEU A 398 22.52 20.43 37.36
CA LEU A 398 21.96 21.65 36.79
C LEU A 398 21.97 22.77 37.82
N LYS A 399 22.46 23.92 37.38
CA LYS A 399 22.52 25.12 38.20
C LYS A 399 22.34 26.31 37.29
N TYR A 400 21.72 27.36 37.82
CA TYR A 400 21.53 28.61 37.11
C TYR A 400 22.12 29.73 37.96
N VAL A 401 22.76 30.67 37.28
CA VAL A 401 23.52 31.75 37.91
C VAL A 401 23.15 33.06 37.25
N SER A 402 23.03 34.11 38.06
CA SER A 402 22.69 35.44 37.59
C SER A 402 23.64 36.43 38.23
N PHE A 403 24.15 37.35 37.43
CA PHE A 403 25.06 38.39 37.89
C PHE A 403 24.42 39.74 37.62
N VAL A 404 24.33 40.57 38.66
CA VAL A 404 23.61 41.83 38.54
C VAL A 404 24.29 42.79 37.59
N ASP A 405 25.54 42.54 37.24
CA ASP A 405 26.28 43.36 36.29
C ASP A 405 26.17 42.83 34.86
N GLU A 406 25.32 41.84 34.62
CA GLU A 406 25.10 41.27 33.30
C GLU A 406 23.61 41.24 33.01
N PRO A 407 23.23 41.22 31.73
CA PRO A 407 21.81 41.22 31.37
C PRO A 407 21.19 39.84 31.20
N HIS A 408 21.97 38.77 31.26
CA HIS A 408 21.49 37.44 30.94
C HIS A 408 21.91 36.46 32.04
N ILE A 409 21.65 35.18 31.80
CA ILE A 409 21.77 34.14 32.81
C ILE A 409 22.67 33.03 32.30
N TRP A 410 23.36 32.39 33.25
CA TRP A 410 24.33 31.34 32.98
C TRP A 410 23.84 30.04 33.58
N MET A 411 23.75 29.00 32.73
CA MET A 411 23.33 27.64 33.15
C MET A 411 24.57 26.78 33.26
N VAL A 412 24.93 26.32 34.46
CA VAL A 412 26.10 25.50 34.72
C VAL A 412 25.61 24.08 34.93
N ASP A 413 25.52 23.33 33.84
CA ASP A 413 25.10 21.95 33.85
C ASP A 413 26.24 20.99 34.21
N GLN A 414 27.46 21.50 34.33
CA GLN A 414 28.64 20.67 34.56
C GLN A 414 28.98 20.66 36.04
N GLN A 415 29.89 19.78 36.44
CA GLN A 415 30.20 19.58 37.85
C GLN A 415 31.35 20.48 38.27
N LEU A 416 31.37 20.81 39.56
CA LEU A 416 32.41 21.65 40.13
C LEU A 416 33.48 20.73 40.72
N LEU A 417 34.62 20.63 40.05
CA LEU A 417 35.71 19.78 40.49
C LEU A 417 36.58 20.54 41.50
N GLY A 418 35.97 20.99 42.59
CA GLY A 418 36.69 21.77 43.62
C GLY A 418 36.89 23.20 43.15
N LYS A 419 36.26 23.59 42.04
CA LYS A 419 36.40 24.95 41.45
C LYS A 419 35.18 25.77 41.84
N SER A 420 35.38 26.95 42.44
CA SER A 420 34.28 27.86 42.85
C SER A 420 33.29 28.00 41.69
N LEU A 421 31.99 28.01 41.96
CA LEU A 421 30.97 28.24 40.95
C LEU A 421 31.13 29.59 40.27
N GLN A 422 31.69 30.56 40.99
CA GLN A 422 31.93 31.88 40.40
C GLN A 422 32.80 31.77 39.15
N ASP A 423 33.77 30.87 39.16
CA ASP A 423 34.71 30.73 38.05
C ASP A 423 34.29 29.54 37.19
N VAL A 424 33.08 29.61 36.65
CA VAL A 424 32.58 28.57 35.76
C VAL A 424 31.91 29.21 34.57
N LYS A 425 32.27 28.77 33.38
CA LYS A 425 31.78 29.42 32.17
C LYS A 425 30.28 29.23 32.00
N GLY A 426 29.81 27.99 32.15
CA GLY A 426 28.42 27.78 31.89
C GLY A 426 28.11 28.08 30.43
N GLN A 427 26.84 28.41 30.18
CA GLN A 427 26.41 28.78 28.84
C GLN A 427 25.25 29.76 28.93
N GLU A 428 25.40 30.88 28.24
CA GLU A 428 24.48 32.01 28.35
C GLU A 428 23.09 31.64 27.87
N VAL A 429 22.08 32.07 28.62
CA VAL A 429 20.69 31.93 28.24
C VAL A 429 19.99 33.24 28.55
N PRO A 430 18.91 33.58 27.83
CA PRO A 430 18.24 34.86 28.08
C PRO A 430 17.34 34.80 29.31
N ARG A 431 17.25 35.93 29.99
CA ARG A 431 16.31 36.00 31.10
C ARG A 431 14.88 36.09 30.58
N PRO A 432 13.96 35.28 31.10
CA PRO A 432 12.59 35.32 30.62
C PRO A 432 11.97 36.70 30.80
N GLN A 433 11.12 37.08 29.84
CA GLN A 433 10.37 38.32 29.96
C GLN A 433 9.34 38.18 31.07
N THR A 434 9.46 39.02 32.09
CA THR A 434 8.55 38.95 33.23
C THR A 434 7.13 39.32 32.80
N ASP A 435 6.16 38.74 33.49
CA ASP A 435 4.76 39.03 33.22
C ASP A 435 4.45 40.45 33.66
N PHE A 436 4.54 41.39 32.72
CA PHE A 436 4.38 42.80 33.05
C PHE A 436 3.00 43.09 33.62
N LEU A 437 2.00 42.29 33.25
CA LEU A 437 0.66 42.47 33.81
C LEU A 437 0.65 42.25 35.31
N GLU A 438 1.35 41.21 35.78
CA GLU A 438 1.42 40.96 37.21
C GLU A 438 2.11 42.11 37.94
N LEU A 439 3.18 42.66 37.36
CA LEU A 439 3.93 43.73 38.00
C LEU A 439 3.28 45.09 37.81
N SER A 440 2.37 45.24 36.85
CA SER A 440 1.67 46.51 36.69
C SER A 440 0.88 46.85 37.95
N ARG A 441 0.58 45.85 38.77
CA ARG A 441 -0.04 46.07 40.08
C ARG A 441 1.08 46.19 41.11
N LEU A 442 1.62 47.40 41.25
CA LEU A 442 2.70 47.66 42.18
C LEU A 442 2.50 49.00 42.87
N ASP A 472 39.85 41.34 53.04
CA ASP A 472 39.05 40.62 54.03
C ASP A 472 38.08 39.66 53.35
N SER A 473 37.45 40.13 52.27
CA SER A 473 36.50 39.31 51.55
C SER A 473 37.22 38.21 50.79
N PRO A 474 36.49 37.16 50.40
CA PRO A 474 37.12 36.06 49.68
C PRO A 474 37.72 36.51 48.35
N ASP A 475 38.49 35.60 47.75
CA ASP A 475 39.14 35.93 46.48
C ASP A 475 38.14 35.97 45.33
N TRP A 476 37.03 35.24 45.45
CA TRP A 476 36.05 35.14 44.38
C TRP A 476 34.93 36.17 44.52
N CYS A 477 34.94 36.99 45.56
CA CYS A 477 33.88 37.96 45.81
C CYS A 477 34.30 39.32 45.29
N GLN A 478 33.44 39.90 44.45
CA GLN A 478 33.64 41.24 43.93
C GLN A 478 32.78 42.28 44.63
N CYS A 479 31.77 41.86 45.38
CA CYS A 479 30.89 42.79 46.07
C CYS A 479 31.40 43.13 47.46
N GLY A 480 32.29 42.33 48.03
CA GLY A 480 32.85 42.59 49.33
C GLY A 480 31.97 42.18 50.49
N ASN A 481 30.80 41.62 50.22
CA ASN A 481 29.83 41.29 51.25
C ASN A 481 29.58 39.79 51.35
N CYS A 482 30.31 38.98 50.59
CA CYS A 482 30.17 37.54 50.65
C CYS A 482 31.07 36.97 51.73
N LEU A 483 30.72 35.78 52.19
CA LEU A 483 31.39 35.13 53.30
C LEU A 483 31.80 33.72 52.91
N PRO A 484 32.81 33.17 53.57
CA PRO A 484 33.19 31.78 53.27
C PRO A 484 32.04 30.83 53.56
N SER A 485 31.94 29.79 52.74
CA SER A 485 30.87 28.81 52.89
C SER A 485 31.15 27.89 54.06
N GLN A 486 30.10 27.57 54.81
CA GLN A 486 30.18 26.68 55.96
C GLN A 486 29.94 25.22 55.60
N LEU A 487 29.73 24.92 54.33
CA LEU A 487 29.46 23.56 53.92
C LEU A 487 30.73 22.72 53.97
N PRO A 488 30.59 21.39 53.96
CA PRO A 488 31.77 20.53 53.92
C PRO A 488 32.63 20.81 52.71
N GLU A 489 33.95 20.68 52.89
CA GLU A 489 34.90 21.13 51.88
C GLU A 489 34.64 20.48 50.53
N ASN A 490 34.17 19.24 50.50
CA ASN A 490 34.01 18.54 49.22
C ASN A 490 33.01 19.25 48.33
N ARG A 491 31.89 19.69 48.89
CA ARG A 491 30.84 20.38 48.15
C ARG A 491 30.71 21.83 48.59
N ARG A 492 31.81 22.43 49.03
CA ARG A 492 31.78 23.81 49.49
C ARG A 492 31.77 24.79 48.33
N ALA A 493 32.17 24.35 47.14
CA ALA A 493 32.33 25.26 46.01
C ALA A 493 30.99 25.66 45.39
N LEU A 494 29.92 24.95 45.72
CA LEU A 494 28.61 25.28 45.17
C LEU A 494 28.17 26.67 45.60
N GLU A 495 28.39 27.01 46.86
CA GLU A 495 27.98 28.30 47.41
C GLU A 495 29.04 29.39 47.25
N GLU A 496 30.13 29.10 46.57
CA GLU A 496 31.19 30.10 46.36
C GLU A 496 30.84 30.93 45.13
N LEU A 497 29.80 31.74 45.28
CA LEU A 497 29.27 32.56 44.21
C LEU A 497 29.02 33.97 44.71
N CYS A 498 29.25 34.95 43.83
CA CYS A 498 29.03 36.35 44.13
C CYS A 498 27.93 36.90 43.24
N CYS A 499 27.37 38.03 43.67
CA CYS A 499 26.29 38.70 42.96
C CYS A 499 26.73 39.30 41.63
N ARG A 500 28.03 39.44 41.39
CA ARG A 500 28.50 40.12 40.20
C ARG A 500 29.86 39.55 39.79
N ARG A 501 30.22 39.80 38.54
CA ARG A 501 31.49 39.33 38.01
C ARG A 501 32.61 40.36 38.13
N LYS A 502 32.27 41.62 38.34
CA LYS A 502 33.24 42.69 38.46
C LYS A 502 32.99 43.46 39.74
N PRO A 503 34.00 44.13 40.29
CA PRO A 503 33.81 44.85 41.55
C PRO A 503 32.75 45.94 41.42
N GLY A 504 31.99 46.13 42.48
CA GLY A 504 30.93 47.10 42.49
C GLY A 504 30.08 46.95 43.74
N GLN A 505 28.93 47.62 43.73
CA GLN A 505 28.03 47.56 44.86
C GLN A 505 27.25 46.25 44.85
N CYS A 506 27.05 45.69 46.03
CA CYS A 506 26.30 44.44 46.16
C CYS A 506 24.83 44.67 45.83
N ILE A 507 24.20 43.63 45.30
CA ILE A 507 22.77 43.68 45.03
C ILE A 507 21.98 43.90 46.31
N THR A 508 22.52 43.44 47.44
CA THR A 508 21.85 43.63 48.72
C THR A 508 21.67 45.11 49.07
N THR A 509 22.47 45.99 48.48
CA THR A 509 22.39 47.40 48.83
C THR A 509 21.14 48.05 48.25
N SER A 510 20.58 47.47 47.19
CA SER A 510 19.35 48.00 46.62
C SER A 510 18.20 47.90 47.61
N GLU A 511 17.31 48.89 47.57
CA GLU A 511 16.15 48.87 48.45
C GLU A 511 15.17 47.78 48.05
N LEU A 512 15.19 47.37 46.78
CA LEU A 512 14.30 46.33 46.32
C LEU A 512 14.63 44.99 46.98
N PHE A 513 15.90 44.74 47.30
CA PHE A 513 16.26 43.55 48.03
C PHE A 513 15.56 43.50 49.38
N SER A 514 15.56 44.62 50.10
CA SER A 514 14.91 44.68 51.40
C SER A 514 13.40 44.59 51.26
N LYS A 515 12.85 45.21 50.22
CA LYS A 515 11.40 45.19 50.03
C LYS A 515 10.91 43.77 49.70
N ILE A 516 11.66 43.04 48.90
CA ILE A 516 11.24 41.72 48.42
C ILE A 516 11.73 40.61 49.33
N VAL A 517 13.03 40.57 49.60
CA VAL A 517 13.67 39.42 50.20
C VAL A 517 13.69 39.49 51.72
N LEU A 518 13.97 40.66 52.28
CA LEU A 518 14.12 40.84 53.72
C LEU A 518 12.88 41.44 54.37
N SER A 519 11.79 41.62 53.63
CA SER A 519 10.58 42.21 54.18
C SER A 519 9.81 41.13 54.91
N ARG A 520 10.04 41.02 56.23
CA ARG A 520 9.35 40.00 57.01
C ARG A 520 7.84 40.08 56.83
N GLU A 521 7.31 41.29 56.69
CA GLU A 521 5.88 41.45 56.47
C GLU A 521 5.45 40.77 55.17
N ALA A 522 6.16 41.04 54.07
CA ALA A 522 5.78 40.45 52.79
C ALA A 522 5.87 38.93 52.82
N LEU A 523 6.93 38.40 53.43
CA LEU A 523 7.09 36.96 53.50
C LEU A 523 6.00 36.32 54.35
N GLN A 524 5.62 36.98 55.45
CA GLN A 524 4.51 36.48 56.25
C GLN A 524 3.21 36.50 55.47
N LEU A 525 2.98 37.54 54.68
CA LEU A 525 1.78 37.58 53.85
C LEU A 525 1.78 36.45 52.83
N LEU A 526 2.94 36.16 52.21
CA LEU A 526 3.00 35.04 51.28
C LEU A 526 2.72 33.72 51.98
N LEU A 527 3.29 33.53 53.17
CA LEU A 527 3.05 32.31 53.93
C LEU A 527 1.58 32.17 54.28
N LEU A 528 0.94 33.27 54.68
CA LEU A 528 -0.49 33.22 55.00
C LEU A 528 -1.32 32.92 53.76
N TYR A 529 -0.94 33.50 52.63
CA TYR A 529 -1.59 33.16 51.37
C TYR A 529 -1.54 31.66 51.14
N GLN A 530 -0.38 31.05 51.36
CA GLN A 530 -0.28 29.60 51.23
C GLN A 530 -1.06 28.89 52.33
N GLU A 531 -0.87 29.31 53.58
CA GLU A 531 -1.58 28.73 54.72
C GLU A 531 -2.18 29.86 55.55
N PRO A 532 -3.47 30.15 55.40
CA PRO A 532 -4.04 31.32 56.10
C PRO A 532 -3.93 31.25 57.60
N LEU A 533 -4.00 30.07 58.20
CA LEU A 533 -4.02 29.89 59.64
C LEU A 533 -2.65 29.49 60.17
N LEU A 534 -1.59 30.02 59.57
CA LEU A 534 -0.25 29.69 59.99
C LEU A 534 0.09 30.35 61.33
N ALA A 535 0.85 29.62 62.14
CA ALA A 535 1.24 30.08 63.46
C ALA A 535 2.60 30.76 63.39
N LEU A 536 2.66 32.01 63.85
CA LEU A 536 3.87 32.81 63.81
C LEU A 536 4.62 32.68 65.14
N GLU A 537 5.20 31.49 65.35
CA GLU A 537 5.94 31.23 66.57
C GLU A 537 6.93 30.09 66.33
N GLY A 538 7.98 30.08 67.13
CA GLY A 538 8.99 29.04 67.04
C GLY A 538 10.01 29.30 65.94
N GLU A 539 11.00 28.40 65.87
CA GLU A 539 11.96 28.43 64.79
C GLU A 539 11.37 27.95 63.47
N ALA A 540 10.20 27.31 63.52
CA ALA A 540 9.55 26.89 62.29
C ALA A 540 9.23 28.08 61.40
N ILE A 541 8.70 29.16 61.98
CA ILE A 541 8.39 30.34 61.19
C ILE A 541 9.66 30.93 60.60
N ASN A 542 10.77 30.86 61.35
CA ASN A 542 12.06 31.45 60.92
C ASN A 542 12.59 30.64 59.74
N SER A 543 12.42 29.32 59.74
CA SER A 543 12.79 28.49 58.59
C SER A 543 11.89 28.76 57.39
N LYS A 544 10.57 28.90 57.64
CA LYS A 544 9.57 29.16 56.59
C LYS A 544 9.88 30.49 55.91
N LEU A 545 10.28 31.52 56.67
CA LEU A 545 10.63 32.82 56.13
C LEU A 545 11.94 32.78 55.37
N ARG A 546 12.92 32.03 55.86
CA ARG A 546 14.19 31.90 55.16
C ARG A 546 14.00 31.25 53.79
N HIS A 547 13.22 30.18 53.75
CA HIS A 547 12.92 29.53 52.48
C HIS A 547 12.18 30.49 51.55
N CYS A 548 11.23 31.26 52.10
CA CYS A 548 10.50 32.20 51.27
C CYS A 548 11.40 33.30 50.72
N ALA A 549 12.38 33.72 51.51
CA ALA A 549 13.33 34.72 51.02
C ALA A 549 14.18 34.16 49.89
N TYR A 550 14.63 32.92 50.03
CA TYR A 550 15.36 32.29 48.93
C TYR A 550 14.50 32.23 47.68
N ARG A 551 13.27 31.74 47.84
CA ARG A 551 12.31 31.58 46.72
C ARG A 551 12.07 32.94 46.06
N SER A 552 11.94 34.01 46.83
CA SER A 552 11.69 35.35 46.33
C SER A 552 12.87 35.88 45.53
N TYR A 553 14.08 35.73 46.06
CA TYR A 553 15.26 36.16 45.29
C TYR A 553 15.34 35.38 43.97
N ALA A 554 15.13 34.07 44.03
CA ALA A 554 15.26 33.25 42.84
C ALA A 554 14.20 33.61 41.80
N THR A 555 12.97 33.90 42.24
CA THR A 555 11.93 34.31 41.31
C THR A 555 12.19 35.69 40.74
N TRP A 556 12.72 36.59 41.57
CA TRP A 556 12.97 37.96 41.15
C TRP A 556 14.11 38.04 40.14
N ARG A 557 15.14 37.18 40.28
CA ARG A 557 16.37 37.28 39.45
C ARG A 557 16.50 36.18 38.39
N PHE A 558 15.62 35.17 38.37
CA PHE A 558 15.63 34.09 37.34
C PHE A 558 14.31 34.11 36.57
N VAL A 559 13.22 34.63 37.14
CA VAL A 559 11.91 34.81 36.44
C VAL A 559 11.18 33.47 36.35
N SER A 560 11.63 32.51 35.53
CA SER A 560 10.87 31.28 35.37
C SER A 560 11.12 30.34 36.54
N GLN A 561 10.06 29.62 36.94
CA GLN A 561 10.19 28.66 38.02
C GLN A 561 11.12 27.52 37.64
N ASP A 562 11.25 27.25 36.35
CA ASP A 562 12.17 26.21 35.88
C ASP A 562 13.60 26.54 36.27
N MET A 563 13.99 27.80 36.11
CA MET A 563 15.32 28.24 36.52
C MET A 563 15.38 28.62 37.98
N ALA A 564 14.32 29.22 38.51
CA ALA A 564 14.28 29.56 39.92
C ALA A 564 14.43 28.33 40.80
N ASP A 565 14.02 27.17 40.31
CA ASP A 565 14.16 25.93 41.08
C ASP A 565 15.62 25.52 41.21
N PHE A 566 16.39 25.67 40.14
CA PHE A 566 17.79 25.27 40.11
C PHE A 566 18.75 26.46 40.23
N ALA A 567 18.22 27.64 40.49
CA ALA A 567 19.05 28.81 40.73
C ALA A 567 20.01 28.55 41.87
N ILE A 568 21.01 29.42 41.99
CA ILE A 568 21.95 29.39 43.10
C ILE A 568 22.09 30.80 43.62
N LEU A 569 21.81 30.99 44.89
CA LEU A 569 21.93 32.30 45.49
C LEU A 569 23.39 32.62 45.78
N PRO A 570 23.79 33.88 45.64
CA PRO A 570 25.14 34.27 46.05
C PRO A 570 25.31 34.19 47.55
N SER A 571 26.58 34.16 47.97
CA SER A 571 26.88 34.13 49.40
C SER A 571 26.39 35.38 50.09
N CYS A 572 26.47 36.53 49.42
CA CYS A 572 26.03 37.78 50.02
C CYS A 572 24.54 37.75 50.35
N CYS A 573 23.71 37.46 49.35
CA CYS A 573 22.27 37.41 49.57
C CYS A 573 21.90 36.29 50.53
N ARG A 574 22.51 35.11 50.35
CA ARG A 574 22.23 33.97 51.21
C ARG A 574 22.49 34.30 52.66
N TRP A 575 23.65 34.87 52.95
CA TRP A 575 24.02 35.11 54.34
C TRP A 575 23.31 36.31 54.93
N LYS A 576 22.95 37.30 54.12
CA LYS A 576 22.06 38.35 54.63
C LYS A 576 20.70 37.78 55.01
N ILE A 577 20.13 36.93 54.16
CA ILE A 577 18.86 36.28 54.48
C ILE A 577 18.98 35.49 55.78
N ARG A 578 20.05 34.70 55.89
CA ARG A 578 20.22 33.87 57.08
C ARG A 578 20.42 34.71 58.33
N LYS A 579 21.18 35.81 58.22
CA LYS A 579 21.35 36.71 59.36
C LYS A 579 20.02 37.29 59.80
N GLU A 580 19.18 37.70 58.85
CA GLU A 580 17.90 38.29 59.22
C GLU A 580 16.84 37.22 59.47
N PHE A 581 17.10 35.96 59.11
CA PHE A 581 16.26 34.83 59.48
C PHE A 581 17.13 33.70 59.99
N PRO A 582 17.76 33.89 61.16
CA PRO A 582 18.73 32.89 61.64
C PRO A 582 18.12 31.53 61.96
N LYS A 583 18.96 30.57 62.34
CA LYS A 583 18.52 29.27 62.80
C LYS A 583 18.98 29.06 64.22
N THR A 584 18.13 28.41 65.02
CA THR A 584 18.44 28.18 66.43
C THR A 584 19.79 27.49 66.58
N GLN A 585 19.99 26.40 65.85
CA GLN A 585 21.25 25.68 65.90
C GLN A 585 21.28 24.65 64.78
N GLY A 586 22.47 24.41 64.26
CA GLY A 586 22.69 23.46 63.19
C GLY A 586 23.17 24.15 61.92
N GLN A 587 23.83 23.38 61.07
CA GLN A 587 24.28 23.91 59.79
C GLN A 587 23.11 24.06 58.85
N TYR A 588 23.12 25.14 58.07
CA TYR A 588 22.18 25.30 56.99
C TYR A 588 22.44 24.26 55.90
N SER A 589 21.38 23.56 55.48
CA SER A 589 21.54 22.48 54.52
C SER A 589 22.05 22.97 53.17
N GLY A 590 21.65 24.18 52.77
CA GLY A 590 21.99 24.68 51.46
C GLY A 590 21.08 24.13 50.38
N PHE A 591 21.50 24.36 49.14
CA PHE A 591 20.71 23.91 48.00
C PHE A 591 20.50 22.41 48.04
N LYS A 592 19.25 22.00 47.86
CA LYS A 592 18.87 20.60 47.82
C LYS A 592 18.16 20.31 46.51
N TYR A 593 18.55 19.23 45.87
CA TYR A 593 18.04 18.86 44.56
C TYR A 593 16.53 18.72 44.58
N PRO A 594 15.80 19.46 43.73
CA PRO A 594 14.33 19.40 43.81
C PRO A 594 13.75 18.02 43.57
N TYR A 595 14.40 17.18 42.79
CA TYR A 595 13.87 15.85 42.47
C TYR A 595 14.62 14.77 43.22
N SER B 6 -15.62 35.57 5.02
CA SER B 6 -14.73 34.75 5.91
C SER B 6 -13.39 34.49 5.23
N TRP B 7 -12.80 35.54 4.66
CA TRP B 7 -11.47 35.39 4.07
C TRP B 7 -10.44 35.05 5.14
N ASN B 8 -10.53 35.68 6.31
CA ASN B 8 -9.60 35.39 7.38
C ASN B 8 -9.72 33.94 7.85
N ASP B 9 -10.89 33.33 7.66
CA ASP B 9 -11.05 31.93 8.03
C ASP B 9 -10.21 31.02 7.13
N VAL B 10 -10.08 31.40 5.86
CA VAL B 10 -9.29 30.61 4.92
C VAL B 10 -7.81 30.73 5.24
N PHE B 11 -7.37 31.94 5.61
CA PHE B 11 -5.95 32.23 5.78
C PHE B 11 -5.40 31.80 7.14
N GLN B 12 -6.17 31.08 7.94
CA GLN B 12 -5.64 30.54 9.18
C GLN B 12 -4.70 29.38 8.92
N TYR B 13 -3.63 29.30 9.71
CA TYR B 13 -2.76 28.14 9.74
C TYR B 13 -2.62 27.66 11.17
N GLU B 14 -2.85 26.37 11.37
CA GLU B 14 -2.68 25.73 12.66
C GLU B 14 -1.31 25.10 12.77
N THR B 15 -0.63 25.35 13.87
CA THR B 15 0.60 24.66 14.20
C THR B 15 0.50 24.20 15.65
N ASN B 16 0.96 22.98 15.90
CA ASN B 16 0.88 22.41 17.23
C ASN B 16 1.89 23.06 18.16
N LYS B 17 1.48 23.27 19.41
CA LYS B 17 2.39 23.71 20.45
C LYS B 17 3.24 22.53 20.90
N VAL B 18 4.54 22.76 21.01
CA VAL B 18 5.49 21.70 21.29
C VAL B 18 6.34 22.08 22.49
N THR B 19 7.19 21.15 22.91
CA THR B 19 8.05 21.30 24.08
C THR B 19 9.37 20.64 23.73
N ARG B 20 10.39 21.45 23.40
CA ARG B 20 11.71 20.89 23.23
C ARG B 20 12.16 20.31 24.57
N ILE B 21 12.86 19.19 24.53
CA ILE B 21 13.53 18.65 25.70
C ILE B 21 14.98 18.41 25.33
N GLN B 22 15.89 19.07 26.04
CA GLN B 22 17.31 18.83 25.87
C GLN B 22 17.70 17.63 26.72
N SER B 23 17.41 16.46 26.17
CA SER B 23 17.72 15.18 26.80
C SER B 23 18.61 14.39 25.87
N VAL B 24 19.75 13.94 26.39
CA VAL B 24 20.61 13.06 25.61
C VAL B 24 19.91 11.75 25.34
N ASN B 25 19.27 11.18 26.36
CA ASN B 25 18.62 9.89 26.20
C ASN B 25 17.52 9.93 25.16
N TYR B 26 16.64 10.94 25.25
CA TYR B 26 15.48 10.98 24.39
C TYR B 26 15.87 11.31 22.95
N GLY B 27 16.81 12.24 22.76
CA GLY B 27 17.31 12.51 21.42
C GLY B 27 18.00 11.33 20.80
N THR B 28 18.83 10.64 21.58
CA THR B 28 19.49 9.43 21.08
C THR B 28 18.48 8.36 20.71
N ILE B 29 17.48 8.13 21.55
CA ILE B 29 16.44 7.15 21.25
C ILE B 29 15.70 7.54 19.98
N LYS B 30 15.34 8.82 19.86
CA LYS B 30 14.63 9.29 18.68
C LYS B 30 15.42 9.01 17.42
N TRP B 31 16.70 9.36 17.42
CA TRP B 31 17.49 9.20 16.22
C TRP B 31 17.77 7.73 15.92
N ILE B 32 17.96 6.92 16.95
CA ILE B 32 18.14 5.49 16.74
C ILE B 32 16.91 4.89 16.09
N LEU B 33 15.72 5.23 16.60
CA LEU B 33 14.49 4.68 16.04
C LEU B 33 14.26 5.18 14.63
N HIS B 34 14.55 6.45 14.36
CA HIS B 34 14.42 6.97 13.01
C HIS B 34 15.36 6.26 12.05
N MET B 35 16.61 6.07 12.44
CA MET B 35 17.55 5.35 11.59
C MET B 35 17.11 3.92 11.36
N THR B 36 16.60 3.26 12.40
CA THR B 36 16.10 1.89 12.25
C THR B 36 14.97 1.82 11.23
N VAL B 37 13.97 2.70 11.37
CA VAL B 37 12.84 2.69 10.46
C VAL B 37 13.29 3.00 9.04
N PHE B 38 14.13 4.01 8.87
CA PHE B 38 14.62 4.37 7.54
C PHE B 38 15.40 3.22 6.92
N SER B 39 16.26 2.58 7.70
CA SER B 39 17.04 1.46 7.18
C SER B 39 16.14 0.33 6.73
N TYR B 40 15.13 -0.02 7.54
CA TYR B 40 14.28 -1.12 7.15
C TYR B 40 13.44 -0.78 5.92
N VAL B 41 12.87 0.42 5.86
CA VAL B 41 12.03 0.75 4.72
C VAL B 41 12.88 0.82 3.45
N SER B 42 14.08 1.39 3.53
CA SER B 42 14.97 1.41 2.37
C SER B 42 15.36 0.00 1.94
N PHE B 43 15.69 -0.86 2.90
CA PHE B 43 16.08 -2.23 2.57
C PHE B 43 14.93 -2.97 1.91
N ALA B 44 13.72 -2.83 2.44
CA ALA B 44 12.56 -3.48 1.83
C ALA B 44 12.33 -2.97 0.42
N LEU B 45 12.42 -1.65 0.23
CA LEU B 45 12.22 -1.07 -1.10
C LEU B 45 13.22 -1.62 -2.09
N MET B 46 14.49 -1.70 -1.69
CA MET B 46 15.52 -2.13 -2.63
C MET B 46 15.44 -3.63 -2.87
N SER B 47 15.27 -4.43 -1.82
CA SER B 47 15.24 -5.87 -1.97
C SER B 47 14.03 -6.33 -2.76
N ASP B 48 12.84 -5.87 -2.39
CA ASP B 48 11.61 -6.29 -3.05
C ASP B 48 11.32 -5.48 -4.31
N LYS B 49 12.14 -4.46 -4.60
CA LYS B 49 11.95 -3.64 -5.79
C LYS B 49 10.55 -3.06 -5.82
N LEU B 50 10.12 -2.50 -4.70
CA LEU B 50 8.77 -1.98 -4.57
C LEU B 50 8.58 -0.65 -5.29
N TYR B 51 9.64 -0.08 -5.84
CA TYR B 51 9.56 1.06 -6.74
C TYR B 51 9.25 0.66 -8.18
N GLN B 52 9.32 -0.64 -8.49
CA GLN B 52 9.12 -1.13 -9.87
C GLN B 52 7.70 -1.66 -10.07
N ARG B 53 7.03 -1.27 -11.16
CA ARG B 53 5.73 -1.86 -11.54
C ARG B 53 6.09 -3.13 -12.30
N LYS B 54 5.77 -4.32 -11.79
CA LYS B 54 6.20 -5.60 -12.40
C LYS B 54 5.11 -6.14 -13.33
N GLU B 55 5.49 -6.80 -14.42
CA GLU B 55 4.57 -7.34 -15.41
C GLU B 55 4.94 -8.77 -15.74
N PRO B 56 3.96 -9.66 -15.91
CA PRO B 56 4.27 -11.01 -16.38
C PRO B 56 4.56 -11.04 -17.87
N LEU B 57 5.29 -12.07 -18.27
CA LEU B 57 5.73 -12.21 -19.65
C LEU B 57 4.76 -13.07 -20.46
N ILE B 58 4.86 -12.92 -21.78
CA ILE B 58 4.24 -13.82 -22.74
C ILE B 58 5.36 -14.48 -23.53
N SER B 59 5.24 -15.78 -23.74
CA SER B 59 6.36 -16.59 -24.20
C SER B 59 6.02 -17.37 -25.47
N SER B 60 7.04 -17.62 -26.27
CA SER B 60 7.00 -18.52 -27.41
C SER B 60 8.21 -19.43 -27.34
N VAL B 61 8.00 -20.72 -27.52
CA VAL B 61 9.06 -21.71 -27.45
C VAL B 61 9.11 -22.47 -28.76
N HIS B 62 10.34 -22.66 -29.28
CA HIS B 62 10.60 -23.42 -30.54
C HIS B 62 11.75 -24.39 -30.28
N THR B 63 11.52 -25.70 -30.28
CA THR B 63 12.48 -26.73 -29.91
C THR B 63 12.95 -27.49 -31.14
N LYS B 64 14.17 -28.01 -31.08
CA LYS B 64 14.74 -28.84 -32.13
C LYS B 64 15.50 -29.98 -31.47
N VAL B 65 14.93 -31.18 -31.48
CA VAL B 65 15.56 -32.39 -30.88
C VAL B 65 16.43 -33.04 -31.97
N LYS B 66 17.66 -33.42 -31.64
CA LYS B 66 18.61 -34.02 -32.61
C LYS B 66 19.13 -35.33 -32.02
N GLY B 67 18.76 -36.47 -32.61
CA GLY B 67 19.26 -37.77 -32.17
C GLY B 67 18.91 -38.93 -33.08
N VAL B 68 19.86 -39.84 -33.34
CA VAL B 68 19.62 -41.06 -34.09
C VAL B 68 19.96 -42.24 -33.21
N ALA B 69 19.03 -43.17 -33.07
CA ALA B 69 19.20 -44.36 -32.26
C ALA B 69 19.19 -45.58 -33.16
N GLU B 70 20.23 -46.40 -33.06
CA GLU B 70 20.33 -47.62 -33.85
C GLU B 70 19.75 -48.77 -33.05
N VAL B 71 18.74 -49.42 -33.61
CA VAL B 71 18.03 -50.51 -32.95
C VAL B 71 18.19 -51.78 -33.78
N THR B 72 18.50 -52.88 -33.10
CA THR B 72 18.65 -54.20 -33.73
C THR B 72 17.44 -55.03 -33.30
N GLU B 73 16.40 -55.02 -34.15
CA GLU B 73 15.16 -55.70 -33.83
C GLU B 73 15.15 -57.09 -34.45
N ASN B 74 14.85 -58.09 -33.63
CA ASN B 74 14.82 -59.48 -34.09
C ASN B 74 13.81 -60.30 -33.31
N LEU B 83 16.96 -60.73 -37.99
CA LEU B 83 17.50 -59.51 -37.40
C LEU B 83 17.58 -58.40 -38.44
N VAL B 84 17.03 -57.25 -38.10
CA VAL B 84 17.07 -56.06 -38.95
C VAL B 84 17.65 -54.92 -38.14
N HIS B 85 18.66 -54.25 -38.70
CA HIS B 85 19.26 -53.08 -38.08
C HIS B 85 18.54 -51.84 -38.60
N GLY B 86 17.84 -51.14 -37.71
CA GLY B 86 17.12 -49.94 -38.09
C GLY B 86 17.63 -48.71 -37.38
N ILE B 87 17.32 -47.54 -37.93
CA ILE B 87 17.69 -46.26 -37.36
C ILE B 87 16.42 -45.52 -36.97
N PHE B 88 16.39 -44.93 -35.77
CA PHE B 88 15.25 -44.14 -35.24
C PHE B 88 15.65 -42.66 -35.14
N ASP B 89 15.30 -41.86 -36.14
CA ASP B 89 15.71 -40.46 -36.22
C ASP B 89 14.65 -39.60 -35.53
N THR B 90 15.08 -38.83 -34.54
CA THR B 90 14.17 -37.94 -33.82
C THR B 90 14.00 -36.65 -34.61
N ALA B 91 13.68 -36.77 -35.90
CA ALA B 91 13.42 -35.61 -36.74
C ALA B 91 12.09 -35.78 -37.48
N ASP B 92 11.80 -37.01 -37.87
CA ASP B 92 10.58 -37.31 -38.62
C ASP B 92 9.75 -38.41 -37.98
N TYR B 93 10.40 -39.37 -37.32
CA TYR B 93 9.66 -40.48 -36.74
C TYR B 93 8.85 -40.04 -35.53
N THR B 94 9.33 -39.07 -34.75
CA THR B 94 8.80 -38.77 -33.44
C THR B 94 8.47 -37.31 -33.18
N LEU B 95 8.90 -36.38 -34.03
CA LEU B 95 8.81 -34.95 -33.72
C LEU B 95 8.13 -34.17 -34.85
N PRO B 96 6.79 -34.14 -34.86
CA PRO B 96 6.08 -33.14 -35.67
C PRO B 96 5.70 -31.90 -34.88
N LEU B 97 5.83 -31.93 -33.56
CA LEU B 97 5.49 -30.81 -32.69
C LEU B 97 6.76 -30.31 -32.02
N GLN B 98 7.05 -29.00 -32.19
CA GLN B 98 8.29 -28.36 -31.67
C GLN B 98 7.92 -27.01 -31.05
N GLY B 99 7.57 -26.95 -29.77
CA GLY B 99 7.02 -25.78 -29.12
C GLY B 99 7.06 -25.95 -27.62
N ASN B 100 5.97 -25.62 -26.92
CA ASN B 100 5.96 -25.71 -25.47
C ASN B 100 6.30 -27.11 -24.99
N SER B 101 5.77 -28.13 -25.65
CA SER B 101 5.94 -29.50 -25.22
C SER B 101 6.44 -30.34 -26.38
N PHE B 102 7.25 -31.35 -26.07
CA PHE B 102 7.73 -32.28 -27.09
C PHE B 102 7.92 -33.65 -26.47
N PHE B 103 7.87 -34.66 -27.33
CA PHE B 103 7.89 -36.06 -26.94
C PHE B 103 9.11 -36.75 -27.55
N VAL B 104 9.86 -37.47 -26.73
CA VAL B 104 10.98 -38.28 -27.17
C VAL B 104 10.65 -39.73 -26.84
N MET B 105 10.51 -40.55 -27.88
CA MET B 105 10.18 -41.95 -27.68
C MET B 105 11.37 -42.72 -27.14
N THR B 106 11.11 -43.51 -26.11
CA THR B 106 12.14 -44.29 -25.44
C THR B 106 11.85 -45.77 -25.45
N ASN B 107 10.74 -46.21 -26.02
CA ASN B 107 10.36 -47.61 -26.03
C ASN B 107 9.11 -47.75 -26.89
N TYR B 108 8.87 -48.96 -27.37
CA TYR B 108 7.72 -49.20 -28.22
C TYR B 108 7.36 -50.67 -28.21
N LEU B 109 6.09 -50.94 -28.47
CA LEU B 109 5.57 -52.29 -28.68
C LEU B 109 4.83 -52.30 -30.00
N LYS B 110 5.41 -52.94 -31.01
CA LYS B 110 4.88 -52.94 -32.36
C LYS B 110 4.27 -54.29 -32.67
N SER B 111 3.04 -54.28 -33.18
CA SER B 111 2.35 -55.47 -33.64
C SER B 111 2.12 -55.34 -35.14
N GLU B 112 2.98 -55.97 -35.93
CA GLU B 112 2.93 -55.83 -37.41
C GLU B 112 1.92 -56.80 -38.00
N GLY B 113 1.21 -56.38 -39.04
CA GLY B 113 0.29 -57.21 -39.78
C GLY B 113 -0.75 -57.89 -38.92
N GLN B 114 -1.64 -57.11 -38.33
CA GLN B 114 -2.73 -57.65 -37.54
C GLN B 114 -3.96 -57.85 -38.42
N GLU B 115 -4.66 -58.95 -38.22
CA GLU B 115 -5.87 -59.28 -38.94
C GLU B 115 -7.00 -59.52 -37.96
N GLN B 116 -8.18 -58.97 -38.26
CA GLN B 116 -9.35 -59.14 -37.40
C GLN B 116 -9.82 -60.58 -37.53
N LYS B 117 -9.51 -61.39 -36.53
CA LYS B 117 -9.88 -62.80 -36.53
C LYS B 117 -9.92 -63.29 -35.09
N LEU B 118 -9.99 -64.61 -34.93
CA LEU B 118 -10.11 -65.23 -33.62
C LEU B 118 -8.75 -65.69 -33.12
N CYS B 119 -8.48 -65.43 -31.85
CA CYS B 119 -7.18 -65.74 -31.25
C CYS B 119 -7.32 -65.64 -29.74
N PRO B 120 -6.37 -66.20 -28.99
CA PRO B 120 -6.39 -66.03 -27.54
C PRO B 120 -6.01 -64.62 -27.12
N GLU B 121 -6.45 -64.25 -25.92
CA GLU B 121 -6.11 -62.96 -25.35
C GLU B 121 -4.82 -63.06 -24.55
N TYR B 122 -4.09 -61.95 -24.50
CA TYR B 122 -2.82 -61.94 -23.78
C TYR B 122 -3.07 -62.12 -22.29
N PRO B 123 -2.27 -62.93 -21.60
CA PRO B 123 -2.45 -63.10 -20.14
C PRO B 123 -1.84 -61.96 -19.33
N SER B 124 -2.60 -60.87 -19.21
CA SER B 124 -2.16 -59.68 -18.50
C SER B 124 -2.94 -59.55 -17.20
N ARG B 125 -2.21 -59.28 -16.12
CA ARG B 125 -2.82 -59.06 -14.81
C ARG B 125 -3.72 -60.23 -14.43
N GLY B 126 -3.26 -61.44 -14.72
CA GLY B 126 -4.01 -62.63 -14.39
C GLY B 126 -5.16 -62.94 -15.34
N LYS B 127 -5.17 -62.37 -16.54
CA LYS B 127 -6.25 -62.62 -17.49
C LYS B 127 -6.12 -64.04 -18.03
N GLN B 128 -6.85 -64.97 -17.42
CA GLN B 128 -6.81 -66.38 -17.82
C GLN B 128 -8.14 -67.00 -17.43
N CYS B 129 -8.28 -68.30 -17.71
CA CYS B 129 -9.49 -69.04 -17.38
C CYS B 129 -9.10 -70.30 -16.62
N HIS B 130 -9.92 -70.67 -15.63
CA HIS B 130 -9.83 -71.97 -15.00
C HIS B 130 -10.71 -73.00 -15.69
N SER B 131 -11.65 -72.57 -16.53
CA SER B 131 -12.54 -73.48 -17.25
C SER B 131 -13.08 -72.74 -18.47
N ASP B 132 -13.56 -73.52 -19.43
CA ASP B 132 -14.11 -72.94 -20.66
C ASP B 132 -15.31 -72.06 -20.36
N GLN B 133 -16.18 -72.50 -19.46
CA GLN B 133 -17.39 -71.75 -19.13
C GLN B 133 -17.10 -70.42 -18.44
N GLY B 134 -15.87 -70.22 -17.96
CA GLY B 134 -15.53 -68.94 -17.33
C GLY B 134 -15.69 -67.76 -18.28
N CYS B 135 -15.22 -67.90 -19.51
CA CYS B 135 -15.32 -66.82 -20.47
C CYS B 135 -16.77 -66.55 -20.84
N ILE B 136 -17.08 -65.28 -21.07
CA ILE B 136 -18.44 -64.84 -21.36
C ILE B 136 -18.57 -64.64 -22.87
N LYS B 137 -19.56 -65.28 -23.47
CA LYS B 137 -19.80 -65.13 -24.90
C LYS B 137 -20.50 -63.82 -25.20
N GLY B 138 -20.08 -63.18 -26.29
CA GLY B 138 -20.72 -61.96 -26.75
C GLY B 138 -20.33 -60.70 -26.00
N TRP B 139 -19.42 -60.81 -25.02
CA TRP B 139 -19.00 -59.68 -24.22
C TRP B 139 -17.53 -59.38 -24.50
N MET B 140 -17.22 -58.11 -24.73
CA MET B 140 -15.86 -57.69 -25.07
C MET B 140 -15.22 -57.05 -23.84
N ASP B 141 -14.06 -57.55 -23.46
CA ASP B 141 -13.36 -57.01 -22.31
C ASP B 141 -12.92 -55.58 -22.59
N PRO B 142 -13.15 -54.64 -21.65
CA PRO B 142 -12.74 -53.26 -21.92
C PRO B 142 -11.24 -53.05 -21.93
N GLN B 143 -10.48 -53.96 -21.34
CA GLN B 143 -9.02 -53.87 -21.37
C GLN B 143 -8.47 -54.48 -22.66
N SER B 144 -8.74 -55.77 -22.87
CA SER B 144 -8.27 -56.43 -24.09
C SER B 144 -8.97 -55.90 -25.33
N LYS B 145 -10.14 -55.28 -25.18
CA LYS B 145 -10.89 -54.73 -26.32
C LYS B 145 -11.16 -55.81 -27.36
N GLY B 146 -11.44 -57.02 -26.90
CA GLY B 146 -11.72 -58.13 -27.79
C GLY B 146 -13.01 -58.83 -27.40
N ILE B 147 -13.81 -59.17 -28.41
CA ILE B 147 -15.10 -59.79 -28.19
C ILE B 147 -14.89 -61.27 -27.89
N GLN B 148 -15.37 -61.70 -26.72
CA GLN B 148 -15.21 -63.09 -26.31
C GLN B 148 -16.28 -63.95 -26.95
N THR B 149 -15.88 -65.16 -27.39
CA THR B 149 -16.79 -66.12 -27.98
C THR B 149 -17.30 -67.15 -26.98
N GLY B 150 -16.95 -67.00 -25.70
CA GLY B 150 -17.36 -67.94 -24.67
C GLY B 150 -16.46 -69.13 -24.49
N ARG B 151 -15.44 -69.29 -25.33
CA ARG B 151 -14.50 -70.39 -25.23
C ARG B 151 -13.16 -69.89 -24.72
N CYS B 152 -12.33 -70.82 -24.24
CA CYS B 152 -11.00 -70.51 -23.74
C CYS B 152 -9.97 -71.24 -24.61
N ILE B 153 -9.07 -70.47 -25.20
CA ILE B 153 -8.01 -71.03 -26.06
C ILE B 153 -6.81 -71.40 -25.19
N PRO B 154 -6.03 -72.41 -25.56
CA PRO B 154 -4.73 -72.64 -24.88
C PRO B 154 -3.65 -71.69 -25.39
N TYR B 155 -3.69 -70.45 -24.89
CA TYR B 155 -2.71 -69.45 -25.30
C TYR B 155 -1.30 -69.96 -25.12
N ASP B 156 -0.99 -70.49 -23.93
CA ASP B 156 0.33 -71.04 -23.64
C ASP B 156 0.15 -72.37 -22.93
N GLN B 157 1.26 -73.07 -22.72
CA GLN B 157 1.21 -74.37 -22.07
C GLN B 157 0.61 -74.25 -20.67
N LYS B 158 1.00 -73.22 -19.92
CA LYS B 158 0.49 -72.99 -18.58
C LYS B 158 -0.19 -71.64 -18.43
N ARG B 159 -0.50 -70.95 -19.53
CA ARG B 159 -1.10 -69.62 -19.50
C ARG B 159 -2.25 -69.53 -20.49
N LYS B 160 -3.13 -70.52 -20.48
CA LYS B 160 -4.31 -70.48 -21.33
C LYS B 160 -5.18 -69.29 -20.97
N THR B 161 -5.73 -68.63 -21.99
CA THR B 161 -6.53 -67.42 -21.82
C THR B 161 -7.82 -67.57 -22.62
N CYS B 162 -8.75 -66.63 -22.39
CA CYS B 162 -10.07 -66.70 -23.00
C CYS B 162 -10.00 -66.43 -24.50
N GLU B 163 -10.81 -67.17 -25.24
CA GLU B 163 -10.94 -66.97 -26.68
C GLU B 163 -11.60 -65.63 -26.96
N ILE B 164 -11.07 -64.91 -27.97
CA ILE B 164 -11.61 -63.61 -28.33
C ILE B 164 -11.47 -63.42 -29.84
N PHE B 165 -12.42 -62.71 -30.43
CA PHE B 165 -12.34 -62.27 -31.81
C PHE B 165 -11.94 -60.80 -31.81
N ALA B 166 -10.73 -60.51 -32.27
CA ALA B 166 -10.21 -59.16 -32.29
C ALA B 166 -9.02 -59.13 -33.25
N TRP B 167 -8.33 -57.99 -33.30
CA TRP B 167 -7.10 -57.93 -34.04
C TRP B 167 -6.10 -58.92 -33.47
N CYS B 168 -5.47 -59.70 -34.34
CA CYS B 168 -4.58 -60.77 -33.92
C CYS B 168 -3.32 -60.78 -34.76
N PRO B 169 -2.18 -61.21 -34.19
CA PRO B 169 -2.00 -61.69 -32.82
C PRO B 169 -2.12 -60.59 -31.76
N ALA B 170 -3.08 -60.75 -30.86
CA ALA B 170 -3.37 -59.73 -29.87
C ALA B 170 -2.23 -59.59 -28.88
N GLU B 171 -1.84 -58.34 -28.60
CA GLU B 171 -0.78 -58.05 -27.65
C GLU B 171 -1.23 -57.05 -26.58
N GLU B 172 -2.52 -56.75 -26.50
CA GLU B 172 -3.00 -55.81 -25.51
C GLU B 172 -2.66 -56.31 -24.11
N GLY B 173 -2.23 -55.39 -23.25
CA GLY B 173 -1.79 -55.73 -21.92
C GLY B 173 -0.35 -56.19 -21.82
N LYS B 174 0.35 -56.30 -22.94
CA LYS B 174 1.75 -56.70 -22.92
C LYS B 174 2.60 -55.64 -22.25
N GLU B 175 3.50 -56.08 -21.38
CA GLU B 175 4.34 -55.17 -20.64
C GLU B 175 5.38 -54.53 -21.55
N ALA B 176 5.80 -53.32 -21.18
CA ALA B 176 6.81 -52.61 -21.94
C ALA B 176 8.13 -53.35 -21.88
N PRO B 177 8.85 -53.50 -22.99
CA PRO B 177 10.11 -54.24 -22.97
C PRO B 177 11.12 -53.65 -22.00
N ARG B 178 11.86 -54.54 -21.34
CA ARG B 178 12.88 -54.18 -20.39
C ARG B 178 14.15 -54.94 -20.74
N PRO B 179 15.28 -54.26 -20.99
CA PRO B 179 15.50 -52.82 -20.96
C PRO B 179 14.91 -52.06 -22.14
N ALA B 180 14.69 -50.76 -21.95
CA ALA B 180 14.09 -49.96 -22.99
C ALA B 180 14.88 -50.04 -24.28
N LEU B 181 14.17 -50.17 -25.39
CA LEU B 181 14.82 -50.28 -26.69
C LEU B 181 15.62 -49.04 -27.03
N LEU B 182 15.02 -47.87 -26.84
CA LEU B 182 15.69 -46.60 -27.14
C LEU B 182 16.26 -45.96 -25.87
N ARG B 183 17.24 -46.65 -25.28
CA ARG B 183 17.97 -46.06 -24.16
C ARG B 183 18.91 -44.96 -24.65
N SER B 184 19.35 -45.07 -25.90
CA SER B 184 20.27 -44.11 -26.49
C SER B 184 19.66 -42.73 -26.61
N ALA B 185 18.38 -42.60 -26.27
CA ALA B 185 17.72 -41.30 -26.27
C ALA B 185 18.27 -40.39 -25.19
N GLU B 186 18.96 -40.93 -24.18
CA GLU B 186 19.58 -40.08 -23.18
C GLU B 186 20.74 -39.27 -23.75
N ASN B 187 21.25 -39.70 -24.90
CA ASN B 187 22.32 -39.00 -25.59
C ASN B 187 21.80 -37.96 -26.57
N PHE B 188 20.49 -37.87 -26.75
CA PHE B 188 19.91 -36.87 -27.63
C PHE B 188 20.02 -35.49 -27.00
N THR B 189 19.95 -34.48 -27.87
CA THR B 189 20.04 -33.09 -27.45
C THR B 189 18.83 -32.33 -27.97
N VAL B 190 18.39 -31.35 -27.19
CA VAL B 190 17.30 -30.46 -27.57
C VAL B 190 17.79 -29.03 -27.47
N LEU B 191 17.57 -28.28 -28.54
CA LEU B 191 17.83 -26.85 -28.57
C LEU B 191 16.52 -26.11 -28.36
N ILE B 192 16.47 -25.27 -27.34
CA ILE B 192 15.28 -24.51 -26.98
C ILE B 192 15.52 -23.05 -27.32
N LYS B 193 14.68 -22.51 -28.19
CA LYS B 193 14.64 -21.09 -28.49
C LYS B 193 13.40 -20.50 -27.82
N ASN B 194 13.63 -19.54 -26.93
CA ASN B 194 12.57 -18.95 -26.13
C ASN B 194 12.54 -17.44 -26.35
N ASN B 195 11.41 -16.95 -26.83
CA ASN B 195 11.15 -15.54 -27.04
C ASN B 195 10.12 -15.07 -26.03
N ILE B 196 10.46 -14.03 -25.27
CA ILE B 196 9.55 -13.46 -24.29
C ILE B 196 9.30 -12.00 -24.62
N ASP B 197 8.24 -11.46 -24.00
CA ASP B 197 7.88 -10.07 -24.16
C ASP B 197 7.17 -9.62 -22.89
N PHE B 198 7.40 -8.37 -22.51
CA PHE B 198 6.62 -7.72 -21.47
C PHE B 198 5.81 -6.63 -22.15
N PRO B 199 4.56 -6.90 -22.53
CA PRO B 199 3.84 -5.96 -23.42
C PRO B 199 3.66 -4.57 -22.83
N GLY B 200 3.43 -4.48 -21.52
CA GLY B 200 3.31 -3.18 -20.88
C GLY B 200 4.59 -2.39 -20.91
N HIS B 201 5.71 -3.04 -20.61
CA HIS B 201 7.01 -2.38 -20.64
C HIS B 201 7.57 -2.27 -22.05
N ASN B 202 6.93 -2.90 -23.04
CA ASN B 202 7.37 -2.82 -24.43
C ASN B 202 8.82 -3.30 -24.56
N TYR B 203 9.07 -4.46 -23.96
CA TYR B 203 10.39 -5.08 -23.98
C TYR B 203 10.29 -6.52 -24.44
N THR B 204 11.16 -6.89 -25.36
CA THR B 204 11.26 -8.26 -25.82
C THR B 204 12.72 -8.65 -25.91
N THR B 205 13.00 -9.91 -25.56
CA THR B 205 14.34 -10.47 -25.64
C THR B 205 14.21 -11.96 -25.92
N ARG B 206 15.35 -12.62 -26.09
CA ARG B 206 15.40 -14.03 -26.40
C ARG B 206 16.56 -14.66 -25.65
N ASN B 207 16.51 -15.98 -25.54
CA ASN B 207 17.49 -16.72 -24.76
C ASN B 207 18.77 -17.01 -25.52
N ILE B 208 18.82 -16.73 -26.81
CA ILE B 208 20.02 -16.88 -27.62
C ILE B 208 20.33 -15.52 -28.21
N LEU B 209 21.56 -15.07 -28.02
CA LEU B 209 21.99 -13.74 -28.43
C LEU B 209 23.26 -13.88 -29.25
N PRO B 210 23.58 -12.87 -30.07
CA PRO B 210 24.79 -12.95 -30.89
C PRO B 210 26.03 -13.15 -30.03
N GLY B 211 26.94 -13.97 -30.52
CA GLY B 211 28.15 -14.26 -29.80
C GLY B 211 28.05 -15.37 -28.80
N MET B 212 27.14 -16.31 -28.99
CA MET B 212 26.97 -17.45 -28.11
C MET B 212 27.59 -18.70 -28.71
N ASN B 213 28.20 -19.52 -27.85
CA ASN B 213 28.80 -20.77 -28.30
C ASN B 213 27.72 -21.72 -28.79
N ILE B 214 28.02 -22.41 -29.89
CA ILE B 214 27.12 -23.39 -30.47
C ILE B 214 27.47 -24.80 -30.03
N SER B 215 28.76 -25.11 -29.95
CA SER B 215 29.20 -26.43 -29.52
C SER B 215 28.94 -26.69 -28.05
N CYS B 216 28.53 -25.66 -27.30
CA CYS B 216 28.26 -25.81 -25.88
C CYS B 216 27.05 -26.71 -25.65
N THR B 217 27.03 -27.31 -24.46
CA THR B 217 25.88 -28.01 -23.94
C THR B 217 25.67 -27.53 -22.51
N PHE B 218 24.40 -27.45 -22.09
CA PHE B 218 24.07 -26.83 -20.82
C PHE B 218 24.76 -27.53 -19.66
N HIS B 219 25.38 -26.73 -18.80
CA HIS B 219 25.80 -27.17 -17.48
C HIS B 219 25.45 -26.07 -16.51
N LYS B 220 25.02 -26.46 -15.31
CA LYS B 220 24.50 -25.49 -14.36
C LYS B 220 25.59 -24.52 -13.88
N THR B 221 26.85 -24.93 -13.92
CA THR B 221 27.97 -24.06 -13.60
C THR B 221 28.76 -23.65 -14.83
N TRP B 222 29.26 -24.61 -15.62
CA TRP B 222 30.19 -24.32 -16.74
C TRP B 222 29.48 -23.56 -17.86
N ASN B 223 28.29 -24.00 -18.28
CA ASN B 223 27.53 -23.40 -19.37
C ASN B 223 26.08 -23.20 -18.93
N PRO B 224 25.84 -22.28 -18.00
CA PRO B 224 24.49 -22.11 -17.47
C PRO B 224 23.52 -21.42 -18.42
N GLN B 225 24.01 -20.94 -19.57
CA GLN B 225 23.19 -20.21 -20.52
C GLN B 225 23.09 -20.87 -21.87
N CYS B 226 23.71 -22.03 -22.06
CA CYS B 226 23.60 -22.74 -23.32
C CYS B 226 22.22 -23.37 -23.40
N PRO B 227 21.42 -23.08 -24.42
CA PRO B 227 20.07 -23.63 -24.48
C PRO B 227 20.01 -24.99 -25.17
N ILE B 228 21.15 -25.66 -25.26
CA ILE B 228 21.22 -27.02 -25.79
C ILE B 228 21.38 -27.96 -24.61
N PHE B 229 20.46 -28.91 -24.49
CA PHE B 229 20.35 -29.78 -23.33
C PHE B 229 20.47 -31.23 -23.76
N ARG B 230 21.33 -31.98 -23.09
CA ARG B 230 21.34 -33.43 -23.20
C ARG B 230 20.33 -34.01 -22.22
N LEU B 231 19.48 -34.90 -22.72
CA LEU B 231 18.36 -35.39 -21.92
C LEU B 231 18.85 -36.18 -20.71
N GLY B 232 19.86 -37.02 -20.90
CA GLY B 232 20.44 -37.72 -19.77
C GLY B 232 20.97 -36.78 -18.72
N ASP B 233 21.57 -35.67 -19.15
CA ASP B 233 22.02 -34.66 -18.19
C ASP B 233 20.84 -34.02 -17.48
N ILE B 234 19.74 -33.78 -18.19
CA ILE B 234 18.54 -33.25 -17.57
C ILE B 234 18.10 -34.16 -16.44
N PHE B 235 18.16 -35.47 -16.67
CA PHE B 235 17.72 -36.41 -15.64
C PHE B 235 18.73 -36.53 -14.51
N GLN B 236 20.02 -36.53 -14.83
CA GLN B 236 21.05 -36.64 -13.81
C GLN B 236 21.06 -35.44 -12.88
N GLU B 237 20.79 -34.25 -13.40
CA GLU B 237 20.82 -33.05 -12.59
C GLU B 237 19.84 -33.09 -11.43
N ILE B 238 18.79 -33.91 -11.52
CA ILE B 238 17.75 -33.95 -10.50
C ILE B 238 17.60 -35.35 -9.91
N GLY B 239 18.60 -36.21 -10.11
CA GLY B 239 18.57 -37.53 -9.51
C GLY B 239 17.49 -38.43 -10.04
N GLU B 240 17.30 -38.45 -11.35
CA GLU B 240 16.34 -39.34 -12.00
C GLU B 240 17.11 -40.31 -12.89
N ASN B 241 16.69 -41.57 -12.90
CA ASN B 241 17.32 -42.61 -13.69
C ASN B 241 16.64 -42.68 -15.05
N PHE B 242 17.35 -42.24 -16.09
CA PHE B 242 16.78 -42.26 -17.43
C PHE B 242 16.52 -43.67 -17.90
N THR B 243 17.40 -44.61 -17.55
CA THR B 243 17.23 -45.99 -18.00
C THR B 243 15.91 -46.58 -17.49
N GLU B 244 15.57 -46.31 -16.24
CA GLU B 244 14.32 -46.82 -15.68
C GLU B 244 13.11 -46.06 -16.21
N VAL B 245 13.20 -44.72 -16.30
CA VAL B 245 12.09 -43.93 -16.78
C VAL B 245 11.77 -44.26 -18.23
N ALA B 246 12.78 -44.67 -18.99
CA ALA B 246 12.59 -44.98 -20.40
C ALA B 246 11.67 -46.17 -20.62
N VAL B 247 11.55 -47.05 -19.64
CA VAL B 247 10.79 -48.29 -19.84
C VAL B 247 9.30 -48.00 -19.98
N GLN B 248 8.75 -47.22 -19.04
CA GLN B 248 7.34 -46.88 -19.06
C GLN B 248 7.08 -45.45 -19.48
N GLY B 249 8.08 -44.59 -19.45
CA GLY B 249 7.93 -43.21 -19.84
C GLY B 249 7.73 -42.29 -18.67
N GLY B 250 7.52 -41.03 -19.01
CA GLY B 250 7.37 -40.02 -17.98
C GLY B 250 7.10 -38.66 -18.58
N ILE B 251 7.07 -37.67 -17.69
CA ILE B 251 6.92 -36.28 -18.05
C ILE B 251 7.95 -35.49 -17.28
N MET B 252 8.75 -34.71 -17.99
CA MET B 252 9.79 -33.89 -17.38
C MET B 252 9.57 -32.43 -17.73
N GLY B 253 9.83 -31.57 -16.76
CA GLY B 253 9.70 -30.14 -16.95
C GLY B 253 11.02 -29.44 -17.09
N ILE B 254 11.13 -28.62 -18.11
CA ILE B 254 12.26 -27.70 -18.29
C ILE B 254 11.71 -26.31 -17.96
N GLU B 255 12.00 -25.84 -16.76
CA GLU B 255 11.51 -24.57 -16.30
C GLU B 255 12.49 -23.47 -16.70
N ILE B 256 11.96 -22.42 -17.31
CA ILE B 256 12.75 -21.26 -17.70
C ILE B 256 12.21 -20.07 -16.93
N TYR B 257 13.02 -19.54 -16.03
CA TYR B 257 12.64 -18.45 -15.17
C TYR B 257 13.31 -17.17 -15.66
N TRP B 258 12.50 -16.15 -15.87
CA TRP B 258 12.97 -14.84 -16.29
C TRP B 258 12.72 -13.85 -15.16
N ASP B 259 13.75 -13.60 -14.35
CA ASP B 259 13.74 -12.50 -13.38
C ASP B 259 14.47 -11.36 -14.06
N CYS B 260 13.70 -10.43 -14.62
CA CYS B 260 14.22 -9.43 -15.54
C CYS B 260 14.02 -8.05 -14.95
N ASN B 261 15.10 -7.27 -14.91
CA ASN B 261 15.06 -5.88 -14.47
C ASN B 261 15.28 -5.01 -15.70
N LEU B 262 14.28 -4.21 -16.03
CA LEU B 262 14.28 -3.44 -17.26
C LEU B 262 14.73 -2.01 -17.06
N ASP B 263 15.17 -1.66 -15.86
CA ASP B 263 15.75 -0.36 -15.60
C ASP B 263 17.14 -0.27 -16.21
N SER B 264 17.44 0.88 -16.81
CA SER B 264 18.70 1.04 -17.54
C SER B 264 19.90 0.87 -16.63
N TRP B 265 19.84 1.44 -15.43
CA TRP B 265 20.99 1.43 -14.54
C TRP B 265 21.22 0.08 -13.87
N SER B 266 20.26 -0.82 -13.93
CA SER B 266 20.37 -2.13 -13.31
C SER B 266 19.81 -3.20 -14.24
N HIS B 267 19.99 -3.00 -15.54
CA HIS B 267 19.36 -3.88 -16.51
C HIS B 267 19.93 -5.29 -16.43
N ARG B 268 19.03 -6.26 -16.37
CA ARG B 268 19.42 -7.67 -16.35
C ARG B 268 18.21 -8.48 -16.75
N CYS B 269 18.29 -9.19 -17.87
CA CYS B 269 17.20 -10.05 -18.33
C CYS B 269 17.85 -11.29 -18.93
N GLN B 270 18.03 -12.31 -18.10
CA GLN B 270 18.64 -13.56 -18.46
C GLN B 270 17.74 -14.71 -18.00
N PRO B 271 17.76 -15.84 -18.70
CA PRO B 271 17.00 -17.00 -18.24
C PRO B 271 17.79 -17.93 -17.34
N LYS B 272 17.07 -18.50 -16.38
CA LYS B 272 17.58 -19.53 -15.49
C LYS B 272 16.84 -20.82 -15.78
N TYR B 273 17.59 -21.88 -16.06
CA TYR B 273 17.02 -23.16 -16.44
C TYR B 273 17.05 -24.12 -15.26
N SER B 274 15.93 -24.79 -15.03
CA SER B 274 15.78 -25.76 -13.97
C SER B 274 14.89 -26.88 -14.46
N PHE B 275 14.96 -28.02 -13.78
CA PHE B 275 14.31 -29.23 -14.21
C PHE B 275 13.53 -29.85 -13.05
N ARG B 276 12.42 -30.48 -13.39
CA ARG B 276 11.49 -31.01 -12.42
C ARG B 276 10.67 -32.12 -13.08
N ARG B 277 10.68 -33.29 -12.47
CA ARG B 277 9.82 -34.37 -12.93
C ARG B 277 8.37 -34.02 -12.60
N LEU B 278 7.49 -34.18 -13.59
CA LEU B 278 6.10 -33.76 -13.46
C LEU B 278 5.14 -34.90 -13.24
N ASP B 279 5.44 -36.08 -13.79
CA ASP B 279 4.67 -37.26 -13.47
C ASP B 279 5.04 -37.78 -12.09
N ASP B 280 4.11 -38.48 -11.46
CA ASP B 280 4.38 -39.09 -10.17
C ASP B 280 5.12 -40.40 -10.35
N LYS B 281 6.27 -40.51 -9.69
CA LYS B 281 7.06 -41.74 -9.76
C LYS B 281 6.29 -42.93 -9.21
N TYR B 282 5.55 -42.72 -8.13
CA TYR B 282 4.84 -43.78 -7.43
C TYR B 282 3.36 -43.82 -7.77
N THR B 283 3.02 -43.54 -9.03
CA THR B 283 1.65 -43.64 -9.48
C THR B 283 1.17 -45.08 -9.35
N ASN B 284 -0.07 -45.23 -8.90
CA ASN B 284 -0.65 -46.56 -8.76
C ASN B 284 -0.81 -47.22 -10.12
N GLU B 285 -0.62 -48.54 -10.15
CA GLU B 285 -0.69 -49.27 -11.41
C GLU B 285 -2.02 -49.12 -12.11
N SER B 286 -3.07 -48.75 -11.38
CA SER B 286 -4.40 -48.56 -11.95
C SER B 286 -4.62 -47.16 -12.47
N LEU B 287 -3.64 -46.26 -12.31
CA LEU B 287 -3.75 -44.89 -12.77
C LEU B 287 -2.85 -44.61 -13.97
N PHE B 288 -2.40 -45.66 -14.66
CA PHE B 288 -1.66 -45.52 -15.91
C PHE B 288 -0.36 -44.79 -15.69
N PRO B 289 0.59 -45.40 -14.98
CA PRO B 289 1.89 -44.78 -14.77
C PRO B 289 2.64 -44.58 -16.08
N GLY B 290 3.47 -43.54 -16.10
CA GLY B 290 4.29 -43.27 -17.25
C GLY B 290 3.68 -42.29 -18.21
N TYR B 291 4.03 -42.50 -19.48
CA TYR B 291 3.51 -41.73 -20.60
C TYR B 291 3.60 -42.60 -21.84
N ASN B 292 2.47 -42.78 -22.52
CA ASN B 292 2.43 -43.58 -23.72
C ASN B 292 1.23 -43.16 -24.54
N PHE B 293 1.19 -43.64 -25.77
CA PHE B 293 0.04 -43.46 -26.64
C PHE B 293 0.06 -44.56 -27.68
N ARG B 294 -1.12 -44.90 -28.18
CA ARG B 294 -1.29 -45.89 -29.22
C ARG B 294 -1.70 -45.19 -30.51
N TYR B 295 -1.05 -45.56 -31.61
CA TYR B 295 -1.42 -45.09 -32.93
C TYR B 295 -1.34 -46.26 -33.89
N ALA B 296 -2.26 -46.29 -34.84
CA ALA B 296 -2.39 -47.40 -35.77
C ALA B 296 -2.22 -46.93 -37.20
N LYS B 297 -1.74 -47.83 -38.05
CA LYS B 297 -1.62 -47.60 -39.48
C LYS B 297 -2.31 -48.75 -40.20
N TYR B 298 -3.44 -48.48 -40.85
CA TYR B 298 -4.24 -49.54 -41.52
C TYR B 298 -3.78 -49.71 -42.97
N TYR B 299 -3.54 -50.96 -43.40
CA TYR B 299 -3.09 -51.28 -44.78
C TYR B 299 -3.68 -52.63 -45.19
N LYS B 300 -4.12 -52.78 -46.45
CA LYS B 300 -4.70 -54.05 -46.95
C LYS B 300 -3.58 -54.90 -47.56
N GLU B 301 -3.35 -56.11 -47.02
CA GLU B 301 -2.26 -57.01 -47.50
C GLU B 301 -2.87 -58.34 -47.96
N ASN B 302 -2.53 -58.80 -49.17
CA ASN B 302 -3.03 -60.08 -49.73
C ASN B 302 -4.55 -60.01 -49.91
N GLY B 303 -5.10 -58.80 -50.08
CA GLY B 303 -6.55 -58.61 -50.24
C GLY B 303 -7.28 -58.65 -48.91
N MET B 304 -6.55 -58.77 -47.80
CA MET B 304 -7.13 -58.85 -46.43
C MET B 304 -6.73 -57.60 -45.65
N GLU B 305 -7.71 -56.78 -45.25
CA GLU B 305 -7.44 -55.52 -44.48
C GLU B 305 -6.62 -55.87 -43.24
N LYS B 306 -5.47 -55.22 -43.04
CA LYS B 306 -4.59 -55.45 -41.87
C LYS B 306 -4.38 -54.13 -41.13
N ARG B 307 -3.78 -54.17 -39.94
CA ARG B 307 -3.49 -52.94 -39.14
C ARG B 307 -2.20 -53.10 -38.36
N THR B 308 -1.28 -52.15 -38.46
CA THR B 308 -0.05 -52.14 -37.68
C THR B 308 -0.27 -51.22 -36.48
N LEU B 309 -0.15 -51.78 -35.28
CA LEU B 309 -0.35 -51.02 -34.05
C LEU B 309 0.98 -50.83 -33.34
N ILE B 310 1.22 -49.61 -32.88
CA ILE B 310 2.44 -49.26 -32.16
C ILE B 310 2.03 -48.56 -30.88
N LYS B 311 2.43 -49.12 -29.74
CA LYS B 311 2.30 -48.45 -28.46
C LYS B 311 3.66 -47.87 -28.11
N ALA B 312 3.74 -46.55 -28.09
CA ALA B 312 4.99 -45.84 -27.87
C ALA B 312 5.05 -45.34 -26.44
N PHE B 313 6.14 -45.67 -25.77
CA PHE B 313 6.46 -45.13 -24.46
C PHE B 313 7.57 -44.11 -24.61
N GLY B 314 7.49 -43.04 -23.84
CA GLY B 314 8.51 -42.04 -23.91
C GLY B 314 8.37 -41.00 -22.84
N VAL B 315 9.16 -39.96 -22.96
CA VAL B 315 9.18 -38.85 -22.02
C VAL B 315 8.66 -37.62 -22.75
N ARG B 316 7.58 -37.05 -22.25
CA ARG B 316 7.10 -35.77 -22.71
C ARG B 316 7.78 -34.68 -21.90
N PHE B 317 8.44 -33.76 -22.59
CA PHE B 317 9.10 -32.64 -21.95
C PHE B 317 8.22 -31.41 -22.10
N ASP B 318 7.86 -30.83 -20.97
CA ASP B 318 7.02 -29.64 -20.92
C ASP B 318 7.90 -28.47 -20.53
N ILE B 319 8.04 -27.52 -21.45
CA ILE B 319 8.85 -26.33 -21.21
C ILE B 319 7.94 -25.29 -20.57
N LEU B 320 8.27 -24.92 -19.35
CA LEU B 320 7.46 -24.02 -18.54
C LEU B 320 8.22 -22.72 -18.38
N VAL B 321 7.72 -21.65 -19.00
CA VAL B 321 8.37 -20.35 -18.98
C VAL B 321 7.53 -19.41 -18.16
N PHE B 322 8.14 -18.80 -17.15
CA PHE B 322 7.47 -17.93 -16.22
C PHE B 322 8.45 -16.85 -15.79
N GLY B 323 7.90 -15.72 -15.38
CA GLY B 323 8.73 -14.64 -14.88
C GLY B 323 8.02 -13.31 -14.97
N THR B 324 8.68 -12.31 -14.41
CA THR B 324 8.16 -10.95 -14.35
C THR B 324 9.25 -9.98 -14.72
N GLY B 325 8.85 -8.83 -15.24
CA GLY B 325 9.76 -7.77 -15.63
C GLY B 325 9.38 -6.47 -14.94
N GLY B 326 10.32 -5.92 -14.20
CA GLY B 326 10.10 -4.71 -13.42
C GLY B 326 10.75 -3.51 -14.07
N LYS B 327 10.06 -2.38 -13.97
CA LYS B 327 10.54 -1.09 -14.43
C LYS B 327 10.06 -0.04 -13.45
N PHE B 328 10.89 0.95 -13.21
CA PHE B 328 10.56 1.99 -12.24
C PHE B 328 9.22 2.64 -12.57
N ASP B 329 8.37 2.74 -11.55
CA ASP B 329 7.09 3.43 -11.63
C ASP B 329 7.01 4.43 -10.49
N ILE B 330 6.71 5.68 -10.81
CA ILE B 330 6.67 6.72 -9.80
C ILE B 330 5.48 6.52 -8.87
N ILE B 331 4.35 6.06 -9.41
CA ILE B 331 3.16 5.87 -8.59
C ILE B 331 3.39 4.80 -7.54
N GLN B 332 4.06 3.72 -7.91
CA GLN B 332 4.36 2.66 -6.95
C GLN B 332 5.26 3.17 -5.83
N LEU B 333 6.28 3.95 -6.18
CA LEU B 333 7.17 4.51 -5.18
C LEU B 333 6.42 5.46 -4.24
N VAL B 334 5.56 6.30 -4.81
CA VAL B 334 4.76 7.21 -4.00
C VAL B 334 3.88 6.44 -3.03
N VAL B 335 3.24 5.39 -3.52
CA VAL B 335 2.37 4.58 -2.67
C VAL B 335 3.17 3.91 -1.56
N TYR B 336 4.34 3.37 -1.88
CA TYR B 336 5.15 2.72 -0.86
C TYR B 336 5.61 3.71 0.20
N ILE B 337 6.05 4.89 -0.22
CA ILE B 337 6.50 5.90 0.73
C ILE B 337 5.34 6.35 1.61
N GLY B 338 4.17 6.56 1.03
CA GLY B 338 3.01 6.91 1.82
C GLY B 338 2.66 5.84 2.83
N SER B 339 2.75 4.58 2.43
CA SER B 339 2.49 3.48 3.34
C SER B 339 3.46 3.47 4.50
N THR B 340 4.74 3.74 4.23
CA THR B 340 5.77 3.64 5.25
C THR B 340 5.97 4.92 6.05
N LEU B 341 5.30 6.03 5.69
CA LEU B 341 5.55 7.29 6.38
C LEU B 341 5.12 7.23 7.83
N SER B 342 4.00 6.58 8.13
CA SER B 342 3.47 6.56 9.48
C SER B 342 4.39 5.84 10.46
N TYR B 343 5.37 5.08 9.97
CA TYR B 343 6.28 4.38 10.84
C TYR B 343 7.31 5.29 11.49
N PHE B 344 7.44 6.52 11.01
CA PHE B 344 8.38 7.48 11.56
C PHE B 344 7.84 8.18 12.81
N GLY B 345 6.60 7.92 13.19
CA GLY B 345 6.09 8.31 14.48
C GLY B 345 6.36 7.33 15.59
N LEU B 346 7.15 6.30 15.30
CA LEU B 346 7.49 5.31 16.31
C LEU B 346 8.27 5.93 17.46
N ALA B 347 9.23 6.80 17.14
CA ALA B 347 10.00 7.46 18.18
C ALA B 347 9.10 8.29 19.08
N THR B 348 8.19 9.05 18.47
CA THR B 348 7.25 9.84 19.25
C THR B 348 6.41 8.96 20.15
N VAL B 349 5.86 7.88 19.60
CA VAL B 349 4.99 7.00 20.38
C VAL B 349 5.76 6.42 21.55
N CYS B 350 6.96 5.90 21.29
CA CYS B 350 7.73 5.25 22.34
C CYS B 350 8.12 6.22 23.44
N ILE B 351 8.65 7.39 23.07
CA ILE B 351 9.13 8.32 24.08
C ILE B 351 7.98 8.93 24.86
N ASP B 352 6.86 9.22 24.20
CA ASP B 352 5.69 9.71 24.91
C ASP B 352 5.16 8.66 25.87
N LEU B 353 5.17 7.39 25.47
CA LEU B 353 4.75 6.33 26.37
C LEU B 353 5.68 6.24 27.57
N ILE B 354 6.99 6.38 27.35
CA ILE B 354 7.95 6.39 28.45
C ILE B 354 7.63 7.53 29.42
N ILE B 355 7.41 8.74 28.87
CA ILE B 355 7.11 9.89 29.71
C ILE B 355 5.85 9.65 30.53
N ASN B 356 4.81 9.13 29.88
CA ASN B 356 3.55 8.90 30.58
C ASN B 356 3.70 7.86 31.67
N THR B 357 4.40 6.76 31.37
CA THR B 357 4.55 5.69 32.35
C THR B 357 5.36 6.15 33.56
N TYR B 358 6.48 6.82 33.32
CA TYR B 358 7.36 7.21 34.40
C TYR B 358 6.90 8.48 35.11
N ALA B 359 5.77 9.04 34.70
CA ALA B 359 5.21 10.21 35.35
C ALA B 359 4.22 9.81 36.42
N SER B 360 3.94 8.51 36.50
CA SER B 360 2.98 7.98 37.44
C SER B 360 3.55 8.06 38.91
N THR B 361 2.67 8.13 39.90
CA THR B 361 3.07 8.20 41.30
C THR B 361 3.28 6.78 41.85
N CYS B 362 3.04 5.78 41.02
CA CYS B 362 3.18 4.40 41.39
C CYS B 362 4.62 3.90 41.35
N CYS B 363 5.42 4.57 40.54
CA CYS B 363 6.78 4.20 40.33
C CYS B 363 7.71 4.63 41.45
N ARG B 364 7.34 5.75 42.05
CA ARG B 364 8.09 6.32 43.16
C ARG B 364 7.82 5.56 44.45
N SER B 365 6.78 4.73 44.43
CA SER B 365 6.35 3.99 45.61
C SER B 365 6.71 2.52 45.58
N ARG B 366 6.84 1.93 44.41
CA ARG B 366 7.11 0.51 44.27
C ARG B 366 8.33 0.20 43.41
N VAL B 367 8.57 0.99 42.37
CA VAL B 367 9.63 0.67 41.42
C VAL B 367 10.97 1.22 41.92
N TYR B 368 11.04 2.53 42.13
CA TYR B 368 12.31 3.13 42.53
C TYR B 368 12.82 2.58 43.85
N PRO B 369 12.02 2.46 44.91
CA PRO B 369 12.53 1.86 46.14
C PRO B 369 13.08 0.45 45.93
N SER B 370 12.40 -0.36 45.11
CA SER B 370 12.91 -1.68 44.80
C SER B 370 14.15 -1.61 43.92
N CYS B 371 14.10 -0.82 42.86
CA CYS B 371 15.22 -0.67 41.92
C CYS B 371 15.69 0.79 41.97
N LYS B 372 16.89 0.99 42.51
CA LYS B 372 17.44 2.33 42.66
C LYS B 372 18.13 2.83 41.40
N CYS B 373 18.19 2.03 40.35
CA CYS B 373 18.82 2.43 39.10
C CYS B 373 17.82 3.20 38.24
N CYS B 374 16.57 3.24 38.70
CA CYS B 374 15.51 3.87 37.97
C CYS B 374 15.06 5.20 38.55
N GLU B 375 15.81 5.64 39.56
CA GLU B 375 15.56 6.90 40.22
C GLU B 375 15.67 8.11 39.29
N PRO B 376 16.68 8.12 38.40
CA PRO B 376 16.83 9.31 37.56
C PRO B 376 15.82 9.40 36.43
N CYS B 377 14.84 8.50 36.42
CA CYS B 377 13.76 8.55 35.48
C CYS B 377 12.50 9.18 36.06
N ALA B 378 12.73 9.99 37.08
CA ALA B 378 11.66 10.70 37.78
C ALA B 378 11.48 12.09 37.21
N VAL B 379 12.39 12.48 36.31
CA VAL B 379 12.26 13.74 35.59
C VAL B 379 11.11 13.69 34.61
N ASN B 380 10.59 12.49 34.34
CA ASN B 380 9.42 12.30 33.45
C ASN B 380 8.20 12.99 34.05
N GLU B 381 8.16 13.14 35.37
CA GLU B 381 7.05 13.86 36.06
C GLU B 381 7.13 15.34 35.66
N TYR B 382 8.34 15.91 35.59
CA TYR B 382 8.55 17.31 35.14
C TYR B 382 8.22 17.42 33.65
N TYR B 383 8.60 16.41 32.85
CA TYR B 383 8.34 16.37 31.39
C TYR B 383 6.85 16.24 31.14
N TYR B 384 6.12 15.55 32.01
CA TYR B 384 4.67 15.29 31.84
C TYR B 384 3.83 16.48 32.30
N ARG B 385 4.31 17.30 33.25
CA ARG B 385 3.58 18.51 33.70
C ARG B 385 3.82 19.61 32.67
N LYS B 386 4.96 19.60 32.00
CA LYS B 386 5.31 20.58 30.95
C LYS B 386 4.59 20.19 29.66
N LYS B 387 4.09 18.95 29.55
CA LYS B 387 3.48 18.47 28.33
C LYS B 387 1.95 18.44 28.36
N CYS B 388 1.34 18.06 29.48
CA CYS B 388 -0.09 17.86 29.55
C CYS B 388 -0.77 18.83 30.50
N GLU B 389 -1.97 19.25 30.13
CA GLU B 389 -2.83 20.11 30.95
C GLU B 389 -4.17 19.43 31.13
N PRO B 390 -4.34 18.65 32.20
CA PRO B 390 -5.63 18.02 32.44
C PRO B 390 -6.72 19.04 32.71
N ILE B 391 -7.93 18.74 32.19
CA ILE B 391 -9.10 19.56 32.44
C ILE B 391 -10.29 18.62 32.61
N VAL B 392 -11.37 19.16 33.16
CA VAL B 392 -12.56 18.39 33.49
C VAL B 392 -13.73 18.96 32.71
N GLU B 393 -14.68 18.09 32.37
CA GLU B 393 -15.89 18.53 31.72
C GLU B 393 -16.66 19.48 32.63
N PRO B 394 -16.96 20.69 32.19
CA PRO B 394 -17.69 21.63 33.07
C PRO B 394 -19.19 21.37 33.07
N LYS B 395 -19.59 20.31 33.74
CA LYS B 395 -20.99 19.96 33.85
C LYS B 395 -21.64 20.66 35.04
N PRO B 396 -22.97 20.78 35.03
CA PRO B 396 -23.64 21.54 36.10
C PRO B 396 -23.37 21.00 37.49
N THR B 397 -23.24 19.69 37.63
CA THR B 397 -23.02 19.09 38.95
C THR B 397 -21.60 19.31 39.45
N LEU B 398 -20.73 19.91 38.65
CA LEU B 398 -19.35 20.12 39.06
C LEU B 398 -19.25 21.15 40.16
N LYS B 399 -18.52 20.82 41.21
CA LYS B 399 -18.29 21.68 42.34
C LYS B 399 -16.91 21.39 42.88
N TYR B 400 -16.25 22.42 43.40
CA TYR B 400 -14.96 22.30 44.04
C TYR B 400 -15.05 22.85 45.45
N VAL B 401 -14.38 22.18 46.37
CA VAL B 401 -14.46 22.47 47.79
C VAL B 401 -13.06 22.51 48.37
N SER B 402 -12.83 23.45 49.28
CA SER B 402 -11.53 23.61 49.93
C SER B 402 -11.78 23.77 51.42
N PHE B 403 -10.99 23.07 52.22
CA PHE B 403 -11.06 23.14 53.67
C PHE B 403 -9.72 23.64 54.20
N VAL B 404 -9.79 24.68 55.02
CA VAL B 404 -8.57 25.34 55.48
C VAL B 404 -7.73 24.43 56.37
N ASP B 405 -8.32 23.35 56.87
CA ASP B 405 -7.61 22.38 57.69
C ASP B 405 -7.03 21.23 56.88
N GLU B 406 -7.09 21.32 55.56
CA GLU B 406 -6.55 20.31 54.66
C GLU B 406 -5.64 20.97 53.63
N PRO B 407 -4.70 20.22 53.05
CA PRO B 407 -3.78 20.80 52.08
C PRO B 407 -4.23 20.71 50.63
N HIS B 408 -5.32 20.03 50.33
CA HIS B 408 -5.73 19.75 48.97
C HIS B 408 -7.20 20.10 48.79
N ILE B 409 -7.74 19.77 47.61
CA ILE B 409 -9.05 20.21 47.18
C ILE B 409 -9.90 19.02 46.79
N TRP B 410 -11.21 19.17 46.98
CA TRP B 410 -12.19 18.13 46.73
C TRP B 410 -13.12 18.56 45.62
N MET B 411 -13.22 17.72 44.58
CA MET B 411 -14.11 17.97 43.42
C MET B 411 -15.35 17.09 43.58
N VAL B 412 -16.53 17.69 43.78
CA VAL B 412 -17.78 16.98 43.96
C VAL B 412 -18.55 17.10 42.65
N ASP B 413 -18.33 16.13 41.77
CA ASP B 413 -18.99 16.06 40.48
C ASP B 413 -20.37 15.42 40.58
N GLN B 414 -20.74 14.90 41.75
CA GLN B 414 -21.99 14.16 41.92
C GLN B 414 -23.04 15.09 42.50
N GLN B 415 -24.30 14.64 42.51
CA GLN B 415 -25.42 15.48 42.92
C GLN B 415 -25.69 15.32 44.41
N LEU B 416 -26.25 16.37 44.99
CA LEU B 416 -26.59 16.39 46.41
C LEU B 416 -28.05 15.97 46.55
N LEU B 417 -28.28 14.75 47.01
CA LEU B 417 -29.64 14.23 47.16
C LEU B 417 -30.19 14.66 48.52
N GLY B 418 -30.26 15.97 48.76
CA GLY B 418 -30.74 16.51 50.05
C GLY B 418 -29.67 16.37 51.11
N LYS B 419 -28.44 15.99 50.73
CA LYS B 419 -27.32 15.80 51.67
C LYS B 419 -26.41 17.02 51.62
N SER B 420 -26.13 17.65 52.77
CA SER B 420 -25.25 18.84 52.86
C SER B 420 -23.97 18.58 52.06
N LEU B 421 -23.47 19.57 51.32
CA LEU B 421 -22.22 19.46 50.60
C LEU B 421 -21.05 19.19 51.53
N GLN B 422 -21.14 19.63 52.78
CA GLN B 422 -20.09 19.36 53.75
C GLN B 422 -19.86 17.86 53.90
N ASP B 423 -20.91 17.06 53.84
CA ASP B 423 -20.82 15.62 54.03
C ASP B 423 -20.83 14.92 52.67
N VAL B 424 -19.86 15.25 51.84
CA VAL B 424 -19.74 14.63 50.53
C VAL B 424 -18.28 14.28 50.29
N LYS B 425 -18.03 13.04 49.87
CA LYS B 425 -16.66 12.57 49.75
C LYS B 425 -15.93 13.30 48.62
N GLY B 426 -16.55 13.40 47.46
CA GLY B 426 -15.83 13.98 46.36
C GLY B 426 -14.62 13.13 46.02
N GLN B 427 -13.64 13.77 45.41
CA GLN B 427 -12.38 13.11 45.08
C GLN B 427 -11.24 14.11 45.11
N GLU B 428 -10.20 13.77 45.86
CA GLU B 428 -9.10 14.68 46.15
C GLU B 428 -8.34 15.05 44.89
N VAL B 429 -8.02 16.33 44.78
CA VAL B 429 -7.17 16.84 43.70
C VAL B 429 -6.17 17.82 44.31
N PRO B 430 -5.00 18.00 43.72
CA PRO B 430 -4.01 18.90 44.31
C PRO B 430 -4.31 20.36 44.02
N ARG B 431 -3.96 21.20 44.98
CA ARG B 431 -4.12 22.63 44.74
C ARG B 431 -3.04 23.10 43.77
N PRO B 432 -3.39 23.87 42.74
CA PRO B 432 -2.38 24.33 41.79
C PRO B 432 -1.31 25.18 42.47
N GLN B 433 -0.08 25.05 41.97
CA GLN B 433 1.00 25.89 42.46
C GLN B 433 0.78 27.32 42.00
N THR B 434 0.64 28.23 42.96
CA THR B 434 0.37 29.62 42.62
C THR B 434 1.57 30.24 41.91
N ASP B 435 1.29 31.22 41.05
CA ASP B 435 2.33 31.91 40.33
C ASP B 435 3.12 32.78 41.30
N PHE B 436 4.24 32.23 41.81
CA PHE B 436 4.99 32.92 42.84
C PHE B 436 5.52 34.26 42.34
N LEU B 437 5.74 34.38 41.03
CA LEU B 437 6.21 35.65 40.48
C LEU B 437 5.18 36.75 40.69
N GLU B 438 3.90 36.43 40.48
CA GLU B 438 2.85 37.43 40.71
C GLU B 438 2.78 37.85 42.17
N LEU B 439 2.94 36.89 43.09
CA LEU B 439 2.85 37.19 44.50
C LEU B 439 4.14 37.76 45.08
N SER B 440 5.27 37.61 44.37
CA SER B 440 6.51 38.23 44.84
C SER B 440 6.37 39.74 44.91
N ARG B 441 5.41 40.30 44.20
CA ARG B 441 5.08 41.73 44.30
C ARG B 441 3.99 41.87 45.35
N LEU B 442 4.39 41.94 46.61
CA LEU B 442 3.45 42.07 47.72
C LEU B 442 3.98 43.03 48.77
N ASP B 472 -25.66 26.53 68.90
CA ASP B 472 -26.30 27.58 68.13
C ASP B 472 -26.01 27.41 66.64
N SER B 473 -24.76 27.08 66.33
CA SER B 473 -24.36 26.91 64.94
C SER B 473 -24.96 25.63 64.38
N PRO B 474 -25.02 25.51 63.05
CA PRO B 474 -25.60 24.31 62.44
C PRO B 474 -24.83 23.06 62.80
N ASP B 475 -25.42 21.92 62.46
CA ASP B 475 -24.80 20.64 62.79
C ASP B 475 -23.58 20.37 61.90
N TRP B 476 -23.56 20.95 60.70
CA TRP B 476 -22.48 20.71 59.75
C TRP B 476 -21.36 21.74 59.84
N CYS B 477 -21.48 22.72 60.72
CA CYS B 477 -20.49 23.77 60.84
C CYS B 477 -19.53 23.47 61.99
N GLN B 478 -18.24 23.47 61.67
CA GLN B 478 -17.18 23.27 62.65
C GLN B 478 -16.51 24.57 63.07
N CYS B 479 -16.71 25.65 62.32
CA CYS B 479 -16.10 26.93 62.64
C CYS B 479 -16.96 27.78 63.56
N GLY B 480 -18.26 27.48 63.66
CA GLY B 480 -19.15 28.20 64.53
C GLY B 480 -19.65 29.50 63.98
N ASN B 481 -19.26 29.87 62.77
CA ASN B 481 -19.59 31.16 62.18
C ASN B 481 -20.47 31.03 60.95
N CYS B 482 -20.88 29.81 60.61
CA CYS B 482 -21.76 29.59 59.47
C CYS B 482 -23.21 29.74 59.88
N LEU B 483 -24.05 30.01 58.90
CA LEU B 483 -25.46 30.30 59.11
C LEU B 483 -26.31 29.41 58.22
N PRO B 484 -27.56 29.17 58.61
CA PRO B 484 -28.45 28.39 57.74
C PRO B 484 -28.63 29.07 56.40
N SER B 485 -28.74 28.25 55.35
CA SER B 485 -28.90 28.77 54.01
C SER B 485 -30.33 29.27 53.79
N GLN B 486 -30.44 30.40 53.10
CA GLN B 486 -31.73 31.01 52.79
C GLN B 486 -32.31 30.53 51.47
N LEU B 487 -31.63 29.61 50.78
CA LEU B 487 -32.10 29.13 49.50
C LEU B 487 -33.30 28.21 49.68
N PRO B 488 -34.06 27.97 48.61
CA PRO B 488 -35.17 27.02 48.70
C PRO B 488 -34.70 25.64 49.13
N GLU B 489 -35.56 24.96 49.90
CA GLU B 489 -35.16 23.74 50.56
C GLU B 489 -34.62 22.69 49.58
N ASN B 490 -35.15 22.65 48.36
CA ASN B 490 -34.74 21.61 47.43
C ASN B 490 -33.27 21.70 47.09
N ARG B 491 -32.76 22.92 46.86
CA ARG B 491 -31.36 23.14 46.53
C ARG B 491 -30.64 23.90 47.64
N ARG B 492 -31.09 23.73 48.89
CA ARG B 492 -30.48 24.42 50.00
C ARG B 492 -29.17 23.79 50.42
N ALA B 493 -28.94 22.53 50.05
CA ALA B 493 -27.77 21.79 50.53
C ALA B 493 -26.50 22.22 49.83
N LEU B 494 -26.59 22.95 48.72
CA LEU B 494 -25.39 23.38 48.02
C LEU B 494 -24.56 24.32 48.88
N GLU B 495 -25.21 25.24 49.60
CA GLU B 495 -24.52 26.20 50.43
C GLU B 495 -24.28 25.71 51.85
N GLU B 496 -24.60 24.46 52.15
CA GLU B 496 -24.38 23.91 53.49
C GLU B 496 -22.95 23.38 53.58
N LEU B 497 -22.01 24.32 53.57
CA LEU B 497 -20.59 24.03 53.57
C LEU B 497 -19.87 24.90 54.59
N CYS B 498 -18.87 24.32 55.23
CA CYS B 498 -18.04 25.02 56.21
C CYS B 498 -16.62 25.13 55.71
N CYS B 499 -15.89 26.07 56.31
CA CYS B 499 -14.50 26.34 55.95
C CYS B 499 -13.55 25.20 56.33
N ARG B 500 -13.98 24.28 57.18
CA ARG B 500 -13.08 23.24 57.66
C ARG B 500 -13.88 21.99 58.00
N ARG B 501 -13.16 20.87 58.08
CA ARG B 501 -13.78 19.59 58.39
C ARG B 501 -13.77 19.27 59.88
N LYS B 502 -12.93 19.92 60.66
CA LYS B 502 -12.83 19.70 62.09
C LYS B 502 -12.98 21.02 62.83
N PRO B 503 -13.39 20.98 64.09
CA PRO B 503 -13.59 22.24 64.82
C PRO B 503 -12.30 23.04 64.94
N GLY B 504 -12.44 24.35 64.87
CA GLY B 504 -11.29 25.23 64.93
C GLY B 504 -11.70 26.65 64.62
N GLN B 505 -10.70 27.49 64.40
CA GLN B 505 -10.95 28.88 64.08
C GLN B 505 -11.37 29.03 62.63
N CYS B 506 -12.33 29.92 62.38
CA CYS B 506 -12.81 30.16 61.03
C CYS B 506 -11.73 30.85 60.21
N ILE B 507 -11.75 30.56 58.90
CA ILE B 507 -10.83 31.23 57.98
C ILE B 507 -11.07 32.73 57.97
N THR B 508 -12.29 33.16 58.26
CA THR B 508 -12.60 34.59 58.31
C THR B 508 -11.80 35.31 59.38
N THR B 509 -11.29 34.60 60.38
CA THR B 509 -10.57 35.25 61.47
C THR B 509 -9.19 35.72 61.03
N SER B 510 -8.64 35.12 59.98
CA SER B 510 -7.35 35.53 59.46
C SER B 510 -7.43 36.96 58.93
N GLU B 511 -6.34 37.71 59.09
CA GLU B 511 -6.29 39.07 58.58
C GLU B 511 -6.24 39.09 57.06
N LEU B 512 -5.75 38.01 56.46
CA LEU B 512 -5.68 37.93 55.00
C LEU B 512 -7.08 37.93 54.38
N PHE B 513 -8.06 37.34 55.07
CA PHE B 513 -9.43 37.39 54.59
C PHE B 513 -9.91 38.83 54.48
N SER B 514 -9.63 39.65 55.49
CA SER B 514 -10.05 41.04 55.46
C SER B 514 -9.26 41.82 54.41
N LYS B 515 -7.97 41.52 54.26
CA LYS B 515 -7.15 42.23 53.29
C LYS B 515 -7.58 41.93 51.86
N ILE B 516 -7.95 40.69 51.58
CA ILE B 516 -8.27 40.26 50.22
C ILE B 516 -9.76 40.40 49.94
N VAL B 517 -10.60 39.82 50.79
CA VAL B 517 -12.01 39.60 50.48
C VAL B 517 -12.88 40.77 50.94
N LEU B 518 -12.62 41.31 52.12
CA LEU B 518 -13.43 42.36 52.71
C LEU B 518 -12.82 43.75 52.56
N SER B 519 -11.72 43.88 51.82
CA SER B 519 -11.07 45.17 51.65
C SER B 519 -11.79 45.92 50.54
N ARG B 520 -12.75 46.76 50.94
CA ARG B 520 -13.52 47.53 49.96
C ARG B 520 -12.60 48.32 49.04
N GLU B 521 -11.50 48.83 49.57
CA GLU B 521 -10.53 49.55 48.74
C GLU B 521 -9.98 48.66 47.64
N ALA B 522 -9.52 47.46 48.00
CA ALA B 522 -8.93 46.57 47.00
C ALA B 522 -9.95 46.18 45.94
N LEU B 523 -11.18 45.87 46.36
CA LEU B 523 -12.20 45.47 45.41
C LEU B 523 -12.55 46.63 44.48
N GLN B 524 -12.60 47.85 45.02
CA GLN B 524 -12.84 49.01 44.17
C GLN B 524 -11.71 49.19 43.16
N LEU B 525 -10.47 48.99 43.60
CA LEU B 525 -9.35 49.08 42.66
C LEU B 525 -9.45 48.03 41.56
N LEU B 526 -9.84 46.80 41.91
CA LEU B 526 -10.03 45.77 40.89
C LEU B 526 -11.13 46.16 39.90
N LEU B 527 -12.25 46.68 40.42
CA LEU B 527 -13.34 47.11 39.57
C LEU B 527 -12.89 48.22 38.63
N LEU B 528 -12.13 49.18 39.15
CA LEU B 528 -11.63 50.27 38.32
C LEU B 528 -10.65 49.75 37.26
N TYR B 529 -9.81 48.80 37.64
CA TYR B 529 -8.95 48.15 36.66
C TYR B 529 -9.78 47.57 35.52
N GLN B 530 -10.88 46.90 35.85
CA GLN B 530 -11.75 46.39 34.79
C GLN B 530 -12.47 47.52 34.07
N GLU B 531 -13.04 48.47 34.81
CA GLU B 531 -13.72 49.63 34.23
C GLU B 531 -13.22 50.90 34.91
N PRO B 532 -12.29 51.63 34.29
CA PRO B 532 -11.68 52.77 34.98
C PRO B 532 -12.67 53.85 35.38
N LEU B 533 -13.74 54.05 34.61
CA LEU B 533 -14.70 55.13 34.84
C LEU B 533 -15.95 54.61 35.52
N LEU B 534 -15.79 53.64 36.42
CA LEU B 534 -16.93 53.07 37.12
C LEU B 534 -17.48 54.06 38.15
N ALA B 535 -18.80 54.04 38.30
CA ALA B 535 -19.50 54.92 39.21
C ALA B 535 -19.70 54.21 40.55
N LEU B 536 -19.23 54.84 41.63
CA LEU B 536 -19.32 54.27 42.96
C LEU B 536 -20.56 54.80 43.67
N GLU B 537 -21.72 54.33 43.20
CA GLU B 537 -22.99 54.74 43.78
C GLU B 537 -24.04 53.70 43.50
N GLY B 538 -25.07 53.67 44.35
CA GLY B 538 -26.18 52.74 44.18
C GLY B 538 -25.87 51.36 44.73
N GLU B 539 -26.89 50.50 44.66
CA GLU B 539 -26.72 49.10 45.00
C GLU B 539 -25.93 48.34 43.94
N ALA B 540 -25.76 48.92 42.75
CA ALA B 540 -24.97 48.27 41.72
C ALA B 540 -23.54 48.07 42.18
N ILE B 541 -22.94 49.09 42.79
CA ILE B 541 -21.57 48.95 43.27
C ILE B 541 -21.49 47.89 44.36
N ASN B 542 -22.55 47.78 45.18
CA ASN B 542 -22.58 46.82 46.31
C ASN B 542 -22.64 45.41 45.75
N SER B 543 -23.37 45.19 44.66
CA SER B 543 -23.40 43.89 43.99
C SER B 543 -22.07 43.59 43.31
N LYS B 544 -21.48 44.60 42.66
CA LYS B 544 -20.17 44.46 41.96
C LYS B 544 -19.09 44.07 42.97
N LEU B 545 -19.10 44.67 44.17
CA LEU B 545 -18.14 44.36 45.22
C LEU B 545 -18.37 42.98 45.81
N ARG B 546 -19.63 42.59 45.98
CA ARG B 546 -19.93 41.25 46.50
C ARG B 546 -19.43 40.18 45.56
N HIS B 547 -19.69 40.35 44.26
CA HIS B 547 -19.18 39.41 43.28
C HIS B 547 -17.66 39.38 43.28
N CYS B 548 -17.03 40.54 43.41
CA CYS B 548 -15.57 40.58 43.44
C CYS B 548 -15.02 39.89 44.67
N ALA B 549 -15.71 40.00 45.81
CA ALA B 549 -15.28 39.30 47.00
C ALA B 549 -15.37 37.80 46.82
N TYR B 550 -16.46 37.32 46.22
CA TYR B 550 -16.58 35.90 45.92
C TYR B 550 -15.43 35.44 45.02
N ARG B 551 -15.22 36.20 43.95
CA ARG B 551 -14.17 35.88 42.95
C ARG B 551 -12.81 35.85 43.63
N SER B 552 -12.52 36.77 44.55
CA SER B 552 -11.25 36.86 45.25
C SER B 552 -11.04 35.68 46.18
N TYR B 553 -12.06 35.31 46.96
CA TYR B 553 -11.93 34.13 47.80
C TYR B 553 -11.68 32.89 46.95
N ALA B 554 -12.43 32.74 45.86
CA ALA B 554 -12.29 31.56 45.03
C ALA B 554 -10.92 31.49 44.37
N THR B 555 -10.38 32.63 43.93
CA THR B 555 -9.05 32.64 43.35
C THR B 555 -7.98 32.37 44.40
N TRP B 556 -8.17 32.93 45.60
CA TRP B 556 -7.19 32.77 46.67
C TRP B 556 -7.11 31.34 47.17
N ARG B 557 -8.25 30.62 47.21
CA ARG B 557 -8.31 29.27 47.84
C ARG B 557 -8.44 28.12 46.83
N PHE B 558 -8.62 28.39 45.53
CA PHE B 558 -8.69 27.34 44.48
C PHE B 558 -7.56 27.54 43.48
N VAL B 559 -7.02 28.76 43.33
CA VAL B 559 -5.82 29.05 42.47
C VAL B 559 -6.24 29.10 41.00
N SER B 560 -6.58 27.98 40.35
CA SER B 560 -6.88 28.02 38.93
C SER B 560 -8.29 28.53 38.69
N GLN B 561 -8.45 29.29 37.60
CA GLN B 561 -9.76 29.81 37.24
C GLN B 561 -10.71 28.68 36.89
N ASP B 562 -10.19 27.56 36.43
CA ASP B 562 -11.01 26.40 36.12
C ASP B 562 -11.76 25.91 37.34
N MET B 563 -11.07 25.87 38.49
CA MET B 563 -11.70 25.48 39.75
C MET B 563 -12.37 26.65 40.44
N ALA B 564 -11.77 27.84 40.36
CA ALA B 564 -12.39 29.02 40.94
C ALA B 564 -13.75 29.31 40.35
N ASP B 565 -13.98 28.91 39.10
CA ASP B 565 -15.29 29.10 38.48
C ASP B 565 -16.35 28.22 39.12
N PHE B 566 -16.02 26.98 39.43
CA PHE B 566 -16.94 26.02 40.00
C PHE B 566 -16.76 25.82 41.49
N ALA B 567 -15.90 26.63 42.12
CA ALA B 567 -15.74 26.59 43.56
C ALA B 567 -17.07 26.83 44.25
N ILE B 568 -17.09 26.53 45.55
CA ILE B 568 -18.24 26.79 46.40
C ILE B 568 -17.73 27.46 47.67
N LEU B 569 -18.22 28.64 47.94
CA LEU B 569 -17.82 29.34 49.14
C LEU B 569 -18.54 28.76 50.37
N PRO B 570 -17.86 28.72 51.51
CA PRO B 570 -18.54 28.31 52.74
C PRO B 570 -19.57 29.34 53.18
N SER B 571 -20.47 28.89 54.04
CA SER B 571 -21.49 29.78 54.57
C SER B 571 -20.87 30.92 55.37
N CYS B 572 -19.79 30.63 56.11
CA CYS B 572 -19.14 31.66 56.91
C CYS B 572 -18.62 32.79 56.04
N CYS B 573 -17.78 32.46 55.05
CA CYS B 573 -17.22 33.48 54.18
C CYS B 573 -18.31 34.16 53.36
N ARG B 574 -19.24 33.37 52.83
CA ARG B 574 -20.33 33.92 52.02
C ARG B 574 -21.11 34.95 52.80
N TRP B 575 -21.52 34.62 54.02
CA TRP B 575 -22.39 35.51 54.78
C TRP B 575 -21.62 36.68 55.38
N LYS B 576 -20.33 36.52 55.68
CA LYS B 576 -19.53 37.68 56.04
C LYS B 576 -19.43 38.66 54.87
N ILE B 577 -19.18 38.14 53.66
CA ILE B 577 -19.13 39.00 52.48
C ILE B 577 -20.46 39.72 52.30
N ARG B 578 -21.56 38.98 52.41
CA ARG B 578 -22.87 39.58 52.20
C ARG B 578 -23.18 40.62 53.27
N LYS B 579 -22.82 40.34 54.52
CA LYS B 579 -23.01 41.32 55.59
C LYS B 579 -22.25 42.60 55.30
N GLU B 580 -21.00 42.48 54.84
CA GLU B 580 -20.21 43.67 54.58
C GLU B 580 -20.48 44.24 53.19
N PHE B 581 -21.20 43.50 52.33
CA PHE B 581 -21.70 44.02 51.06
C PHE B 581 -23.16 43.61 50.89
N PRO B 582 -24.06 44.16 51.72
CA PRO B 582 -25.45 43.72 51.71
C PRO B 582 -26.18 43.99 50.41
N LYS B 583 -27.42 43.55 50.32
CA LYS B 583 -28.30 43.85 49.19
C LYS B 583 -29.52 44.61 49.68
N THR B 584 -29.96 45.58 48.87
CA THR B 584 -31.10 46.41 49.26
C THR B 584 -32.30 45.55 49.63
N GLN B 585 -32.66 44.60 48.75
CA GLN B 585 -33.77 43.71 49.02
C GLN B 585 -33.76 42.59 47.99
N GLY B 586 -34.20 41.42 48.41
CA GLY B 586 -34.28 40.24 47.59
C GLY B 586 -33.33 39.15 48.06
N GLN B 587 -33.63 37.92 47.68
CA GLN B 587 -32.78 36.80 48.04
C GLN B 587 -31.53 36.83 47.18
N TYR B 588 -30.40 36.48 47.79
CA TYR B 588 -29.17 36.27 47.04
C TYR B 588 -29.31 35.03 46.16
N SER B 589 -28.97 35.18 44.88
CA SER B 589 -29.16 34.08 43.93
C SER B 589 -28.30 32.88 44.27
N GLY B 590 -27.10 33.10 44.81
CA GLY B 590 -26.19 32.02 45.06
C GLY B 590 -25.43 31.61 43.81
N PHE B 591 -24.75 30.45 43.93
CA PHE B 591 -23.96 29.96 42.81
C PHE B 591 -24.82 29.75 41.57
N LYS B 592 -24.35 30.27 40.46
CA LYS B 592 -25.01 30.13 39.17
C LYS B 592 -24.04 29.48 38.18
N TYR B 593 -24.55 28.50 37.46
CA TYR B 593 -23.75 27.72 36.55
C TYR B 593 -23.07 28.61 35.50
N PRO B 594 -21.75 28.59 35.38
CA PRO B 594 -21.08 29.51 34.44
C PRO B 594 -21.52 29.34 32.99
N TYR B 595 -21.91 28.14 32.58
CA TYR B 595 -22.29 27.90 31.18
C TYR B 595 -23.79 27.76 31.04
N SER C 6 27.15 21.90 17.87
CA SER C 6 25.67 21.85 18.06
C SER C 6 25.23 20.46 18.52
N TRP C 7 25.93 19.92 19.52
CA TRP C 7 25.53 18.65 20.09
C TRP C 7 24.16 18.75 20.74
N ASN C 8 23.91 19.85 21.46
CA ASN C 8 22.61 20.03 22.10
C ASN C 8 21.49 20.11 21.08
N ASP C 9 21.80 20.53 19.85
CA ASP C 9 20.78 20.56 18.81
C ASP C 9 20.34 19.14 18.43
N VAL C 10 21.27 18.19 18.47
CA VAL C 10 20.93 16.81 18.13
C VAL C 10 20.07 16.19 19.24
N PHE C 11 20.39 16.50 20.48
CA PHE C 11 19.76 15.86 21.63
C PHE C 11 18.42 16.45 22.00
N GLN C 12 17.86 17.35 21.19
CA GLN C 12 16.53 17.84 21.45
C GLN C 12 15.49 16.78 21.10
N TYR C 13 14.43 16.74 21.91
CA TYR C 13 13.25 15.94 21.62
C TYR C 13 12.02 16.83 21.72
N GLU C 14 11.20 16.81 20.67
CA GLU C 14 9.94 17.54 20.61
C GLU C 14 8.79 16.64 21.04
N THR C 15 7.97 17.13 21.94
CA THR C 15 6.72 16.47 22.28
C THR C 15 5.62 17.51 22.25
N ASN C 16 4.47 17.14 21.69
CA ASN C 16 3.36 18.06 21.56
C ASN C 16 2.71 18.32 22.91
N LYS C 17 2.30 19.57 23.12
CA LYS C 17 1.51 19.91 24.28
C LYS C 17 0.07 19.47 24.06
N VAL C 18 -0.51 18.83 25.07
CA VAL C 18 -1.82 18.20 24.95
C VAL C 18 -2.71 18.71 26.06
N THR C 19 -3.98 18.27 26.01
CA THR C 19 -4.99 18.69 26.97
C THR C 19 -5.87 17.46 27.21
N ARG C 20 -5.67 16.80 28.35
CA ARG C 20 -6.59 15.73 28.72
C ARG C 20 -7.97 16.35 28.92
N ILE C 21 -9.00 15.62 28.52
CA ILE C 21 -10.38 15.98 28.83
C ILE C 21 -11.03 14.77 29.47
N GLN C 22 -11.49 14.93 30.71
CA GLN C 22 -12.25 13.87 31.36
C GLN C 22 -13.71 14.00 30.94
N SER C 23 -13.98 13.47 29.75
CA SER C 23 -15.30 13.45 29.18
C SER C 23 -15.70 12.01 28.90
N VAL C 24 -16.85 11.60 29.42
CA VAL C 24 -17.38 10.28 29.11
C VAL C 24 -17.69 10.18 27.62
N ASN C 25 -18.32 11.20 27.06
CA ASN C 25 -18.72 11.15 25.66
C ASN C 25 -17.52 11.04 24.74
N TYR C 26 -16.51 11.89 24.97
CA TYR C 26 -15.38 11.93 24.05
C TYR C 26 -14.51 10.68 24.17
N GLY C 27 -14.30 10.20 25.40
CA GLY C 27 -13.57 8.96 25.56
C GLY C 27 -14.29 7.77 24.95
N THR C 28 -15.60 7.69 25.16
CA THR C 28 -16.39 6.63 24.56
C THR C 28 -16.32 6.68 23.04
N ILE C 29 -16.48 7.87 22.46
CA ILE C 29 -16.40 8.03 21.01
C ILE C 29 -15.02 7.61 20.52
N LYS C 30 -13.97 8.04 21.20
CA LYS C 30 -12.61 7.69 20.81
C LYS C 30 -12.43 6.19 20.78
N TRP C 31 -12.86 5.51 21.83
CA TRP C 31 -12.63 4.06 21.90
C TRP C 31 -13.52 3.32 20.92
N ILE C 32 -14.75 3.79 20.69
CA ILE C 32 -15.60 3.17 19.69
C ILE C 32 -14.98 3.28 18.31
N LEU C 33 -14.47 4.46 17.96
CA LEU C 33 -13.88 4.64 16.65
C LEU C 33 -12.59 3.83 16.51
N HIS C 34 -11.79 3.76 17.56
CA HIS C 34 -10.58 2.94 17.52
C HIS C 34 -10.93 1.47 17.33
N MET C 35 -11.92 0.96 18.06
CA MET C 35 -12.33 -0.43 17.91
C MET C 35 -12.86 -0.68 16.51
N THR C 36 -13.63 0.25 15.97
CA THR C 36 -14.16 0.11 14.62
C THR C 36 -13.03 -0.01 13.61
N VAL C 37 -12.07 0.92 13.67
CA VAL C 37 -10.96 0.90 12.71
C VAL C 37 -10.14 -0.37 12.85
N PHE C 38 -9.83 -0.76 14.09
CA PHE C 38 -9.06 -1.98 14.32
C PHE C 38 -9.79 -3.20 13.79
N SER C 39 -11.09 -3.29 14.06
CA SER C 39 -11.87 -4.42 13.59
C SER C 39 -11.87 -4.49 12.07
N TYR C 40 -12.07 -3.36 11.39
CA TYR C 40 -12.10 -3.41 9.94
C TYR C 40 -10.74 -3.76 9.37
N VAL C 41 -9.66 -3.17 9.88
CA VAL C 41 -8.35 -3.46 9.32
C VAL C 41 -7.96 -4.92 9.57
N SER C 42 -8.26 -5.43 10.75
CA SER C 42 -8.01 -6.84 11.03
C SER C 42 -8.83 -7.75 10.12
N PHE C 43 -10.11 -7.43 9.94
CA PHE C 43 -10.96 -8.25 9.09
C PHE C 43 -10.46 -8.24 7.66
N ALA C 44 -10.09 -7.07 7.13
CA ALA C 44 -9.55 -7.00 5.78
C ALA C 44 -8.27 -7.81 5.65
N LEU C 45 -7.38 -7.69 6.63
CA LEU C 45 -6.12 -8.44 6.59
C LEU C 45 -6.37 -9.94 6.56
N MET C 46 -7.29 -10.41 7.40
CA MET C 46 -7.53 -11.84 7.48
C MET C 46 -8.28 -12.36 6.26
N SER C 47 -9.31 -11.64 5.83
CA SER C 47 -10.13 -12.10 4.71
C SER C 47 -9.34 -12.08 3.41
N ASP C 48 -8.67 -10.97 3.11
CA ASP C 48 -7.92 -10.84 1.87
C ASP C 48 -6.53 -11.42 1.96
N LYS C 49 -6.11 -11.89 3.14
CA LYS C 49 -4.80 -12.47 3.34
C LYS C 49 -3.70 -11.51 2.87
N LEU C 50 -3.81 -10.26 3.32
CA LEU C 50 -2.89 -9.23 2.89
C LEU C 50 -1.53 -9.34 3.55
N TYR C 51 -1.38 -10.25 4.50
CA TYR C 51 -0.09 -10.61 5.07
C TYR C 51 0.68 -11.61 4.22
N GLN C 52 0.01 -12.21 3.23
CA GLN C 52 0.62 -13.26 2.37
C GLN C 52 1.13 -12.69 1.05
N ARG C 53 2.35 -13.03 0.64
CA ARG C 53 2.86 -12.67 -0.71
C ARG C 53 2.33 -13.78 -1.60
N LYS C 54 1.45 -13.49 -2.55
CA LYS C 54 0.79 -14.52 -3.39
C LYS C 54 1.55 -14.70 -4.71
N GLU C 55 1.61 -15.93 -5.23
CA GLU C 55 2.31 -16.25 -6.45
C GLU C 55 1.42 -17.08 -7.38
N PRO C 56 1.45 -16.84 -8.68
CA PRO C 56 0.73 -17.71 -9.61
C PRO C 56 1.45 -19.02 -9.83
N LEU C 57 0.68 -20.02 -10.24
CA LEU C 57 1.20 -21.37 -10.43
C LEU C 57 1.62 -21.61 -11.87
N ILE C 58 2.45 -22.64 -12.03
CA ILE C 58 2.77 -23.21 -13.33
C ILE C 58 2.27 -24.65 -13.32
N SER C 59 1.63 -25.07 -14.41
CA SER C 59 0.85 -26.29 -14.43
C SER C 59 1.29 -27.22 -15.55
N SER C 60 1.10 -28.51 -15.29
CA SER C 60 1.23 -29.57 -16.28
C SER C 60 0.01 -30.47 -16.18
N VAL C 61 -0.59 -30.79 -17.32
CA VAL C 61 -1.79 -31.63 -17.36
C VAL C 61 -1.50 -32.84 -18.22
N HIS C 62 -1.92 -34.02 -17.74
CA HIS C 62 -1.78 -35.32 -18.45
C HIS C 62 -3.12 -36.05 -18.38
N THR C 63 -3.82 -36.22 -19.50
CA THR C 63 -5.16 -36.78 -19.56
C THR C 63 -5.14 -38.19 -20.16
N LYS C 64 -6.12 -38.99 -19.76
CA LYS C 64 -6.31 -40.34 -20.28
C LYS C 64 -7.79 -40.57 -20.48
N VAL C 65 -8.25 -40.54 -21.74
CA VAL C 65 -9.69 -40.76 -22.08
C VAL C 65 -9.87 -42.26 -22.29
N LYS C 66 -10.93 -42.84 -21.72
CA LYS C 66 -11.21 -44.30 -21.81
C LYS C 66 -12.64 -44.49 -22.32
N GLY C 67 -12.81 -44.99 -23.55
CA GLY C 67 -14.16 -45.27 -24.08
C GLY C 67 -14.16 -46.03 -25.38
N VAL C 68 -15.04 -47.02 -25.54
CA VAL C 68 -15.24 -47.75 -26.78
C VAL C 68 -16.68 -47.57 -27.20
N ALA C 69 -16.88 -47.13 -28.44
CA ALA C 69 -18.20 -46.91 -29.00
C ALA C 69 -18.42 -47.89 -30.14
N GLU C 70 -19.52 -48.63 -30.08
CA GLU C 70 -19.86 -49.60 -31.11
C GLU C 70 -20.77 -48.92 -32.13
N VAL C 71 -20.35 -48.90 -33.38
CA VAL C 71 -21.06 -48.24 -34.46
C VAL C 71 -21.44 -49.27 -35.51
N THR C 72 -22.69 -49.21 -35.96
CA THR C 72 -23.22 -50.10 -36.99
C THR C 72 -23.40 -49.25 -38.26
N GLU C 73 -22.38 -49.27 -39.11
CA GLU C 73 -22.36 -48.44 -40.31
C GLU C 73 -22.86 -49.25 -41.50
N ASN C 74 -23.83 -48.69 -42.23
CA ASN C 74 -24.41 -49.36 -43.38
C ASN C 74 -24.89 -48.36 -44.42
N LEU C 83 -23.94 -53.92 -43.98
CA LEU C 83 -23.80 -53.50 -42.58
C LEU C 83 -22.52 -54.06 -41.98
N VAL C 84 -21.73 -53.19 -41.38
CA VAL C 84 -20.50 -53.58 -40.71
C VAL C 84 -20.54 -53.03 -39.28
N HIS C 85 -20.30 -53.90 -38.30
CA HIS C 85 -20.23 -53.49 -36.91
C HIS C 85 -18.78 -53.16 -36.57
N GLY C 86 -18.53 -51.90 -36.25
CA GLY C 86 -17.19 -51.45 -35.93
C GLY C 86 -17.09 -50.92 -34.51
N ILE C 87 -15.87 -50.87 -33.98
CA ILE C 87 -15.60 -50.34 -32.65
C ILE C 87 -14.72 -49.12 -32.80
N PHE C 88 -15.06 -48.03 -32.07
CA PHE C 88 -14.31 -46.75 -32.07
C PHE C 88 -13.64 -46.56 -30.71
N ASP C 89 -12.37 -46.91 -30.58
CA ASP C 89 -11.65 -46.87 -29.31
C ASP C 89 -10.98 -45.50 -29.16
N THR C 90 -11.31 -44.81 -28.07
CA THR C 90 -10.72 -43.51 -27.80
C THR C 90 -9.36 -43.69 -27.15
N ALA C 91 -8.50 -44.50 -27.77
CA ALA C 91 -7.14 -44.71 -27.29
C ALA C 91 -6.15 -44.51 -28.43
N ASP C 92 -6.53 -44.94 -29.62
CA ASP C 92 -5.67 -44.85 -30.80
C ASP C 92 -6.33 -44.12 -31.95
N TYR C 93 -7.65 -44.25 -32.10
CA TYR C 93 -8.33 -43.63 -33.23
C TYR C 93 -8.37 -42.12 -33.11
N THR C 94 -8.46 -41.59 -31.89
CA THR C 94 -8.79 -40.19 -31.67
C THR C 94 -7.86 -39.44 -30.73
N LEU C 95 -6.99 -40.11 -29.98
CA LEU C 95 -6.23 -39.48 -28.90
C LEU C 95 -4.72 -39.72 -29.03
N PRO C 96 -4.03 -38.93 -29.85
CA PRO C 96 -2.56 -38.87 -29.77
C PRO C 96 -2.07 -37.75 -28.87
N LEU C 97 -2.93 -36.82 -28.49
CA LEU C 97 -2.59 -35.68 -27.66
C LEU C 97 -3.31 -35.82 -26.32
N GLN C 98 -2.53 -35.80 -25.23
CA GLN C 98 -3.05 -35.99 -23.83
C GLN C 98 -2.38 -34.97 -22.92
N GLY C 99 -2.94 -33.78 -22.76
CA GLY C 99 -2.32 -32.67 -22.07
C GLY C 99 -3.34 -31.58 -21.79
N ASN C 100 -2.99 -30.32 -22.04
CA ASN C 100 -3.92 -29.23 -21.74
C ASN C 100 -5.26 -29.41 -22.45
N SER C 101 -5.24 -29.84 -23.70
CA SER C 101 -6.45 -29.95 -24.50
C SER C 101 -6.53 -31.34 -25.11
N PHE C 102 -7.75 -31.83 -25.26
CA PHE C 102 -7.97 -33.12 -25.91
C PHE C 102 -9.29 -33.11 -26.65
N PHE C 103 -9.39 -33.98 -27.64
CA PHE C 103 -10.52 -34.03 -28.56
C PHE C 103 -11.18 -35.40 -28.47
N VAL C 104 -12.50 -35.40 -28.32
CA VAL C 104 -13.31 -36.61 -28.34
C VAL C 104 -14.25 -36.52 -29.53
N MET C 105 -14.08 -37.42 -30.49
CA MET C 105 -14.90 -37.42 -31.68
C MET C 105 -16.30 -37.91 -31.37
N THR C 106 -17.29 -37.15 -31.85
CA THR C 106 -18.69 -37.45 -31.61
C THR C 106 -19.49 -37.66 -32.90
N ASN C 107 -18.85 -37.53 -34.05
CA ASN C 107 -19.54 -37.65 -35.33
C ASN C 107 -18.48 -37.59 -36.43
N TYR C 108 -18.85 -38.10 -37.59
CA TYR C 108 -17.91 -38.11 -38.70
C TYR C 108 -18.67 -38.25 -40.02
N LEU C 109 -18.04 -37.75 -41.08
CA LEU C 109 -18.51 -37.92 -42.45
C LEU C 109 -17.35 -38.49 -43.25
N LYS C 110 -17.44 -39.77 -43.62
CA LYS C 110 -16.38 -40.48 -44.30
C LYS C 110 -16.73 -40.66 -45.76
N SER C 111 -15.81 -40.31 -46.64
CA SER C 111 -15.94 -40.54 -48.07
C SER C 111 -14.84 -41.51 -48.51
N GLU C 112 -15.20 -42.79 -48.63
CA GLU C 112 -14.20 -43.83 -48.94
C GLU C 112 -13.95 -43.93 -50.44
N GLY C 113 -12.71 -44.19 -50.83
CA GLY C 113 -12.33 -44.39 -52.22
C GLY C 113 -12.76 -43.29 -53.14
N GLN C 114 -12.17 -42.11 -52.98
CA GLN C 114 -12.44 -40.98 -53.85
C GLN C 114 -11.42 -40.96 -54.99
N GLU C 115 -11.90 -40.66 -56.19
CA GLU C 115 -11.05 -40.56 -57.37
C GLU C 115 -11.23 -39.19 -58.00
N GLN C 116 -10.12 -38.58 -58.41
CA GLN C 116 -10.15 -37.27 -59.04
C GLN C 116 -10.74 -37.43 -60.43
N LYS C 117 -12.00 -37.04 -60.59
CA LYS C 117 -12.70 -37.17 -61.86
C LYS C 117 -13.85 -36.18 -61.87
N LEU C 118 -14.74 -36.33 -62.85
CA LEU C 118 -15.84 -35.41 -63.05
C LEU C 118 -17.11 -35.97 -62.41
N CYS C 119 -17.84 -35.10 -61.73
CA CYS C 119 -19.04 -35.49 -61.00
C CYS C 119 -19.82 -34.24 -60.62
N PRO C 120 -21.09 -34.38 -60.26
CA PRO C 120 -21.84 -33.23 -59.77
C PRO C 120 -21.38 -32.78 -58.38
N GLU C 121 -21.65 -31.53 -58.07
CA GLU C 121 -21.35 -30.97 -56.77
C GLU C 121 -22.54 -31.18 -55.82
N TYR C 122 -22.24 -31.30 -54.54
CA TYR C 122 -23.29 -31.51 -53.56
C TYR C 122 -24.17 -30.27 -53.46
N PRO C 123 -25.50 -30.42 -53.39
CA PRO C 123 -26.37 -29.25 -53.26
C PRO C 123 -26.45 -28.72 -51.82
N SER C 124 -25.47 -27.91 -51.46
CA SER C 124 -25.35 -27.34 -50.13
C SER C 124 -25.66 -25.86 -50.18
N ARG C 125 -26.49 -25.39 -49.25
CA ARG C 125 -26.83 -23.98 -49.13
C ARG C 125 -27.35 -23.43 -50.46
N GLY C 126 -28.16 -24.23 -51.14
CA GLY C 126 -28.73 -23.82 -52.42
C GLY C 126 -27.79 -23.92 -53.60
N LYS C 127 -26.71 -24.69 -53.48
CA LYS C 127 -25.77 -24.83 -54.58
C LYS C 127 -26.41 -25.66 -55.69
N GLN C 128 -26.98 -24.99 -56.68
CA GLN C 128 -27.64 -25.66 -57.80
C GLN C 128 -27.59 -24.72 -58.99
N CYS C 129 -28.18 -25.16 -60.10
CA CYS C 129 -28.25 -24.36 -61.32
C CYS C 129 -29.68 -24.33 -61.82
N HIS C 130 -30.09 -23.17 -62.35
CA HIS C 130 -31.32 -23.07 -63.09
C HIS C 130 -31.13 -23.31 -64.59
N SER C 131 -29.88 -23.29 -65.06
CA SER C 131 -29.57 -23.51 -66.46
C SER C 131 -28.12 -23.94 -66.58
N ASP C 132 -27.80 -24.57 -67.70
CA ASP C 132 -26.42 -25.03 -67.92
C ASP C 132 -25.44 -23.86 -67.94
N GLN C 133 -25.83 -22.76 -68.58
CA GLN C 133 -24.95 -21.60 -68.70
C GLN C 133 -24.67 -20.93 -67.36
N GLY C 134 -25.44 -21.27 -66.31
CA GLY C 134 -25.19 -20.67 -65.01
C GLY C 134 -23.80 -21.00 -64.48
N CYS C 135 -23.40 -22.26 -64.60
CA CYS C 135 -22.08 -22.67 -64.11
C CYS C 135 -20.97 -22.01 -64.91
N ILE C 136 -19.88 -21.69 -64.23
CA ILE C 136 -18.75 -20.99 -64.83
C ILE C 136 -17.66 -22.00 -65.14
N LYS C 137 -17.21 -22.02 -66.38
CA LYS C 137 -16.15 -22.94 -66.78
C LYS C 137 -14.79 -22.42 -66.33
N GLY C 138 -13.95 -23.33 -65.87
CA GLY C 138 -12.60 -23.01 -65.49
C GLY C 138 -12.45 -22.36 -64.12
N TRP C 139 -13.55 -22.19 -63.39
CA TRP C 139 -13.53 -21.56 -62.08
C TRP C 139 -13.90 -22.60 -61.03
N MET C 140 -13.13 -22.65 -59.95
CA MET C 140 -13.34 -23.60 -58.88
C MET C 140 -13.99 -22.90 -57.69
N ASP C 141 -15.11 -23.43 -57.24
CA ASP C 141 -15.81 -22.85 -56.11
C ASP C 141 -14.95 -22.97 -54.85
N PRO C 142 -14.82 -21.90 -54.05
CA PRO C 142 -13.99 -22.00 -52.84
C PRO C 142 -14.62 -22.87 -51.77
N GLN C 143 -15.92 -23.10 -51.82
CA GLN C 143 -16.57 -23.98 -50.84
C GLN C 143 -16.47 -25.44 -51.28
N SER C 144 -17.01 -25.76 -52.45
CA SER C 144 -16.93 -27.12 -52.97
C SER C 144 -15.50 -27.52 -53.33
N LYS C 145 -14.61 -26.55 -53.56
CA LYS C 145 -13.23 -26.83 -53.91
C LYS C 145 -13.14 -27.72 -55.14
N GLY C 146 -14.03 -27.50 -56.09
CA GLY C 146 -14.06 -28.28 -57.31
C GLY C 146 -14.09 -27.38 -58.54
N ILE C 147 -13.30 -27.75 -59.54
CA ILE C 147 -13.18 -26.96 -60.76
C ILE C 147 -14.39 -27.21 -61.64
N GLN C 148 -15.12 -26.15 -61.96
CA GLN C 148 -16.31 -26.26 -62.78
C GLN C 148 -15.94 -26.32 -64.25
N THR C 149 -16.63 -27.19 -65.00
CA THR C 149 -16.43 -27.32 -66.44
C THR C 149 -17.42 -26.51 -67.25
N GLY C 150 -18.27 -25.71 -66.59
CA GLY C 150 -19.26 -24.91 -67.28
C GLY C 150 -20.57 -25.61 -67.56
N ARG C 151 -20.69 -26.89 -67.25
CA ARG C 151 -21.90 -27.66 -67.45
C ARG C 151 -22.56 -27.95 -66.11
N CYS C 152 -23.84 -28.31 -66.17
CA CYS C 152 -24.62 -28.66 -64.98
C CYS C 152 -25.07 -30.11 -65.10
N ILE C 153 -24.68 -30.92 -64.12
CA ILE C 153 -25.05 -32.34 -64.09
C ILE C 153 -26.40 -32.49 -63.40
N PRO C 154 -27.20 -33.49 -63.75
CA PRO C 154 -28.39 -33.81 -62.94
C PRO C 154 -28.04 -34.61 -61.69
N TYR C 155 -27.54 -33.91 -60.68
CA TYR C 155 -27.16 -34.56 -59.43
C TYR C 155 -28.30 -35.40 -58.87
N ASP C 156 -29.48 -34.82 -58.77
CA ASP C 156 -30.66 -35.52 -58.29
C ASP C 156 -31.83 -35.19 -59.20
N GLN C 157 -32.95 -35.88 -58.96
CA GLN C 157 -34.13 -35.66 -59.80
C GLN C 157 -34.59 -34.20 -59.72
N LYS C 158 -34.59 -33.62 -58.53
CA LYS C 158 -34.99 -32.24 -58.32
C LYS C 158 -33.89 -31.39 -57.71
N ARG C 159 -32.65 -31.87 -57.69
CA ARG C 159 -31.54 -31.16 -57.07
C ARG C 159 -30.30 -31.20 -57.96
N LYS C 160 -30.50 -30.91 -59.25
CA LYS C 160 -29.37 -30.83 -60.17
C LYS C 160 -28.40 -29.75 -59.73
N THR C 161 -27.10 -30.04 -59.85
CA THR C 161 -26.05 -29.13 -59.43
C THR C 161 -25.02 -29.00 -60.54
N CYS C 162 -24.11 -28.04 -60.36
CA CYS C 162 -23.13 -27.72 -61.39
C CYS C 162 -22.10 -28.83 -61.53
N GLU C 163 -21.72 -29.09 -62.79
CA GLU C 163 -20.67 -30.06 -63.07
C GLU C 163 -19.33 -29.55 -62.56
N ILE C 164 -18.54 -30.45 -61.97
CA ILE C 164 -17.23 -30.10 -61.44
C ILE C 164 -16.29 -31.28 -61.59
N PHE C 165 -15.01 -30.98 -61.81
CA PHE C 165 -13.95 -31.97 -61.79
C PHE C 165 -13.24 -31.86 -60.45
N ALA C 166 -13.39 -32.87 -59.61
CA ALA C 166 -12.79 -32.87 -58.29
C ALA C 166 -12.78 -34.29 -57.77
N TRP C 167 -12.39 -34.47 -56.52
CA TRP C 167 -12.51 -35.76 -55.88
C TRP C 167 -13.98 -36.18 -55.84
N CYS C 168 -14.27 -37.40 -56.27
CA CYS C 168 -15.64 -37.87 -56.39
C CYS C 168 -15.77 -39.27 -55.81
N PRO C 169 -16.94 -39.62 -55.28
CA PRO C 169 -18.16 -38.81 -55.17
C PRO C 169 -18.03 -37.66 -54.16
N ALA C 170 -18.19 -36.45 -54.66
CA ALA C 170 -17.99 -35.27 -53.82
C ALA C 170 -19.07 -35.17 -52.75
N GLU C 171 -18.65 -34.89 -51.53
CA GLU C 171 -19.56 -34.72 -50.40
C GLU C 171 -19.34 -33.40 -49.67
N GLU C 172 -18.56 -32.50 -50.24
CA GLU C 172 -18.32 -31.21 -49.58
C GLU C 172 -19.64 -30.48 -49.39
N GLY C 173 -19.79 -29.87 -48.22
CA GLY C 173 -21.02 -29.20 -47.85
C GLY C 173 -22.08 -30.10 -47.26
N LYS C 174 -21.83 -31.41 -47.21
CA LYS C 174 -22.80 -32.32 -46.63
C LYS C 174 -22.95 -32.06 -45.14
N GLU C 175 -24.20 -32.06 -44.68
CA GLU C 175 -24.49 -31.77 -43.28
C GLU C 175 -24.07 -32.94 -42.40
N ALA C 176 -23.74 -32.61 -41.16
CA ALA C 176 -23.35 -33.63 -40.20
C ALA C 176 -24.52 -34.55 -39.90
N PRO C 177 -24.30 -35.87 -39.84
CA PRO C 177 -25.41 -36.78 -39.60
C PRO C 177 -26.11 -36.51 -38.29
N ARG C 178 -27.43 -36.67 -38.32
CA ARG C 178 -28.29 -36.48 -37.17
C ARG C 178 -29.19 -37.70 -37.03
N PRO C 179 -29.18 -38.39 -35.89
CA PRO C 179 -28.41 -38.15 -34.67
C PRO C 179 -26.94 -38.51 -34.80
N ALA C 180 -26.12 -37.93 -33.92
CA ALA C 180 -24.69 -38.15 -33.96
C ALA C 180 -24.37 -39.63 -33.86
N LEU C 181 -23.42 -40.08 -34.68
CA LEU C 181 -23.05 -41.49 -34.70
C LEU C 181 -22.46 -41.93 -33.37
N LEU C 182 -21.55 -41.13 -32.82
CA LEU C 182 -20.91 -41.45 -31.55
C LEU C 182 -21.55 -40.67 -30.40
N ARG C 183 -22.82 -40.98 -30.14
CA ARG C 183 -23.48 -40.43 -28.96
C ARG C 183 -22.97 -41.10 -27.69
N SER C 184 -22.51 -42.34 -27.81
CA SER C 184 -22.02 -43.11 -26.68
C SER C 184 -20.78 -42.49 -26.06
N ALA C 185 -20.26 -41.43 -26.69
CA ALA C 185 -19.12 -40.71 -26.14
C ALA C 185 -19.46 -40.00 -24.84
N GLU C 186 -20.75 -39.79 -24.55
CA GLU C 186 -21.12 -39.19 -23.28
C GLU C 186 -20.85 -40.12 -22.12
N ASN C 187 -20.69 -41.41 -22.40
CA ASN C 187 -20.37 -42.39 -21.39
C ASN C 187 -18.87 -42.58 -21.20
N PHE C 188 -18.05 -41.91 -22.00
CA PHE C 188 -16.62 -41.99 -21.85
C PHE C 188 -16.17 -41.24 -20.60
N THR C 189 -15.00 -41.61 -20.11
CA THR C 189 -14.40 -41.01 -18.93
C THR C 189 -13.02 -40.48 -19.26
N VAL C 190 -12.66 -39.39 -18.60
CA VAL C 190 -11.33 -38.81 -18.72
C VAL C 190 -10.72 -38.68 -17.34
N LEU C 191 -9.50 -39.18 -17.18
CA LEU C 191 -8.72 -39.01 -15.99
C LEU C 191 -7.72 -37.88 -16.20
N ILE C 192 -7.79 -36.87 -15.34
CA ILE C 192 -6.92 -35.70 -15.44
C ILE C 192 -5.93 -35.74 -14.29
N LYS C 193 -4.65 -35.76 -14.64
CA LYS C 193 -3.56 -35.62 -13.69
C LYS C 193 -2.98 -34.22 -13.85
N ASN C 194 -3.01 -33.44 -12.78
CA ASN C 194 -2.59 -32.05 -12.79
C ASN C 194 -1.49 -31.84 -11.76
N ASN C 195 -0.33 -31.41 -12.23
CA ASN C 195 0.81 -31.06 -11.39
C ASN C 195 1.01 -29.56 -11.43
N ILE C 196 1.05 -28.93 -10.26
CA ILE C 196 1.27 -27.49 -10.15
C ILE C 196 2.51 -27.24 -9.31
N ASP C 197 3.01 -26.01 -9.42
CA ASP C 197 4.16 -25.57 -8.65
C ASP C 197 4.04 -24.07 -8.45
N PHE C 198 4.48 -23.61 -7.28
CA PHE C 198 4.66 -22.20 -7.02
C PHE C 198 6.16 -21.96 -6.89
N PRO C 199 6.84 -21.55 -7.97
CA PRO C 199 8.31 -21.57 -7.95
C PRO C 199 8.92 -20.67 -6.89
N GLY C 200 8.32 -19.52 -6.63
CA GLY C 200 8.81 -18.65 -5.58
C GLY C 200 8.69 -19.25 -4.20
N HIS C 201 7.54 -19.85 -3.90
CA HIS C 201 7.32 -20.49 -2.62
C HIS C 201 7.95 -21.88 -2.55
N ASN C 202 8.47 -22.40 -3.66
CA ASN C 202 9.13 -23.69 -3.68
C ASN C 202 8.19 -24.78 -3.17
N TYR C 203 6.97 -24.77 -3.71
CA TYR C 203 5.93 -25.72 -3.35
C TYR C 203 5.34 -26.35 -4.60
N THR C 204 5.23 -27.68 -4.57
CA THR C 204 4.60 -28.42 -5.64
C THR C 204 3.66 -29.46 -5.04
N THR C 205 2.54 -29.67 -5.70
CA THR C 205 1.57 -30.67 -5.30
C THR C 205 0.86 -31.17 -6.55
N ARG C 206 -0.02 -32.15 -6.37
CA ARG C 206 -0.75 -32.76 -7.47
C ARG C 206 -2.17 -33.05 -7.01
N ASN C 207 -3.05 -33.25 -7.99
CA ASN C 207 -4.46 -33.43 -7.74
C ASN C 207 -4.83 -34.85 -7.34
N ILE C 208 -3.90 -35.79 -7.44
CA ILE C 208 -4.11 -37.16 -7.00
C ILE C 208 -3.07 -37.48 -5.96
N LEU C 209 -3.52 -37.95 -4.80
CA LEU C 209 -2.65 -38.21 -3.66
C LEU C 209 -2.87 -39.63 -3.19
N PRO C 210 -1.92 -40.18 -2.45
CA PRO C 210 -2.09 -41.56 -1.96
C PRO C 210 -3.35 -41.70 -1.11
N GLY C 211 -4.03 -42.83 -1.29
CA GLY C 211 -5.24 -43.07 -0.55
C GLY C 211 -6.50 -42.53 -1.18
N MET C 212 -6.51 -42.36 -2.50
CA MET C 212 -7.66 -41.85 -3.22
C MET C 212 -8.40 -42.99 -3.92
N ASN C 213 -9.73 -42.91 -3.91
CA ASN C 213 -10.54 -43.91 -4.58
C ASN C 213 -10.31 -43.87 -6.09
N ILE C 214 -10.23 -45.05 -6.68
CA ILE C 214 -10.06 -45.18 -8.12
C ILE C 214 -11.38 -45.42 -8.83
N SER C 215 -12.27 -46.20 -8.23
CA SER C 215 -13.57 -46.47 -8.83
C SER C 215 -14.47 -45.25 -8.79
N CYS C 216 -14.08 -44.19 -8.10
CA CYS C 216 -14.88 -42.99 -8.03
C CYS C 216 -14.98 -42.30 -9.38
N THR C 217 -16.06 -41.54 -9.53
CA THR C 217 -16.23 -40.60 -10.63
C THR C 217 -16.68 -39.27 -10.04
N PHE C 218 -16.24 -38.18 -10.67
CA PHE C 218 -16.45 -36.87 -10.10
C PHE C 218 -17.93 -36.56 -9.88
N HIS C 219 -18.25 -36.09 -8.69
CA HIS C 219 -19.52 -35.45 -8.42
C HIS C 219 -19.23 -34.22 -7.56
N LYS C 220 -19.98 -33.15 -7.83
CA LYS C 220 -19.68 -31.87 -7.18
C LYS C 220 -19.90 -31.93 -5.67
N THR C 221 -20.77 -32.81 -5.20
CA THR C 221 -20.97 -33.04 -3.78
C THR C 221 -20.37 -34.35 -3.29
N TRP C 222 -20.76 -35.48 -3.89
CA TRP C 222 -20.36 -36.82 -3.38
C TRP C 222 -18.87 -37.07 -3.55
N ASN C 223 -18.29 -36.77 -4.72
CA ASN C 223 -16.89 -37.00 -5.03
C ASN C 223 -16.31 -35.75 -5.67
N PRO C 224 -16.16 -34.67 -4.91
CA PRO C 224 -15.69 -33.41 -5.50
C PRO C 224 -14.22 -33.39 -5.82
N GLN C 225 -13.47 -34.43 -5.46
CA GLN C 225 -12.03 -34.47 -5.67
C GLN C 225 -11.59 -35.62 -6.57
N CYS C 226 -12.52 -36.41 -7.08
CA CYS C 226 -12.15 -37.48 -8.00
C CYS C 226 -11.82 -36.86 -9.36
N PRO C 227 -10.62 -37.09 -9.89
CA PRO C 227 -10.26 -36.46 -11.17
C PRO C 227 -10.68 -37.27 -12.37
N ILE C 228 -11.60 -38.20 -12.19
CA ILE C 228 -12.18 -38.98 -13.27
C ILE C 228 -13.56 -38.39 -13.58
N PHE C 229 -13.76 -37.98 -14.82
CA PHE C 229 -14.95 -37.26 -15.23
C PHE C 229 -15.65 -38.00 -16.34
N ARG C 230 -16.96 -38.19 -16.20
CA ARG C 230 -17.81 -38.63 -17.27
C ARG C 230 -18.25 -37.42 -18.09
N LEU C 231 -18.09 -37.52 -19.41
CA LEU C 231 -18.32 -36.36 -20.26
C LEU C 231 -19.78 -35.91 -20.23
N GLY C 232 -20.70 -36.88 -20.28
CA GLY C 232 -22.10 -36.54 -20.14
C GLY C 232 -22.40 -35.82 -18.85
N ASP C 233 -21.75 -36.24 -17.76
CA ASP C 233 -21.90 -35.54 -16.50
C ASP C 233 -21.35 -34.12 -16.57
N ILE C 234 -20.23 -33.96 -17.26
CA ILE C 234 -19.66 -32.63 -17.46
C ILE C 234 -20.68 -31.72 -18.11
N PHE C 235 -21.40 -32.25 -19.10
CA PHE C 235 -22.38 -31.43 -19.81
C PHE C 235 -23.64 -31.21 -18.98
N GLN C 236 -24.09 -32.23 -18.26
CA GLN C 236 -25.28 -32.11 -17.44
C GLN C 236 -25.09 -31.10 -16.31
N GLU C 237 -23.89 -31.06 -15.73
CA GLU C 237 -23.64 -30.17 -14.60
C GLU C 237 -23.88 -28.70 -14.96
N ILE C 238 -23.80 -28.34 -16.23
CA ILE C 238 -23.92 -26.95 -16.66
C ILE C 238 -25.08 -26.75 -17.63
N GLY C 239 -26.00 -27.71 -17.70
CA GLY C 239 -27.16 -27.56 -18.54
C GLY C 239 -26.88 -27.52 -20.02
N GLU C 240 -26.01 -28.41 -20.49
CA GLU C 240 -25.71 -28.56 -21.90
C GLU C 240 -26.17 -29.94 -22.36
N ASN C 241 -26.73 -30.00 -23.56
CA ASN C 241 -27.24 -31.23 -24.14
C ASN C 241 -26.13 -31.87 -24.95
N PHE C 242 -25.59 -32.99 -24.46
CA PHE C 242 -24.51 -33.67 -25.18
C PHE C 242 -25.00 -34.21 -26.51
N THR C 243 -26.23 -34.70 -26.56
CA THR C 243 -26.75 -35.27 -27.80
C THR C 243 -26.77 -34.25 -28.92
N GLU C 244 -27.16 -33.01 -28.61
CA GLU C 244 -27.20 -31.96 -29.63
C GLU C 244 -25.80 -31.46 -29.95
N VAL C 245 -24.96 -31.25 -28.93
CA VAL C 245 -23.62 -30.76 -29.17
C VAL C 245 -22.80 -31.75 -29.98
N ALA C 246 -23.10 -33.04 -29.85
CA ALA C 246 -22.36 -34.07 -30.55
C ALA C 246 -22.52 -33.97 -32.07
N VAL C 247 -23.59 -33.36 -32.55
CA VAL C 247 -23.88 -33.37 -33.98
C VAL C 247 -22.86 -32.50 -34.72
N GLN C 248 -22.66 -31.28 -34.26
CA GLN C 248 -21.73 -30.35 -34.89
C GLN C 248 -20.45 -30.16 -34.10
N GLY C 249 -20.44 -30.55 -32.84
CA GLY C 249 -19.26 -30.41 -32.01
C GLY C 249 -19.27 -29.17 -31.15
N GLY C 250 -18.18 -28.98 -30.44
CA GLY C 250 -18.08 -27.87 -29.53
C GLY C 250 -16.74 -27.84 -28.84
N ILE C 251 -16.63 -26.90 -27.91
CA ILE C 251 -15.46 -26.75 -27.06
C ILE C 251 -15.94 -26.58 -25.63
N MET C 252 -15.43 -27.42 -24.74
CA MET C 252 -15.80 -27.38 -23.34
C MET C 252 -14.56 -27.15 -22.48
N GLY C 253 -14.73 -26.36 -21.44
CA GLY C 253 -13.66 -26.08 -20.52
C GLY C 253 -13.80 -26.81 -19.20
N ILE C 254 -12.72 -27.45 -18.78
CA ILE C 254 -12.60 -28.04 -17.45
C ILE C 254 -11.66 -27.12 -16.69
N GLU C 255 -12.22 -26.27 -15.84
CA GLU C 255 -11.44 -25.30 -15.09
C GLU C 255 -11.01 -25.93 -13.78
N ILE C 256 -9.73 -25.84 -13.48
CA ILE C 256 -9.15 -26.31 -12.24
C ILE C 256 -8.60 -25.11 -11.50
N TYR C 257 -9.22 -24.79 -10.37
CA TYR C 257 -8.85 -23.64 -9.57
C TYR C 257 -8.09 -24.10 -8.34
N TRP C 258 -6.92 -23.52 -8.15
CA TRP C 258 -6.07 -23.80 -7.00
C TRP C 258 -6.00 -22.55 -6.13
N ASP C 259 -6.85 -22.50 -5.10
CA ASP C 259 -6.73 -21.49 -4.05
C ASP C 259 -5.97 -22.17 -2.91
N CYS C 260 -4.67 -21.90 -2.85
CA CYS C 260 -3.76 -22.67 -2.03
C CYS C 260 -3.13 -21.76 -0.98
N ASN C 261 -3.20 -22.19 0.27
CA ASN C 261 -2.59 -21.50 1.39
C ASN C 261 -1.42 -22.35 1.86
N LEU C 262 -0.21 -21.80 1.75
CA LEU C 262 1.00 -22.55 1.99
C LEU C 262 1.56 -22.31 3.39
N ASP C 263 0.83 -21.58 4.22
CA ASP C 263 1.22 -21.42 5.62
C ASP C 263 0.94 -22.69 6.39
N SER C 264 1.87 -23.06 7.28
CA SER C 264 1.77 -24.32 7.99
C SER C 264 0.52 -24.39 8.84
N TRP C 265 0.19 -23.30 9.54
CA TRP C 265 -0.91 -23.33 10.47
C TRP C 265 -2.26 -23.29 9.79
N SER C 266 -2.33 -22.98 8.51
CA SER C 266 -3.57 -22.89 7.77
C SER C 266 -3.41 -23.51 6.40
N HIS C 267 -2.60 -24.56 6.31
CA HIS C 267 -2.26 -25.14 5.03
C HIS C 267 -3.47 -25.76 4.36
N ARG C 268 -3.67 -25.43 3.09
CA ARG C 268 -4.77 -25.98 2.31
C ARG C 268 -4.43 -25.75 0.84
N CYS C 269 -4.23 -26.83 0.09
CA CYS C 269 -3.97 -26.73 -1.34
C CYS C 269 -4.71 -27.88 -2.01
N GLN C 270 -5.93 -27.60 -2.44
CA GLN C 270 -6.81 -28.56 -3.08
C GLN C 270 -7.36 -27.95 -4.36
N PRO C 271 -7.66 -28.76 -5.36
CA PRO C 271 -8.28 -28.23 -6.58
C PRO C 271 -9.80 -28.26 -6.54
N LYS C 272 -10.37 -27.24 -7.17
CA LYS C 272 -11.80 -27.11 -7.39
C LYS C 272 -12.08 -27.21 -8.87
N TYR C 273 -12.94 -28.13 -9.26
CA TYR C 273 -13.23 -28.40 -10.66
C TYR C 273 -14.55 -27.75 -11.04
N SER C 274 -14.55 -27.07 -12.18
CA SER C 274 -15.73 -26.39 -12.72
C SER C 274 -15.69 -26.51 -14.23
N PHE C 275 -16.85 -26.31 -14.85
CA PHE C 275 -17.02 -26.53 -16.27
C PHE C 275 -17.71 -25.35 -16.90
N ARG C 276 -17.36 -25.09 -18.16
CA ARG C 276 -17.80 -23.92 -18.88
C ARG C 276 -17.70 -24.21 -20.37
N ARG C 277 -18.80 -24.04 -21.08
CA ARG C 277 -18.77 -24.12 -22.53
C ARG C 277 -18.03 -22.92 -23.09
N LEU C 278 -17.10 -23.17 -24.01
CA LEU C 278 -16.21 -22.15 -24.52
C LEU C 278 -16.59 -21.69 -25.92
N ASP C 279 -17.15 -22.56 -26.74
CA ASP C 279 -17.69 -22.14 -28.02
C ASP C 279 -19.03 -21.45 -27.82
N ASP C 280 -19.38 -20.58 -28.75
CA ASP C 280 -20.66 -19.90 -28.70
C ASP C 280 -21.75 -20.82 -29.26
N LYS C 281 -22.79 -21.02 -28.46
CA LYS C 281 -23.91 -21.85 -28.88
C LYS C 281 -24.60 -21.26 -30.10
N TYR C 282 -24.74 -19.94 -30.13
CA TYR C 282 -25.47 -19.24 -31.19
C TYR C 282 -24.55 -18.62 -32.22
N THR C 283 -23.46 -19.31 -32.55
CA THR C 283 -22.57 -18.85 -33.59
C THR C 283 -23.30 -18.81 -34.92
N ASN C 284 -23.05 -17.76 -35.70
CA ASN C 284 -23.68 -17.63 -37.00
C ASN C 284 -23.20 -18.74 -37.93
N GLU C 285 -24.11 -19.19 -38.80
CA GLU C 285 -23.78 -20.29 -39.71
C GLU C 285 -22.61 -19.98 -40.60
N SER C 286 -22.29 -18.71 -40.80
CA SER C 286 -21.17 -18.30 -41.63
C SER C 286 -19.86 -18.21 -40.86
N LEU C 287 -19.88 -18.45 -39.55
CA LEU C 287 -18.69 -18.41 -38.73
C LEU C 287 -18.26 -19.80 -38.26
N PHE C 288 -18.73 -20.85 -38.94
CA PHE C 288 -18.26 -22.21 -38.69
C PHE C 288 -18.58 -22.65 -37.28
N PRO C 289 -19.86 -22.83 -36.97
CA PRO C 289 -20.25 -23.30 -35.63
C PRO C 289 -19.72 -24.69 -35.35
N GLY C 290 -19.48 -24.95 -34.07
CA GLY C 290 -19.02 -26.26 -33.66
C GLY C 290 -17.52 -26.39 -33.56
N TYR C 291 -17.08 -27.60 -33.83
CA TYR C 291 -15.67 -27.95 -33.87
C TYR C 291 -15.52 -29.18 -34.76
N ASN C 292 -14.66 -29.05 -35.77
CA ASN C 292 -14.43 -30.14 -36.71
C ASN C 292 -13.07 -29.94 -37.34
N PHE C 293 -12.62 -30.97 -38.05
CA PHE C 293 -11.42 -30.89 -38.84
C PHE C 293 -11.49 -31.97 -39.92
N ARG C 294 -10.82 -31.71 -41.03
CA ARG C 294 -10.73 -32.65 -42.13
C ARG C 294 -9.31 -33.21 -42.21
N TYR C 295 -9.23 -34.52 -42.36
CA TYR C 295 -7.95 -35.19 -42.57
C TYR C 295 -8.15 -36.27 -43.64
N ALA C 296 -7.15 -36.44 -44.47
CA ALA C 296 -7.23 -37.34 -45.62
C ALA C 296 -6.16 -38.42 -45.52
N LYS C 297 -6.46 -39.57 -46.10
CA LYS C 297 -5.52 -40.68 -46.23
C LYS C 297 -5.47 -41.09 -47.69
N TYR C 298 -4.34 -40.84 -48.37
CA TYR C 298 -4.21 -41.12 -49.82
C TYR C 298 -3.68 -42.54 -50.03
N TYR C 299 -4.34 -43.32 -50.91
CA TYR C 299 -3.93 -44.72 -51.22
C TYR C 299 -4.25 -45.01 -52.69
N LYS C 300 -3.38 -45.74 -53.40
CA LYS C 300 -3.58 -46.08 -54.83
C LYS C 300 -4.31 -47.43 -54.91
N GLU C 301 -5.51 -47.45 -55.51
CA GLU C 301 -6.33 -48.69 -55.63
C GLU C 301 -6.58 -49.00 -57.11
N ASN C 302 -6.32 -50.24 -57.54
CA ASN C 302 -6.54 -50.67 -58.95
C ASN C 302 -5.63 -49.87 -59.89
N GLY C 303 -4.49 -49.37 -59.38
CA GLY C 303 -3.55 -48.58 -60.18
C GLY C 303 -4.01 -47.14 -60.34
N MET C 304 -5.12 -46.77 -59.68
CA MET C 304 -5.69 -45.39 -59.75
C MET C 304 -5.56 -44.74 -58.38
N GLU C 305 -4.80 -43.64 -58.27
CA GLU C 305 -4.60 -42.92 -57.00
C GLU C 305 -5.97 -42.55 -56.42
N LYS C 306 -6.25 -42.93 -55.17
CA LYS C 306 -7.55 -42.63 -54.49
C LYS C 306 -7.26 -41.87 -53.19
N ARG C 307 -8.30 -41.33 -52.54
CA ARG C 307 -8.14 -40.59 -51.26
C ARG C 307 -9.36 -40.81 -50.37
N THR C 308 -9.16 -41.22 -49.12
CA THR C 308 -10.23 -41.35 -48.14
C THR C 308 -10.26 -40.09 -47.29
N LEU C 309 -11.38 -39.38 -47.33
CA LEU C 309 -11.54 -38.15 -46.58
C LEU C 309 -12.51 -38.36 -45.42
N ILE C 310 -12.14 -37.85 -44.25
CA ILE C 310 -12.96 -37.95 -43.05
C ILE C 310 -13.08 -36.56 -42.46
N LYS C 311 -14.30 -36.07 -42.34
CA LYS C 311 -14.60 -34.85 -41.59
C LYS C 311 -15.11 -35.26 -40.23
N ALA C 312 -14.33 -34.98 -39.20
CA ALA C 312 -14.65 -35.39 -37.84
C ALA C 312 -15.23 -34.22 -37.07
N PHE C 313 -16.38 -34.44 -36.46
CA PHE C 313 -16.97 -33.50 -35.53
C PHE C 313 -16.79 -34.04 -34.11
N GLY C 314 -16.54 -33.14 -33.18
CA GLY C 314 -16.39 -33.56 -31.82
C GLY C 314 -16.30 -32.41 -30.87
N VAL C 315 -15.96 -32.72 -29.64
CA VAL C 315 -15.84 -31.75 -28.57
C VAL C 315 -14.37 -31.70 -28.17
N ARG C 316 -13.78 -30.52 -28.29
CA ARG C 316 -12.45 -30.26 -27.76
C ARG C 316 -12.60 -29.80 -26.33
N PHE C 317 -11.93 -30.50 -25.41
CA PHE C 317 -11.94 -30.14 -24.01
C PHE C 317 -10.64 -29.42 -23.68
N ASP C 318 -10.77 -28.20 -23.19
CA ASP C 318 -9.64 -27.36 -22.83
C ASP C 318 -9.56 -27.30 -21.32
N ILE C 319 -8.49 -27.86 -20.76
CA ILE C 319 -8.29 -27.88 -19.32
C ILE C 319 -7.57 -26.60 -18.94
N LEU C 320 -8.23 -25.77 -18.15
CA LEU C 320 -7.74 -24.46 -17.79
C LEU C 320 -7.41 -24.47 -16.31
N VAL C 321 -6.12 -24.38 -15.99
CA VAL C 321 -5.63 -24.44 -14.63
C VAL C 321 -5.11 -23.07 -14.24
N PHE C 322 -5.65 -22.53 -13.15
CA PHE C 322 -5.30 -21.20 -12.68
C PHE C 322 -5.37 -21.20 -11.18
N GLY C 323 -4.65 -20.27 -10.57
CA GLY C 323 -4.67 -20.14 -9.14
C GLY C 323 -3.43 -19.45 -8.62
N THR C 324 -3.45 -19.18 -7.32
CA THR C 324 -2.39 -18.49 -6.63
C THR C 324 -2.10 -19.20 -5.31
N GLY C 325 -0.87 -19.07 -4.85
CA GLY C 325 -0.43 -19.65 -3.60
C GLY C 325 0.17 -18.58 -2.70
N GLY C 326 -0.40 -18.44 -1.52
CA GLY C 326 0.00 -17.43 -0.56
C GLY C 326 0.83 -18.01 0.56
N LYS C 327 1.82 -17.25 0.99
CA LYS C 327 2.66 -17.58 2.12
C LYS C 327 2.98 -16.29 2.85
N PHE C 328 3.04 -16.36 4.17
CA PHE C 328 3.28 -15.17 4.98
C PHE C 328 4.55 -14.45 4.54
N ASP C 329 4.44 -13.14 4.35
CA ASP C 329 5.56 -12.27 4.03
C ASP C 329 5.54 -11.11 5.01
N ILE C 330 6.67 -10.87 5.67
CA ILE C 330 6.73 -9.82 6.67
C ILE C 330 6.65 -8.45 6.02
N ILE C 331 7.24 -8.30 4.84
CA ILE C 331 7.25 -7.00 4.16
C ILE C 331 5.83 -6.60 3.78
N GLN C 332 5.02 -7.55 3.31
CA GLN C 332 3.64 -7.26 2.96
C GLN C 332 2.85 -6.82 4.18
N LEU C 333 3.04 -7.50 5.30
CA LEU C 333 2.34 -7.14 6.53
C LEU C 333 2.76 -5.75 7.00
N VAL C 334 4.05 -5.45 6.94
CA VAL C 334 4.54 -4.13 7.34
C VAL C 334 3.91 -3.06 6.45
N VAL C 335 3.87 -3.30 5.15
CA VAL C 335 3.29 -2.33 4.22
C VAL C 335 1.81 -2.12 4.51
N TYR C 336 1.07 -3.21 4.76
CA TYR C 336 -0.35 -3.08 5.05
C TYR C 336 -0.59 -2.30 6.34
N ILE C 337 0.19 -2.61 7.39
CA ILE C 337 0.02 -1.91 8.65
C ILE C 337 0.36 -0.43 8.48
N GLY C 338 1.43 -0.11 7.76
CA GLY C 338 1.75 1.27 7.50
C GLY C 338 0.65 1.99 6.74
N SER C 339 0.07 1.31 5.76
CA SER C 339 -1.04 1.91 5.02
C SER C 339 -2.23 2.19 5.92
N THR C 340 -2.54 1.29 6.85
CA THR C 340 -3.73 1.43 7.68
C THR C 340 -3.49 2.23 8.95
N LEU C 341 -2.26 2.61 9.26
CA LEU C 341 -1.99 3.30 10.53
C LEU C 341 -2.69 4.66 10.59
N SER C 342 -2.71 5.39 9.48
CA SER C 342 -3.26 6.73 9.50
C SER C 342 -4.76 6.75 9.77
N TYR C 343 -5.43 5.61 9.70
CA TYR C 343 -6.86 5.55 9.97
C TYR C 343 -7.17 5.63 11.45
N PHE C 344 -6.17 5.50 12.31
CA PHE C 344 -6.38 5.59 13.76
C PHE C 344 -6.43 7.03 14.26
N GLY C 345 -6.18 8.00 13.39
CA GLY C 345 -6.45 9.39 13.69
C GLY C 345 -7.87 9.83 13.41
N LEU C 346 -8.74 8.89 13.07
CA LEU C 346 -10.13 9.21 12.81
C LEU C 346 -10.83 9.76 14.05
N ALA C 347 -10.56 9.15 15.21
CA ALA C 347 -11.15 9.64 16.45
C ALA C 347 -10.72 11.07 16.73
N THR C 348 -9.43 11.35 16.57
CA THR C 348 -8.91 12.69 16.77
C THR C 348 -9.59 13.67 15.82
N VAL C 349 -9.67 13.31 14.54
CA VAL C 349 -10.25 14.22 13.55
C VAL C 349 -11.71 14.50 13.89
N CYS C 350 -12.47 13.46 14.19
CA CYS C 350 -13.89 13.63 14.46
C CYS C 350 -14.13 14.48 15.70
N ILE C 351 -13.44 14.17 16.80
CA ILE C 351 -13.70 14.86 18.05
C ILE C 351 -13.21 16.30 17.98
N ASP C 352 -12.07 16.53 17.33
CA ASP C 352 -11.60 17.90 17.14
C ASP C 352 -12.57 18.70 16.28
N LEU C 353 -13.14 18.07 15.25
CA LEU C 353 -14.13 18.76 14.42
C LEU C 353 -15.37 19.09 15.25
N ILE C 354 -15.79 18.17 16.11
CA ILE C 354 -16.92 18.44 17.00
C ILE C 354 -16.62 19.64 17.88
N ILE C 355 -15.45 19.65 18.51
CA ILE C 355 -15.06 20.74 19.39
C ILE C 355 -15.08 22.06 18.62
N ASN C 356 -14.49 22.08 17.43
CA ASN C 356 -14.42 23.31 16.66
C ASN C 356 -15.81 23.80 16.25
N THR C 357 -16.66 22.88 15.80
CA THR C 357 -18.00 23.27 15.36
C THR C 357 -18.83 23.81 16.51
N TYR C 358 -18.83 23.11 17.64
CA TYR C 358 -19.67 23.52 18.76
C TYR C 358 -19.07 24.64 19.59
N ALA C 359 -17.90 25.15 19.20
CA ALA C 359 -17.27 26.26 19.89
C ALA C 359 -17.67 27.57 19.24
N SER C 360 -18.38 27.48 18.12
CA SER C 360 -18.81 28.64 17.38
C SER C 360 -19.93 29.44 18.17
N THR C 361 -20.03 30.74 17.92
CA THR C 361 -21.02 31.57 18.58
C THR C 361 -22.34 31.53 17.80
N CYS C 362 -22.35 30.80 16.70
CA CYS C 362 -23.52 30.66 15.88
C CYS C 362 -24.53 29.64 16.38
N CYS C 363 -24.02 28.71 17.17
CA CYS C 363 -24.81 27.64 17.69
C CYS C 363 -25.67 28.04 18.88
N ARG C 364 -25.15 28.99 19.63
CA ARG C 364 -25.82 29.51 20.79
C ARG C 364 -26.92 30.48 20.40
N SER C 365 -26.93 30.88 19.13
CA SER C 365 -27.87 31.86 18.62
C SER C 365 -28.97 31.26 17.75
N ARG C 366 -28.69 30.14 17.09
CA ARG C 366 -29.64 29.54 16.17
C ARG C 366 -29.93 28.08 16.49
N VAL C 367 -28.94 27.33 16.95
CA VAL C 367 -29.10 25.89 17.14
C VAL C 367 -29.72 25.59 18.51
N TYR C 368 -29.06 26.04 19.57
CA TYR C 368 -29.55 25.73 20.91
C TYR C 368 -30.95 26.29 21.15
N PRO C 369 -31.24 27.54 20.83
CA PRO C 369 -32.63 28.02 21.03
C PRO C 369 -33.65 27.19 20.28
N SER C 370 -33.33 26.77 19.06
CA SER C 370 -34.23 25.91 18.31
C SER C 370 -34.28 24.52 18.91
N CYS C 371 -33.13 23.93 19.20
CA CYS C 371 -33.02 22.59 19.76
C CYS C 371 -32.39 22.70 21.15
N LYS C 372 -33.18 22.42 22.18
CA LYS C 372 -32.69 22.55 23.55
C LYS C 372 -31.97 21.29 24.04
N CYS C 373 -31.88 20.25 23.20
CA CYS C 373 -31.19 19.03 23.57
C CYS C 373 -29.71 19.16 23.30
N CYS C 374 -29.33 20.27 22.66
CA CYS C 374 -27.97 20.51 22.29
C CYS C 374 -27.25 21.54 23.14
N GLU C 375 -27.95 21.97 24.18
CA GLU C 375 -27.43 22.94 25.13
C GLU C 375 -26.18 22.45 25.86
N PRO C 376 -26.14 21.17 26.26
CA PRO C 376 -24.97 20.73 27.03
C PRO C 376 -23.72 20.50 26.17
N CYS C 377 -23.81 20.86 24.90
CA CYS C 377 -22.67 20.81 24.02
C CYS C 377 -22.00 22.16 23.84
N ALA C 378 -22.21 23.00 24.85
CA ALA C 378 -21.64 24.34 24.88
C ALA C 378 -20.34 24.36 25.65
N VAL C 379 -20.01 23.23 26.28
CA VAL C 379 -18.73 23.07 26.95
C VAL C 379 -17.60 22.99 25.94
N ASN C 380 -17.93 22.81 24.66
CA ASN C 380 -16.93 22.78 23.57
C ASN C 380 -16.25 24.15 23.46
N GLU C 381 -16.93 25.22 23.89
CA GLU C 381 -16.34 26.58 23.90
C GLU C 381 -15.21 26.59 24.93
N TYR C 382 -15.40 25.95 26.09
CA TYR C 382 -14.36 25.82 27.14
C TYR C 382 -13.25 24.91 26.63
N TYR C 383 -13.58 23.83 25.94
CA TYR C 383 -12.61 22.87 25.38
C TYR C 383 -11.80 23.54 24.27
N TYR C 384 -12.39 24.48 23.53
CA TYR C 384 -11.73 25.16 22.40
C TYR C 384 -10.83 26.29 22.87
N ARG C 385 -11.12 26.93 24.02
CA ARG C 385 -10.27 28.02 24.58
C ARG C 385 -9.08 27.35 25.27
N LYS C 386 -9.25 26.15 25.81
CA LYS C 386 -8.19 25.38 26.48
C LYS C 386 -7.31 24.74 25.41
N LYS C 387 -7.77 24.65 24.16
CA LYS C 387 -7.04 23.98 23.10
C LYS C 387 -6.32 24.91 22.14
N CYS C 388 -6.91 26.04 21.77
CA CYS C 388 -6.37 26.90 20.73
C CYS C 388 -5.99 28.27 21.29
N GLU C 389 -4.90 28.82 20.75
CA GLU C 389 -4.42 30.17 21.06
C GLU C 389 -4.28 30.94 19.76
N PRO C 390 -5.32 31.66 19.36
CA PRO C 390 -5.22 32.47 18.14
C PRO C 390 -4.19 33.58 18.29
N ILE C 391 -3.47 33.84 17.19
CA ILE C 391 -2.52 34.94 17.12
C ILE C 391 -2.62 35.55 15.73
N VAL C 392 -2.07 36.76 15.60
CA VAL C 392 -2.15 37.53 14.37
C VAL C 392 -0.74 37.77 13.87
N GLU C 393 -0.61 37.87 12.55
CA GLU C 393 0.66 38.22 11.94
C GLU C 393 1.09 39.61 12.40
N PRO C 394 2.27 39.75 13.00
CA PRO C 394 2.70 41.09 13.46
C PRO C 394 3.29 41.93 12.33
N LYS C 395 2.42 42.41 11.47
CA LYS C 395 2.83 43.26 10.37
C LYS C 395 2.88 44.72 10.78
N PRO C 396 3.64 45.55 10.04
CA PRO C 396 3.80 46.95 10.46
C PRO C 396 2.50 47.72 10.59
N THR C 397 1.53 47.42 9.73
CA THR C 397 0.26 48.14 9.76
C THR C 397 -0.61 47.72 10.94
N LEU C 398 -0.19 46.74 11.73
CA LEU C 398 -1.00 46.27 12.84
C LEU C 398 -1.05 47.30 13.94
N LYS C 399 -2.25 47.57 14.42
CA LYS C 399 -2.50 48.51 15.49
C LYS C 399 -3.70 48.02 16.28
N TYR C 400 -3.68 48.27 17.58
CA TYR C 400 -4.79 47.95 18.46
C TYR C 400 -5.24 49.21 19.18
N VAL C 401 -6.55 49.35 19.33
CA VAL C 401 -7.17 50.54 19.86
C VAL C 401 -8.19 50.16 20.90
N SER C 402 -8.26 50.93 21.98
CA SER C 402 -9.19 50.69 23.07
C SER C 402 -9.85 52.02 23.42
N PHE C 403 -11.17 51.97 23.60
CA PHE C 403 -11.96 53.13 23.97
C PHE C 403 -12.62 52.86 25.31
N VAL C 404 -12.44 53.78 26.26
CA VAL C 404 -12.90 53.56 27.62
C VAL C 404 -14.42 53.51 27.69
N ASP C 405 -15.10 53.98 26.66
CA ASP C 405 -16.56 53.94 26.60
C ASP C 405 -17.07 52.69 25.89
N GLU C 406 -16.21 51.74 25.59
CA GLU C 406 -16.58 50.48 24.95
C GLU C 406 -16.01 49.32 25.74
N PRO C 407 -16.60 48.14 25.63
CA PRO C 407 -16.12 46.97 26.37
C PRO C 407 -15.09 46.12 25.66
N HIS C 408 -14.80 46.39 24.40
CA HIS C 408 -13.95 45.53 23.59
C HIS C 408 -12.87 46.36 22.88
N ILE C 409 -12.13 45.71 22.00
CA ILE C 409 -10.92 46.27 21.40
C ILE C 409 -11.02 46.19 19.89
N TRP C 410 -10.39 47.16 19.24
CA TRP C 410 -10.41 47.32 17.80
C TRP C 410 -9.00 47.14 17.25
N MET C 411 -8.86 46.20 16.30
CA MET C 411 -7.56 45.91 15.63
C MET C 411 -7.59 46.57 14.26
N VAL C 412 -6.75 47.57 14.00
CA VAL C 412 -6.67 48.29 12.75
C VAL C 412 -5.44 47.79 12.03
N ASP C 413 -5.63 46.75 11.23
CA ASP C 413 -4.57 46.15 10.43
C ASP C 413 -4.34 46.89 9.12
N GLN C 414 -5.18 47.88 8.80
CA GLN C 414 -5.12 48.58 7.53
C GLN C 414 -4.36 49.89 7.70
N GLN C 415 -4.02 50.54 6.59
CA GLN C 415 -3.18 51.72 6.61
C GLN C 415 -4.03 52.97 6.71
N LEU C 416 -3.44 54.02 7.28
CA LEU C 416 -4.11 55.31 7.44
C LEU C 416 -3.71 56.19 6.27
N LEU C 417 -4.64 56.38 5.33
CA LEU C 417 -4.39 57.19 4.15
C LEU C 417 -4.65 58.66 4.46
N GLY C 418 -3.94 59.20 5.45
CA GLY C 418 -4.13 60.60 5.89
C GLY C 418 -5.38 60.73 6.72
N LYS C 419 -6.00 59.60 7.10
CA LYS C 419 -7.25 59.60 7.91
C LYS C 419 -6.91 59.32 9.36
N SER C 420 -7.33 60.18 10.29
CA SER C 420 -7.09 60.01 11.74
C SER C 420 -7.41 58.56 12.14
N LEU C 421 -6.59 57.95 12.99
CA LEU C 421 -6.85 56.61 13.52
C LEU C 421 -8.18 56.55 14.28
N GLN C 422 -8.59 57.67 14.87
CA GLN C 422 -9.87 57.71 15.56
C GLN C 422 -11.02 57.31 14.65
N ASP C 423 -10.96 57.71 13.39
CA ASP C 423 -12.02 57.45 12.43
C ASP C 423 -11.64 56.25 11.55
N VAL C 424 -11.42 55.11 12.20
CA VAL C 424 -11.09 53.88 11.47
C VAL C 424 -11.89 52.74 12.06
N LYS C 425 -12.55 51.98 11.20
CA LYS C 425 -13.45 50.94 11.67
C LYS C 425 -12.70 49.83 12.37
N GLY C 426 -11.63 49.33 11.76
CA GLY C 426 -10.96 48.21 12.36
C GLY C 426 -11.90 47.02 12.40
N GLN C 427 -11.63 46.12 13.33
CA GLN C 427 -12.48 44.95 13.55
C GLN C 427 -12.43 44.53 15.00
N GLU C 428 -13.62 44.39 15.58
CA GLU C 428 -13.77 44.18 17.02
C GLU C 428 -13.16 42.85 17.45
N VAL C 429 -12.45 42.88 18.56
CA VAL C 429 -11.90 41.67 19.19
C VAL C 429 -12.16 41.78 20.69
N PRO C 430 -12.28 40.68 21.41
CA PRO C 430 -12.57 40.75 22.84
C PRO C 430 -11.32 41.06 23.66
N ARG C 431 -11.53 41.79 24.74
CA ARG C 431 -10.42 42.04 25.64
C ARG C 431 -10.08 40.77 26.42
N PRO C 432 -8.81 40.39 26.49
CA PRO C 432 -8.45 39.17 27.23
C PRO C 432 -8.87 39.26 28.69
N GLN C 433 -9.27 38.10 29.24
CA GLN C 433 -9.58 38.03 30.65
C GLN C 433 -8.29 38.16 31.46
N THR C 434 -8.21 39.20 32.29
CA THR C 434 -7.00 39.45 33.06
C THR C 434 -6.80 38.33 34.09
N ASP C 435 -5.53 38.10 34.41
CA ASP C 435 -5.18 37.08 35.40
C ASP C 435 -5.62 37.55 36.77
N PHE C 436 -6.81 37.14 37.19
CA PHE C 436 -7.37 37.64 38.44
C PHE C 436 -6.51 37.26 39.64
N LEU C 437 -5.75 36.17 39.53
CA LEU C 437 -4.86 35.77 40.60
C LEU C 437 -3.77 36.82 40.83
N GLU C 438 -3.21 37.35 39.75
CA GLU C 438 -2.20 38.40 39.89
C GLU C 438 -2.78 39.65 40.53
N LEU C 439 -4.00 40.03 40.16
CA LEU C 439 -4.62 41.23 40.69
C LEU C 439 -5.24 41.02 42.07
N SER C 440 -5.48 39.77 42.47
CA SER C 440 -5.99 39.53 43.82
C SER C 440 -5.03 40.05 44.87
N ARG C 441 -3.76 40.22 44.51
CA ARG C 441 -2.76 40.84 45.38
C ARG C 441 -2.75 42.34 45.07
N LEU C 442 -3.66 43.07 45.69
CA LEU C 442 -3.78 44.51 45.49
C LEU C 442 -4.06 45.23 46.80
N ASP C 472 -11.62 74.33 21.27
CA ASP C 472 -10.18 74.39 21.45
C ASP C 472 -9.55 73.04 21.12
N SER C 473 -10.19 71.97 21.58
CA SER C 473 -9.67 70.63 21.35
C SER C 473 -9.83 70.24 19.88
N PRO C 474 -9.08 69.25 19.42
CA PRO C 474 -9.18 68.85 18.02
C PRO C 474 -10.58 68.35 17.67
N ASP C 475 -10.80 68.17 16.36
CA ASP C 475 -12.10 67.72 15.89
C ASP C 475 -12.35 66.26 16.22
N TRP C 476 -11.28 65.46 16.36
CA TRP C 476 -11.41 64.04 16.61
C TRP C 476 -11.37 63.69 18.09
N CYS C 477 -11.23 64.67 18.97
CA CYS C 477 -11.13 64.42 20.39
C CYS C 477 -12.48 64.63 21.06
N GLN C 478 -12.93 63.62 21.79
CA GLN C 478 -14.17 63.69 22.55
C GLN C 478 -13.93 63.91 24.04
N CYS C 479 -12.72 63.73 24.52
CA CYS C 479 -12.40 63.92 25.93
C CYS C 479 -11.99 65.34 26.25
N GLY C 480 -11.60 66.13 25.24
CA GLY C 480 -11.21 67.50 25.45
C GLY C 480 -9.81 67.70 25.96
N ASN C 481 -9.07 66.62 26.17
CA ASN C 481 -7.74 66.70 26.76
C ASN C 481 -6.64 66.25 25.79
N CYS C 482 -7.00 65.95 24.55
CA CYS C 482 -6.02 65.55 23.56
C CYS C 482 -5.45 66.78 22.86
N LEU C 483 -4.27 66.60 22.29
CA LEU C 483 -3.51 67.68 21.68
C LEU C 483 -3.11 67.30 20.26
N PRO C 484 -2.87 68.29 19.40
CA PRO C 484 -2.40 67.98 18.06
C PRO C 484 -1.08 67.23 18.10
N SER C 485 -0.91 66.30 17.16
CA SER C 485 0.29 65.51 17.10
C SER C 485 1.45 66.31 16.53
N GLN C 486 2.63 66.13 17.11
CA GLN C 486 3.83 66.82 16.68
C GLN C 486 4.61 66.04 15.63
N LEU C 487 4.11 64.89 15.19
CA LEU C 487 4.80 64.08 14.22
C LEU C 487 4.72 64.71 12.83
N PRO C 488 5.58 64.30 11.91
CA PRO C 488 5.50 64.80 10.54
C PRO C 488 4.14 64.51 9.93
N GLU C 489 3.69 65.45 9.08
CA GLU C 489 2.31 65.41 8.59
C GLU C 489 1.98 64.09 7.91
N ASN C 490 2.95 63.46 7.24
CA ASN C 490 2.65 62.26 6.48
C ASN C 490 2.16 61.13 7.39
N ARG C 491 2.81 60.96 8.53
CA ARG C 491 2.45 59.91 9.49
C ARG C 491 1.90 60.51 10.79
N ARG C 492 1.27 61.68 10.69
CA ARG C 492 0.74 62.35 11.88
C ARG C 492 -0.56 61.72 12.33
N ALA C 493 -1.25 60.99 11.45
CA ALA C 493 -2.58 60.47 11.75
C ALA C 493 -2.54 59.28 12.70
N LEU C 494 -1.37 58.67 12.88
CA LEU C 494 -1.27 57.51 13.77
C LEU C 494 -1.62 57.90 15.21
N GLU C 495 -1.14 59.06 15.66
CA GLU C 495 -1.37 59.52 17.02
C GLU C 495 -2.65 60.33 17.17
N GLU C 496 -3.46 60.45 16.13
CA GLU C 496 -4.71 61.19 16.19
C GLU C 496 -5.81 60.28 16.72
N LEU C 497 -5.69 59.94 17.99
CA LEU C 497 -6.58 59.01 18.67
C LEU C 497 -7.00 59.57 20.02
N CYS C 498 -8.25 59.31 20.39
CA CYS C 498 -8.80 59.73 21.66
C CYS C 498 -9.14 58.52 22.50
N CYS C 499 -9.28 58.76 23.80
CA CYS C 499 -9.59 57.72 24.77
C CYS C 499 -11.00 57.17 24.63
N ARG C 500 -11.88 57.84 23.89
CA ARG C 500 -13.27 57.42 23.81
C ARG C 500 -13.85 57.84 22.47
N ARG C 501 -14.97 57.20 22.11
CA ARG C 501 -15.64 57.50 20.86
C ARG C 501 -16.75 58.54 21.01
N LYS C 502 -17.20 58.80 22.22
CA LYS C 502 -18.26 59.77 22.49
C LYS C 502 -17.80 60.74 23.56
N PRO C 503 -18.36 61.94 23.59
CA PRO C 503 -17.92 62.93 24.58
C PRO C 503 -18.13 62.43 26.01
N GLY C 504 -17.19 62.79 26.88
CA GLY C 504 -17.25 62.36 28.26
C GLY C 504 -15.97 62.71 28.97
N GLN C 505 -15.81 62.14 30.16
CA GLN C 505 -14.61 62.39 30.95
C GLN C 505 -13.44 61.57 30.42
N CYS C 506 -12.27 62.18 30.42
CA CYS C 506 -11.07 61.50 29.96
C CYS C 506 -10.67 60.39 30.92
N ILE C 507 -10.07 59.35 30.36
CA ILE C 507 -9.56 58.25 31.19
C ILE C 507 -8.50 58.76 32.15
N THR C 508 -7.79 59.82 31.79
CA THR C 508 -6.77 60.39 32.66
C THR C 508 -7.34 60.90 33.96
N THR C 509 -8.65 61.18 34.01
CA THR C 509 -9.25 61.74 35.23
C THR C 509 -9.37 60.68 36.32
N SER C 510 -9.41 59.42 35.94
CA SER C 510 -9.48 58.34 36.93
C SER C 510 -8.22 58.33 37.79
N GLU C 511 -8.40 57.98 39.07
CA GLU C 511 -7.27 57.89 39.98
C GLU C 511 -6.37 56.71 39.63
N LEU C 512 -6.93 55.69 38.99
CA LEU C 512 -6.15 54.53 38.60
C LEU C 512 -5.09 54.90 37.56
N PHE C 513 -5.38 55.87 36.70
CA PHE C 513 -4.37 56.34 35.76
C PHE C 513 -3.16 56.89 36.49
N SER C 514 -3.39 57.70 37.53
CA SER C 514 -2.28 58.26 38.30
C SER C 514 -1.57 57.18 39.09
N LYS C 515 -2.32 56.22 39.63
CA LYS C 515 -1.70 55.16 40.42
C LYS C 515 -0.81 54.26 39.57
N ILE C 516 -1.24 53.96 38.35
CA ILE C 516 -0.54 53.03 37.48
C ILE C 516 0.45 53.73 36.58
N VAL C 517 0.00 54.74 35.84
CA VAL C 517 0.75 55.30 34.73
C VAL C 517 1.65 56.46 35.17
N LEU C 518 1.15 57.33 36.04
CA LEU C 518 1.88 58.53 36.45
C LEU C 518 2.53 58.39 37.82
N SER C 519 2.50 57.19 38.40
CA SER C 519 3.09 56.99 39.73
C SER C 519 4.58 56.77 39.56
N ARG C 520 5.35 57.85 39.68
CA ARG C 520 6.80 57.76 39.52
C ARG C 520 7.38 56.69 40.43
N GLU C 521 6.84 56.55 41.65
CA GLU C 521 7.30 55.52 42.55
C GLU C 521 7.13 54.13 41.96
N ALA C 522 5.92 53.84 41.46
CA ALA C 522 5.67 52.50 40.91
C ALA C 522 6.56 52.22 39.72
N LEU C 523 6.73 53.20 38.83
CA LEU C 523 7.56 52.99 37.66
C LEU C 523 9.02 52.77 38.05
N GLN C 524 9.49 53.51 39.06
CA GLN C 524 10.85 53.30 39.55
C GLN C 524 11.00 51.89 40.14
N LEU C 525 9.99 51.42 40.87
CA LEU C 525 10.04 50.06 41.39
C LEU C 525 10.09 49.03 40.27
N LEU C 526 9.31 49.24 39.21
CA LEU C 526 9.37 48.32 38.08
C LEU C 526 10.74 48.34 37.43
N LEU C 527 11.31 49.53 37.24
CA LEU C 527 12.64 49.64 36.66
C LEU C 527 13.68 48.92 37.52
N LEU C 528 13.59 49.09 38.84
CA LEU C 528 14.51 48.42 39.74
C LEU C 528 14.34 46.91 39.70
N TYR C 529 13.10 46.45 39.61
CA TYR C 529 12.84 45.03 39.42
C TYR C 529 13.57 44.52 38.19
N GLN C 530 13.51 45.27 37.09
CA GLN C 530 14.24 44.87 35.90
C GLN C 530 15.75 45.03 36.10
N GLU C 531 16.19 46.16 36.63
CA GLU C 531 17.60 46.42 36.93
C GLU C 531 17.73 46.94 38.35
N PRO C 532 18.11 46.08 39.31
CA PRO C 532 18.12 46.53 40.71
C PRO C 532 19.05 47.69 40.98
N LEU C 533 20.16 47.79 40.28
CA LEU C 533 21.18 48.80 40.53
C LEU C 533 21.08 49.97 39.54
N LEU C 534 19.85 50.30 39.16
CA LEU C 534 19.64 51.39 38.21
C LEU C 534 19.92 52.74 38.85
N ALA C 535 20.48 53.64 38.05
CA ALA C 535 20.84 54.98 38.50
C ALA C 535 19.70 55.94 38.20
N LEU C 536 19.22 56.63 39.23
CA LEU C 536 18.10 57.56 39.09
C LEU C 536 18.63 58.98 38.89
N GLU C 537 19.20 59.20 37.71
CA GLU C 537 19.75 60.51 37.37
C GLU C 537 19.80 60.67 35.86
N GLY C 538 19.77 61.92 35.42
CA GLY C 538 19.84 62.24 34.01
C GLY C 538 18.50 62.13 33.31
N GLU C 539 18.51 62.48 32.02
CA GLU C 539 17.34 62.30 31.18
C GLU C 539 17.11 60.83 30.83
N ALA C 540 18.09 59.97 31.06
CA ALA C 540 17.90 58.55 30.82
C ALA C 540 16.79 57.99 31.68
N ILE C 541 16.77 58.34 32.96
CA ILE C 541 15.71 57.86 33.84
C ILE C 541 14.36 58.38 33.37
N ASN C 542 14.32 59.60 32.85
CA ASN C 542 13.06 60.25 32.42
C ASN C 542 12.54 59.52 31.18
N SER C 543 13.42 59.08 30.28
CA SER C 543 13.02 58.26 29.13
C SER C 543 12.56 56.87 29.57
N LYS C 544 13.29 56.27 30.53
CA LYS C 544 12.96 54.92 31.06
C LYS C 544 11.58 54.94 31.70
N LEU C 545 11.25 56.00 32.44
CA LEU C 545 9.95 56.15 33.08
C LEU C 545 8.85 56.40 32.06
N ARG C 546 9.12 57.20 31.03
CA ARG C 546 8.12 57.45 30.00
C ARG C 546 7.77 56.15 29.27
N HIS C 547 8.78 55.37 28.91
CA HIS C 547 8.52 54.09 28.28
C HIS C 547 7.73 53.17 29.21
N CYS C 548 8.07 53.17 30.49
CA CYS C 548 7.35 52.32 31.44
C CYS C 548 5.91 52.76 31.59
N ALA C 549 5.65 54.06 31.53
CA ALA C 549 4.27 54.55 31.59
C ALA C 549 3.48 54.10 30.37
N TYR C 550 4.09 54.19 29.19
CA TYR C 550 3.43 53.68 27.98
C TYR C 550 3.11 52.20 28.13
N ARG C 551 4.12 51.43 28.55
CA ARG C 551 3.99 49.96 28.70
C ARG C 551 2.88 49.66 29.71
N SER C 552 2.77 50.41 30.81
CA SER C 552 1.78 50.20 31.84
C SER C 552 0.38 50.48 31.33
N TYR C 553 0.19 51.61 30.63
CA TYR C 553 -1.12 51.87 30.05
C TYR C 553 -1.52 50.78 29.08
N ALA C 554 -0.58 50.36 28.22
CA ALA C 554 -0.90 49.36 27.22
C ALA C 554 -1.24 48.02 27.86
N THR C 555 -0.53 47.64 28.92
CA THR C 555 -0.84 46.40 29.61
C THR C 555 -2.17 46.48 30.35
N TRP C 556 -2.45 47.64 30.94
CA TRP C 556 -3.67 47.84 31.71
C TRP C 556 -4.90 47.82 30.83
N ARG C 557 -4.81 48.36 29.61
CA ARG C 557 -6.00 48.55 28.73
C ARG C 557 -6.06 47.57 27.55
N PHE C 558 -5.03 46.76 27.30
CA PHE C 558 -5.03 45.75 26.20
C PHE C 558 -4.87 44.35 26.81
N VAL C 559 -4.28 44.21 28.00
CA VAL C 559 -4.17 42.92 28.75
C VAL C 559 -3.06 42.06 28.15
N SER C 560 -3.21 41.50 26.94
CA SER C 560 -2.20 40.61 26.42
C SER C 560 -1.01 41.39 25.86
N GLN C 561 0.18 40.84 26.04
CA GLN C 561 1.38 41.49 25.51
C GLN C 561 1.36 41.52 23.99
N ASP C 562 0.66 40.58 23.38
CA ASP C 562 0.54 40.56 21.93
C ASP C 562 -0.12 41.82 21.41
N MET C 563 -1.19 42.26 22.10
CA MET C 563 -1.85 43.51 21.74
C MET C 563 -1.21 44.72 22.38
N ALA C 564 -0.71 44.59 23.61
CA ALA C 564 -0.01 45.69 24.25
C ALA C 564 1.22 46.13 23.45
N ASP C 565 1.81 45.22 22.68
CA ASP C 565 2.96 45.58 21.86
C ASP C 565 2.56 46.49 20.71
N PHE C 566 1.42 46.23 20.08
CA PHE C 566 0.95 46.98 18.94
C PHE C 566 -0.16 47.96 19.30
N ALA C 567 -0.46 48.11 20.57
CA ALA C 567 -1.42 49.10 21.03
C ALA C 567 -1.02 50.48 20.55
N ILE C 568 -1.97 51.41 20.64
CA ILE C 568 -1.74 52.82 20.34
C ILE C 568 -2.33 53.63 21.47
N LEU C 569 -1.51 54.43 22.11
CA LEU C 569 -1.99 55.28 23.18
C LEU C 569 -2.73 56.49 22.63
N PRO C 570 -3.77 56.95 23.30
CA PRO C 570 -4.42 58.19 22.90
C PRO C 570 -3.52 59.39 23.13
N SER C 571 -3.87 60.48 22.45
CA SER C 571 -3.11 61.72 22.61
C SER C 571 -3.19 62.24 24.04
N CYS C 572 -4.35 62.07 24.69
CA CYS C 572 -4.50 62.54 26.06
C CYS C 572 -3.53 61.84 27.01
N CYS C 573 -3.57 60.51 27.02
CA CYS C 573 -2.69 59.75 27.91
C CYS C 573 -1.23 59.95 27.52
N ARG C 574 -0.94 59.92 26.22
CA ARG C 574 0.42 60.09 25.75
C ARG C 574 1.01 61.41 26.21
N TRP C 575 0.26 62.50 26.02
CA TRP C 575 0.81 63.82 26.34
C TRP C 575 0.80 64.09 27.83
N LYS C 576 -0.12 63.51 28.59
CA LYS C 576 0.00 63.58 30.05
C LYS C 576 1.26 62.87 30.53
N ILE C 577 1.52 61.68 30.00
CA ILE C 577 2.74 60.96 30.35
C ILE C 577 3.97 61.80 30.02
N ARG C 578 3.99 62.36 28.81
CA ARG C 578 5.14 63.14 28.39
C ARG C 578 5.31 64.39 29.23
N LYS C 579 4.21 65.06 29.58
CA LYS C 579 4.29 66.22 30.45
C LYS C 579 4.88 65.86 31.79
N GLU C 580 4.45 64.72 32.37
CA GLU C 580 4.97 64.35 33.67
C GLU C 580 6.29 63.59 33.57
N PHE C 581 6.70 63.20 32.36
CA PHE C 581 8.03 62.65 32.10
C PHE C 581 8.61 63.31 30.85
N PRO C 582 8.90 64.61 30.91
CA PRO C 582 9.32 65.32 29.70
C PRO C 582 10.65 64.84 29.13
N LYS C 583 11.04 65.42 28.00
CA LYS C 583 12.34 65.16 27.39
C LYS C 583 13.12 66.44 27.32
N THR C 584 14.44 66.34 27.55
CA THR C 584 15.30 67.52 27.54
C THR C 584 15.14 68.31 26.26
N GLN C 585 15.24 67.63 25.11
CA GLN C 585 15.08 68.29 23.82
C GLN C 585 14.99 67.22 22.74
N GLY C 586 14.22 67.53 21.71
CA GLY C 586 14.02 66.65 20.58
C GLY C 586 12.57 66.17 20.50
N GLN C 587 12.18 65.78 19.29
CA GLN C 587 10.84 65.25 19.09
C GLN C 587 10.74 63.85 19.68
N TYR C 588 9.59 63.55 20.27
CA TYR C 588 9.30 62.19 20.69
C TYR C 588 9.11 61.30 19.47
N SER C 589 9.80 60.15 19.46
CA SER C 589 9.78 59.29 18.29
C SER C 589 8.38 58.73 18.02
N GLY C 590 7.60 58.48 19.06
CA GLY C 590 6.32 57.85 18.90
C GLY C 590 6.41 56.34 18.75
N PHE C 591 5.30 55.75 18.35
CA PHE C 591 5.24 54.30 18.20
C PHE C 591 6.29 53.82 17.19
N LYS C 592 7.04 52.81 17.59
CA LYS C 592 8.05 52.20 16.74
C LYS C 592 7.75 50.72 16.61
N TYR C 593 7.83 50.23 15.38
CA TYR C 593 7.47 48.85 15.07
C TYR C 593 8.32 47.87 15.88
N PRO C 594 7.72 46.98 16.66
CA PRO C 594 8.52 46.09 17.51
C PRO C 594 9.50 45.21 16.75
N TYR C 595 9.20 44.83 15.52
CA TYR C 595 10.06 43.95 14.75
C TYR C 595 10.81 44.71 13.67
C05 KFM D . 2.75 -41.50 -39.07
C06 KFM D . 1.96 -40.54 -39.68
C07 KFM D . 2.21 -39.17 -39.62
C08 KFM D . 3.31 -38.63 -38.94
C10 KFM D . 3.06 -35.99 -39.36
C11 KFM D . 3.74 -34.76 -39.24
C12 KFM D . 3.27 -33.54 -39.70
C13 KFM D . 2.05 -33.29 -40.36
C14 KFM D . 1.37 -34.52 -40.48
C15 KFM D . 1.82 -35.80 -40.02
C16 KFM D . 1.63 -31.87 -40.82
C17 KFM D . 1.55 -31.53 -42.17
C18 KFM D . 1.21 -30.22 -42.75
C19 KFM D . 1.11 -29.90 -44.06
C20 KFM D . 1.33 -30.82 -45.18
C22 KFM D . 1.41 -31.28 -47.66
C23 KFM D . 2.56 -31.19 -48.45
C24 KFM D . 2.73 -31.94 -49.62
C25 KFM D . 1.80 -32.84 -50.10
C26 KFM D . 0.65 -32.94 -49.33
C27 KFM D . 0.44 -32.19 -48.15
C32 KFM D . 1.66 -32.10 -44.62
C33 KFM D . 1.76 -32.41 -43.31
C34 KFM D . 1.39 -30.75 -39.79
C35 KFM D . 2.35 -30.19 -38.96
C36 KFM D . 2.14 -29.17 -38.02
C37 KFM D . 0.89 -28.56 -37.78
C39 KFM D . 1.47 -27.18 -35.63
C40 KFM D . 2.53 -27.99 -35.14
C41 KFM D . 3.28 -27.64 -34.01
C42 KFM D . 3.05 -26.49 -33.28
C43 KFM D . 2.01 -25.71 -33.76
C44 KFM D . 1.25 -26.04 -34.89
C49 KFM D . -0.09 -29.10 -38.61
C50 KFM D . 0.14 -30.13 -39.55
C51 KFM D . 4.13 -39.62 -38.32
C52 KFM D . 3.83 -40.99 -38.39
N09 KFM D . 3.62 -37.23 -38.85
N21 KFM D . 1.23 -30.49 -46.45
N38 KFM D . 0.68 -27.53 -36.81
O01 KFM D . 1.73 -43.47 -40.43
O03 KFM D . 1.53 -43.60 -38.05
O04 KFM D . 3.65 -43.95 -39.07
O29 KFM D . 2.80 -32.95 -52.52
O30 KFM D . 0.76 -34.14 -52.13
O31 KFM D . 2.83 -34.95 -51.23
O46 KFM D . 3.37 -24.95 -31.23
O47 KFM D . 5.33 -25.75 -32.35
O48 KFM D . 4.05 -27.23 -30.98
S02 KFM D . 2.38 -43.29 -39.16
S28 KFM D . 2.07 -33.81 -51.64
S45 KFM D . 4.04 -26.07 -31.82
H061 KFM D . 1.07 -40.85 -40.23
H071 KFM D . 1.55 -38.48 -40.12
H111 KFM D . 4.71 -34.76 -38.74
H121 KFM D . 3.92 -32.68 -39.53
H141 KFM D . 0.39 -34.57 -40.97
H151 KFM D . 1.21 -36.68 -40.17
H181 KFM D . 1.01 -29.45 -42.03
H191 KFM D . 0.84 -28.89 -44.32
H231 KFM D . 3.35 -30.52 -48.15
H241 KFM D . 3.66 -31.81 -50.18
H261 KFM D . -0.13 -33.63 -49.66
H271 KFM D . -0.49 -32.35 -47.62
H321 KFM D . 1.84 -32.84 -45.37
H331 KFM D . 2.03 -33.43 -43.12
H351 KFM D . 3.36 -30.57 -39.03
H361 KFM D . 3.01 -28.86 -37.45
H401 KFM D . 2.82 -28.91 -35.61
H411 KFM D . 4.08 -28.30 -33.68
H431 KFM D . 1.78 -24.79 -33.24
H441 KFM D . 0.47 -25.37 -35.18
H491 KFM D . -1.09 -28.70 -38.49
H501 KFM D . -0.74 -30.44 -40.11
H511 KFM D . 5.02 -39.37 -37.75
H521 KFM D . 4.49 -41.72 -37.90
H091 KFM D . 4.52 -37.08 -38.41
H531 KFM D . 0.60 -29.70 -46.60
H381 KFM D . -0.28 -27.21 -36.74
PB GDP E . 18.06 24.38 56.79
O1B GDP E . 18.88 25.08 57.85
O2B GDP E . 17.89 22.93 57.16
O3B GDP E . 16.70 25.03 56.68
O3A GDP E . 18.81 24.48 55.38
PA GDP E . 18.63 25.77 54.43
O1A GDP E . 17.97 26.90 55.17
O2A GDP E . 19.93 26.23 53.84
O5' GDP E . 17.69 25.19 53.29
C5' GDP E . 16.88 26.12 52.59
C4' GDP E . 16.07 25.53 51.46
O4' GDP E . 16.11 26.49 50.42
C3' GDP E . 16.60 24.22 50.92
O3' GDP E . 15.63 23.20 51.10
C2' GDP E . 16.88 24.46 49.46
O2' GDP E . 15.98 23.70 48.65
C1' GDP E . 16.64 25.94 49.23
N9 GDP E . 17.91 26.64 48.88
C8 GDP E . 18.94 26.91 49.69
N7 GDP E . 19.93 27.57 49.04
C5 GDP E . 19.52 27.72 47.77
C6 GDP E . 20.06 28.31 46.55
O6 GDP E . 21.19 28.85 46.55
N1 GDP E . 19.31 28.26 45.44
C2 GDP E . 18.10 27.70 45.43
N2 GDP E . 17.41 27.69 44.27
N3 GDP E . 17.53 27.12 46.51
C4 GDP E . 18.19 27.12 47.68
H5' GDP E . 16.22 26.60 53.30
H5'' GDP E . 17.53 26.89 52.19
H4' GDP E . 15.05 25.38 51.79
H3' GDP E . 17.54 23.96 51.43
HO3' GDP E . 16.02 22.35 50.91
H2' GDP E . 17.91 24.20 49.22
HO2' GDP E . 16.14 22.76 48.78
H1' GDP E . 15.94 26.05 48.40
H8 GDP E . 19.00 26.64 50.73
HN1 GDP E . 19.67 28.68 44.58
HN21 GDP E . 17.82 28.12 43.45
HN22 GDP E . 16.51 27.27 44.23
ZN ZN F . 26.95 40.70 46.77
ZN ZN G . 30.35 39.10 46.96
C1 NAG H . -21.70 -15.84 -12.10
C2 NAG H . -22.74 -15.83 -10.98
C3 NAG H . -23.92 -16.73 -11.35
C4 NAG H . -24.47 -16.36 -12.72
C5 NAG H . -23.35 -16.34 -13.75
C6 NAG H . -23.81 -15.84 -15.10
C7 NAG H . -21.40 -17.26 -9.42
C8 NAG H . -21.04 -18.15 -10.57
N2 NAG H . -22.19 -16.19 -9.69
O3 NAG H . -24.94 -16.59 -10.36
O4 NAG H . -25.46 -17.29 -13.11
O5 NAG H . -22.30 -15.44 -13.32
O6 NAG H . -22.71 -15.67 -15.99
O7 NAG H . -20.98 -17.46 -8.28
H2 NAG H . -23.08 -14.93 -10.91
H3 NAG H . -23.65 -17.67 -11.37
H4 NAG H . -24.87 -15.46 -12.66
H5 NAG H . -22.99 -17.23 -13.84
H61 NAG H . -24.42 -16.49 -15.49
H62 NAG H . -24.26 -14.99 -14.99
H81 NAG H . -20.70 -18.99 -10.21
H82 NAG H . -21.81 -18.33 -11.14
H83 NAG H . -20.33 -17.73 -11.10
HN2 NAG H . -22.40 -15.66 -8.99
HO3 NAG H . -25.71 -16.89 -10.69
HO4 NAG H . -26.22 -16.87 -13.28
HO6 NAG H . -21.96 -15.56 -15.52
C1 NAG I . -20.04 -4.59 -43.70
C2 NAG I . -19.02 -4.70 -44.84
C3 NAG I . -19.64 -4.20 -46.14
C4 NAG I . -20.95 -4.93 -46.42
C5 NAG I . -21.88 -4.81 -45.21
C6 NAG I . -23.15 -5.62 -45.36
C7 NAG I . -16.67 -4.10 -45.22
C8 NAG I . -15.54 -3.24 -44.76
N2 NAG I . -17.81 -3.96 -44.53
O3 NAG I . -18.73 -4.42 -47.21
O4 NAG I . -21.58 -4.37 -47.56
O5 NAG I . -21.22 -5.30 -44.04
O6 NAG I . -23.70 -5.95 -44.09
O7 NAG I . -16.58 -4.87 -46.16
H1 NAG I . -20.26 -3.65 -43.56
H2 NAG I . -18.79 -5.65 -44.96
H3 NAG I . -19.83 -3.25 -46.06
H4 NAG I . -20.76 -5.87 -46.58
H5 NAG I . -22.11 -3.87 -45.08
H61 NAG I . -22.95 -6.44 -45.85
H62 NAG I . -23.80 -5.10 -45.87
H81 NAG I . -15.18 -3.60 -43.92
H82 NAG I . -15.84 -2.33 -44.62
H83 NAG I . -14.83 -3.25 -45.43
HN2 NAG I . -17.83 -3.36 -43.83
HO3 NAG I . -19.18 -4.48 -47.98
HO4 NAG I . -21.80 -5.02 -48.13
HO6 NAG I . -23.41 -5.37 -43.49
C1 NAG J . -3.15 -12.52 -53.98
C2 NAG J . -2.10 -12.87 -55.04
C3 NAG J . -1.98 -11.74 -56.05
C4 NAG J . -3.34 -11.41 -56.64
C5 NAG J . -4.34 -11.11 -55.52
C6 NAG J . -5.75 -10.92 -56.02
C7 NAG J . -0.18 -14.32 -54.56
C8 NAG J . 1.14 -14.43 -53.87
N2 NAG J . -0.82 -13.15 -54.42
O3 NAG J . -1.09 -12.14 -57.08
O4 NAG J . -3.24 -10.28 -57.50
O5 NAG J . -4.39 -12.22 -54.61
O6 NAG J . -6.43 -12.16 -56.14
O7 NAG J . -0.66 -15.24 -55.22
H2 NAG J . -2.42 -13.68 -55.51
H3 NAG J . -1.63 -10.95 -55.60
H4 NAG J . -3.67 -12.17 -57.15
H5 NAG J . -4.05 -10.32 -55.04
H61 NAG J . -6.23 -10.33 -55.40
H62 NAG J . -5.72 -10.49 -56.90
H81 NAG J . 0.99 -14.46 -52.91
H82 NAG J . 1.67 -13.65 -54.08
H83 NAG J . 1.59 -15.24 -54.17
HN2 NAG J . -0.42 -12.50 -53.93
HO3 NAG J . -1.46 -11.97 -57.87
HO4 NAG J . -3.31 -10.53 -58.35
HO6 NAG J . -5.84 -12.81 -56.22
C1 NAG K . 10.59 -9.43 -50.70
C2 NAG K . 11.26 -8.24 -51.38
C3 NAG K . 11.30 -8.43 -52.88
C4 NAG K . 11.95 -9.77 -53.23
C5 NAG K . 11.27 -10.91 -52.46
C6 NAG K . 11.98 -12.23 -52.62
C7 NAG K . 9.30 -6.75 -51.34
C8 NAG K . 8.77 -5.42 -50.92
N2 NAG K . 10.58 -6.99 -51.05
O3 NAG K . 12.03 -7.37 -53.49
O4 NAG K . 11.83 -10.03 -54.62
O5 NAG K . 11.28 -10.62 -51.05
O6 NAG K . 12.32 -12.79 -51.36
O7 NAG K . 8.60 -7.57 -51.92
H1 NAG K . 9.68 -9.50 -51.03
H2 NAG K . 12.17 -8.17 -51.05
H3 NAG K . 10.39 -8.43 -53.24
H4 NAG K . 12.90 -9.73 -52.99
H5 NAG K . 10.35 -10.98 -52.75
H61 NAG K . 11.38 -12.85 -53.08
H62 NAG K . 12.79 -12.10 -53.14
H81 NAG K . 9.25 -4.72 -51.39
H82 NAG K . 7.82 -5.37 -51.15
H83 NAG K . 8.88 -5.32 -49.96
HN2 NAG K . 11.05 -6.34 -50.61
HO3 NAG K . 11.84 -7.33 -54.36
HO4 NAG K . 12.47 -10.58 -54.89
HO6 NAG K . 12.22 -12.18 -50.75
C1 NAG L . 27.67 -18.66 -36.55
C2 NAG L . 28.32 -17.33 -36.93
C3 NAG L . 29.75 -17.57 -37.42
C4 NAG L . 30.54 -18.36 -36.37
C5 NAG L . 29.79 -19.64 -36.01
C6 NAG L . 30.44 -20.39 -34.88
C7 NAG L . 26.52 -15.83 -37.68
C8 NAG L . 25.84 -15.22 -38.86
N2 NAG L . 27.54 -16.65 -37.95
O3 NAG L . 30.37 -16.32 -37.65
O4 NAG L . 31.82 -18.70 -36.89
O5 NAG L . 28.45 -19.31 -35.56
O6 NAG L . 29.66 -21.51 -34.48
O7 NAG L . 26.16 -15.62 -36.53
H1 NAG L . 27.63 -19.23 -37.34
H2 NAG L . 28.36 -16.77 -36.14
H3 NAG L . 29.72 -18.08 -38.25
H4 NAG L . 30.64 -17.81 -35.58
H5 NAG L . 29.72 -20.21 -36.79
H61 NAG L . 30.55 -19.80 -34.12
H62 NAG L . 31.31 -20.71 -35.17
H81 NAG L . 25.46 -15.93 -39.42
H82 NAG L . 26.48 -14.70 -39.37
H83 NAG L . 25.11 -14.64 -38.55
HN2 NAG L . 27.77 -16.78 -38.83
HO3 NAG L . 31.26 -16.39 -37.51
HO4 NAG L . 32.38 -18.85 -36.21
HO6 NAG L . 29.38 -21.40 -33.65
C1 PLM M . 17.94 28.55 11.93
O1 PLM M . 18.81 28.93 11.17
C2 PLM M . 17.61 27.08 12.16
C3 PLM M . 18.05 26.22 10.97
C4 PLM M . 17.06 25.12 10.57
C5 PLM M . 17.08 23.86 11.48
C6 PLM M . 15.75 23.05 11.54
C7 PLM M . 15.73 21.69 10.77
C8 PLM M . 16.30 21.71 9.33
C9 PLM M . 16.18 20.39 8.52
CA PLM M . 16.47 20.50 6.99
H21 PLM M . 16.53 26.97 12.36
H22 PLM M . 18.09 26.78 13.10
H31 PLM M . 19.04 25.78 11.22
H32 PLM M . 18.26 26.88 10.12
H41 PLM M . 17.27 24.82 9.53
H42 PLM M . 16.05 25.55 10.54
H51 PLM M . 17.89 23.19 11.15
H52 PLM M . 17.38 24.16 12.50
H61 PLM M . 15.48 22.87 12.60
H62 PLM M . 14.92 23.68 11.16
H71 PLM M . 16.30 20.95 11.37
H72 PLM M . 14.70 21.31 10.76
H81 PLM M . 17.35 22.02 9.35
H82 PLM M . 15.80 22.52 8.76
H91 PLM M . 16.87 19.65 8.96
H92 PLM M . 15.18 19.97 8.68
HA1 PLM M . 15.53 20.31 6.44
HA2 PLM M . 16.75 21.54 6.73
C1 PLM N . 21.88 30.88 9.18
O2 PLM N . 23.11 30.95 9.13
C2 PLM N . 21.03 30.34 8.08
C3 PLM N . 20.67 28.89 8.28
C4 PLM N . 20.24 28.22 6.99
C5 PLM N . 19.57 26.89 7.28
C6 PLM N . 19.16 26.17 6.01
C7 PLM N . 18.33 24.94 6.32
H21 PLM N . 20.08 30.96 8.06
H22 PLM N . 21.55 30.48 7.09
H31 PLM N . 19.83 28.82 9.03
H32 PLM N . 21.55 28.36 8.71
H41 PLM N . 19.53 28.89 6.43
H42 PLM N . 21.14 28.06 6.34
H51 PLM N . 18.66 27.06 7.92
H52 PLM N . 20.27 26.24 7.87
H61 PLM N . 20.08 25.87 5.44
H62 PLM N . 18.58 26.87 5.36
C1 PLM O . 16.64 32.47 7.86
O2 PLM O . 16.16 33.28 7.07
C2 PLM O . 16.87 31.02 7.53
C3 PLM O . 17.34 30.82 6.10
C4 PLM O . 16.30 31.20 5.08
C5 PLM O . 16.04 30.09 4.10
C6 PLM O . 15.17 29.00 4.69
C7 PLM O . 14.64 28.08 3.60
C8 PLM O . 13.52 27.19 4.10
C9 PLM O . 12.80 26.54 2.95
CA PLM O . 11.59 25.77 3.40
H21 PLM O . 17.66 30.65 8.23
H22 PLM O . 15.94 30.43 7.72
H31 PLM O . 18.27 31.42 5.93
H32 PLM O . 17.60 29.74 5.97
H41 PLM O . 15.34 31.47 5.61
H42 PLM O . 16.63 32.12 4.54
H51 PLM O . 15.55 30.50 3.19
H52 PLM O . 17.02 29.65 3.78
H61 PLM O . 15.77 28.40 5.42
H62 PLM O . 14.32 29.47 5.25
H71 PLM O . 15.47 27.45 3.22
H72 PLM O . 14.27 28.70 2.75
H81 PLM O . 13.93 26.41 4.79
H82 PLM O . 12.78 27.80 4.70
H91 PLM O . 12.50 27.32 2.20
H92 PLM O . 13.52 25.84 2.42
C1 PLM P . 15.35 35.41 2.05
O2 PLM P . 15.52 34.88 3.15
C2 PLM P . 15.93 34.86 0.79
C3 PLM P . 15.26 33.59 0.34
C4 PLM P . 16.06 32.37 0.75
C5 PLM P . 15.43 31.10 0.22
C6 PLM P . 16.40 29.94 0.26
C7 PLM P . 15.83 28.71 -0.40
C8 PLM P . 16.82 27.57 -0.35
H21 PLM P . 17.03 34.66 0.98
H22 PLM P . 15.87 35.64 -0.03
H31 PLM P . 14.24 33.53 0.77
H32 PLM P . 15.16 33.61 -0.78
H41 PLM P . 16.13 32.32 1.87
H42 PLM P . 17.12 32.46 0.37
H51 PLM P . 14.51 30.85 0.80
H52 PLM P . 15.11 31.26 -0.85
H61 PLM P . 17.37 30.23 -0.23
H62 PLM P . 16.65 29.70 1.34
H71 PLM P . 15.57 28.95 -1.46
H72 PLM P . 14.88 28.41 0.12
H81 PLM P . 17.49 27.69 0.53
H82 PLM P . 17.47 27.60 -1.28
C1 PLM Q . 10.26 34.56 4.05
O2 PLM Q . 11.13 34.25 3.23
C2 PLM Q . 9.18 33.63 4.52
C3 PLM Q . 8.10 33.42 3.48
C4 PLM Q . 8.02 31.99 2.99
C5 PLM Q . 9.23 31.62 2.16
C6 PLM Q . 8.87 30.85 0.90
C7 PLM Q . 8.53 29.40 1.21
C8 PLM Q . 7.96 28.68 0.00
C9 PLM Q . 7.70 27.23 0.32
CA PLM Q . 7.00 26.51 -0.81
H21 PLM Q . 9.67 32.65 4.76
H22 PLM Q . 8.73 34.04 5.47
H31 PLM Q . 7.11 33.71 3.93
H32 PLM Q . 8.29 34.11 2.63
H41 PLM Q . 7.95 31.30 3.85
H42 PLM Q . 7.09 31.86 2.37
H51 PLM Q . 9.80 32.55 1.86
H52 PLM Q . 9.93 31.00 2.77
H61 PLM Q . 8.00 31.34 0.39
H62 PLM Q . 9.73 30.90 0.18
H71 PLM Q . 7.80 29.36 2.04
H72 PLM Q . 9.46 28.87 1.55
H81 PLM Q . 7.00 29.18 -0.32
H82 PLM Q . 8.67 28.75 -0.86
H91 PLM Q . 7.09 27.15 1.25
H92 PLM Q . 8.69 26.72 0.53
HA1 PLM Q . 5.99 26.97 -0.97
HA2 PLM Q . 6.82 25.45 -0.52
C05 KFM R . -4.16 -41.45 -38.99
C06 KFM R . -2.79 -41.21 -38.93
C07 KFM R . -2.10 -40.98 -37.72
C08 KFM R . -2.72 -41.00 -36.48
C10 KFM R . -0.68 -40.53 -34.78
C11 KFM R . -0.33 -40.55 -33.42
C12 KFM R . 0.95 -40.32 -32.92
C13 KFM R . 2.11 -40.04 -33.66
C14 KFM R . 1.76 -40.01 -35.03
C15 KFM R . 0.46 -40.24 -35.57
C16 KFM R . 3.49 -39.80 -32.98
C17 KFM R . 4.55 -40.69 -33.13
C18 KFM R . 5.88 -40.61 -32.53
C19 KFM R . 6.91 -41.47 -32.68
C20 KFM R . 6.90 -42.68 -33.51
C22 KFM R . 8.03 -44.73 -34.44
C23 KFM R . 7.98 -46.01 -33.85
C24 KFM R . 8.11 -47.18 -34.60
C25 KFM R . 8.31 -47.20 -35.97
C26 KFM R . 8.37 -45.94 -36.55
C27 KFM R . 8.24 -44.74 -35.83
C32 KFM R . 5.58 -42.76 -34.11
C33 KFM R . 4.56 -41.89 -33.94
C34 KFM R . 3.70 -38.59 -32.05
C35 KFM R . 3.07 -38.39 -30.82
C36 KFM R . 3.25 -37.30 -29.96
C37 KFM R . 4.13 -36.23 -30.22
C39 KFM R . 3.42 -34.61 -28.29
C40 KFM R . 2.09 -35.06 -28.11
C41 KFM R . 1.26 -34.57 -27.10
C42 KFM R . 1.65 -33.60 -26.21
C43 KFM R . 2.96 -33.15 -26.39
C44 KFM R . 3.80 -33.62 -27.39
C49 KFM R . 4.77 -36.40 -31.46
C50 KFM R . 4.57 -37.51 -32.31
C51 KFM R . -4.12 -41.26 -36.54
C52 KFM R . -4.78 -41.47 -37.76
N09 KFM R . -2.04 -40.77 -35.22
N21 KFM R . 7.90 -43.50 -33.65
N38 KFM R . 4.31 -35.12 -29.35
O01 KFM R . -4.07 -42.36 -41.42
O03 KFM R . -5.46 -40.45 -41.03
O04 KFM R . -6.15 -42.58 -40.24
O29 KFM R . 9.18 -49.68 -36.04
O30 KFM R . 9.22 -48.44 -38.09
O31 KFM R . 7.15 -49.18 -37.17
O46 KFM R . 1.25 -31.85 -24.34
O47 KFM R . 0.42 -34.07 -24.01
O48 KFM R . -0.67 -32.61 -25.54
S02 KFM R . -5.03 -41.73 -40.56
S28 KFM R . 8.49 -48.77 -36.90
S45 KFM R . 0.56 -32.97 -24.91
H061 KFM R . -2.20 -41.18 -39.85
H071 KFM R . -1.03 -40.80 -37.75
H111 KFM R . -1.12 -40.75 -32.69
H121 KFM R . 1.06 -40.37 -31.84
H141 KFM R . 2.51 -39.81 -35.79
H151 KFM R . 0.30 -40.20 -36.65
H181 KFM R . 6.04 -39.76 -31.89
H191 KFM R . 7.84 -41.26 -32.17
H231 KFM R . 7.83 -46.09 -32.79
H241 KFM R . 8.07 -48.13 -34.07
H261 KFM R . 8.53 -45.89 -37.64
H271 KFM R . 8.29 -43.81 -36.40
H321 KFM R . 5.48 -43.61 -34.74
H331 KFM R . 3.67 -42.16 -34.49
H351 KFM R . 2.37 -39.15 -30.49
H361 KFM R . 2.68 -37.32 -29.04
H401 KFM R . 1.65 -35.83 -28.74
H411 KFM R . 0.25 -34.95 -27.00
H431 KFM R . 3.34 -32.39 -25.72
H441 KFM R . 4.79 -33.23 -27.46
H491 KFM R . 5.46 -35.61 -31.74
H501 KFM R . 5.15 -37.48 -33.22
H511 KFM R . -4.74 -41.29 -35.65
H521 KFM R . -5.87 -41.66 -37.76
H091 KFM R . -2.67 -40.94 -34.44
H531 KFM R . 8.81 -43.05 -33.50
H381 KFM R . 4.95 -34.40 -29.68
PB GDP S . -27.56 38.36 43.75
O1B GDP S . -28.17 38.85 45.04
O2B GDP S . -28.60 38.39 42.66
O3B GDP S . -26.41 39.25 43.37
O3A GDP S . -27.03 36.86 43.93
PA GDP S . -25.58 36.56 44.54
O1A GDP S . -24.97 37.79 45.14
O2A GDP S . -25.58 35.44 45.54
O5' GDP S . -24.78 36.11 43.23
C5' GDP S . -23.38 36.30 43.25
C4' GDP S . -22.67 35.78 42.01
O4' GDP S . -21.47 35.19 42.49
C3' GDP S . -23.43 34.72 41.24
O3' GDP S . -23.69 35.20 39.92
C2' GDP S . -22.55 33.51 41.21
O2' GDP S . -22.10 33.24 39.88
C1' GDP S . -21.37 33.82 42.11
N9 GDP S . -21.37 32.97 43.32
C8 GDP S . -22.20 33.04 44.37
N7 GDP S . -21.89 32.10 45.30
C5 GDP S . -20.84 31.42 44.84
C6 GDP S . -20.01 30.31 45.30
O6 GDP S . -20.24 29.75 46.40
N1 GDP S . -19.01 29.91 44.52
C2 GDP S . -18.75 30.48 43.34
N2 GDP S . -17.71 30.00 42.61
N3 GDP S . -19.46 31.50 42.84
C4 GDP S . -20.50 32.00 43.53
H5' GDP S . -23.17 37.35 43.36
H5'' GDP S . -22.99 35.78 44.12
H4' GDP S . -22.45 36.61 41.34
H3' GDP S . -24.37 34.48 41.75
HO3' GDP S . -24.32 34.61 39.48
H2' GDP S . -23.10 32.65 41.61
HO2' GDP S . -22.85 33.02 39.33
H1' GDP S . -20.46 33.65 41.54
H8 GDP S . -23.02 33.73 44.47
HN1 GDP S . -18.41 29.13 44.83
HN21 GDP S . -17.17 29.25 42.97
HN22 GDP S . -17.50 30.41 41.73
ZN ZN T . -15.84 29.34 58.82
ZN ZN U . -18.67 27.05 59.79
C1 NAG V . 8.20 -0.01 -28.31
C2 NAG V . 8.06 1.46 -28.67
C3 NAG V . 8.31 1.68 -30.16
C4 NAG V . 9.64 1.06 -30.56
C5 NAG V . 9.70 -0.40 -30.13
C6 NAG V . 11.04 -1.04 -30.39
C7 NAG V . 5.56 1.51 -28.48
C8 NAG V . 5.51 0.19 -29.22
N2 NAG V . 6.78 2.04 -28.26
O3 NAG V . 8.33 3.08 -30.42
O4 NAG V . 9.79 1.12 -31.98
O5 NAG V . 9.48 -0.49 -28.70
O6 NAG V . 11.13 -2.33 -29.79
O7 NAG V . 4.54 2.07 -28.09
H2 NAG V . 8.76 1.95 -28.18
H3 NAG V . 7.60 1.27 -30.69
H4 NAG V . 10.37 1.55 -30.14
H5 NAG V . 9.01 -0.91 -30.59
H61 NAG V . 11.18 -1.12 -31.35
H62 NAG V . 11.75 -0.48 -30.01
H81 NAG V . 4.60 0.07 -29.54
H82 NAG V . 6.12 0.19 -29.98
H83 NAG V . 5.73 -0.53 -28.60
HN2 NAG V . 6.80 2.82 -27.81
HO3 NAG V . 8.73 3.22 -31.21
HO4 NAG V . 10.54 1.55 -32.18
HO6 NAG V . 10.54 -2.39 -29.13
C1 NAG W . 33.21 -22.39 -26.99
C2 NAG W . 33.31 -23.89 -26.74
C3 NAG W . 34.70 -24.39 -27.09
C4 NAG W . 35.07 -23.99 -28.50
C5 NAG W . 34.89 -22.49 -28.69
C6 NAG W . 35.12 -22.04 -30.11
C7 NAG W . 32.73 -25.45 -24.92
C8 NAG W . 32.41 -25.58 -23.47
N2 NAG W . 32.98 -24.21 -25.36
O3 NAG W . 34.75 -25.80 -26.95
O4 NAG W . 36.42 -24.35 -28.78
O5 NAG W . 33.55 -22.10 -28.34
O6 NAG W . 34.43 -20.82 -30.37
O7 NAG W . 32.75 -26.41 -25.67
H1 NAG W . 33.82 -21.93 -26.39
H2 NAG W . 32.67 -24.35 -27.31
H3 NAG W . 35.34 -23.99 -26.47
H4 NAG W . 34.48 -24.46 -29.13
H5 NAG W . 35.52 -22.03 -28.10
H61 NAG W . 34.79 -22.73 -30.72
H62 NAG W . 36.08 -21.90 -30.26
H81 NAG W . 31.51 -25.24 -23.30
H82 NAG W . 33.07 -25.06 -22.95
H83 NAG W . 32.46 -26.51 -23.20
HN2 NAG W . 32.95 -23.52 -24.75
HO3 NAG W . 35.39 -26.14 -27.48
HO4 NAG W . 36.46 -24.80 -29.53
HO6 NAG W . 34.29 -20.39 -29.61
C1 NAG X . 25.86 -42.28 -24.98
C2 NAG X . 25.73 -43.79 -24.87
C3 NAG X . 26.98 -44.37 -24.22
C4 NAG X . 28.23 -43.92 -24.96
C5 NAG X . 28.25 -42.40 -25.08
C6 NAG X . 29.39 -41.89 -25.93
C7 NAG X . 23.58 -44.93 -24.62
C8 NAG X . 22.43 -45.22 -23.70
N2 NAG X . 24.55 -44.16 -24.12
O3 NAG X . 26.90 -45.80 -24.21
O4 NAG X . 29.40 -44.37 -24.28
O5 NAG X . 27.04 -41.95 -25.69
O6 NAG X . 29.01 -41.87 -27.31
O7 NAG X . 23.62 -45.37 -25.76
H2 NAG X . 25.66 -44.17 -25.77
H3 NAG X . 27.03 -44.05 -23.30
H4 NAG X . 28.22 -44.30 -25.86
H5 NAG X . 28.32 -42.01 -24.18
H61 NAG X . 29.61 -40.98 -25.65
H62 NAG X . 30.16 -42.47 -25.82
H81 NAG X . 21.91 -44.41 -23.58
H82 NAG X . 22.78 -45.53 -22.85
H83 NAG X . 21.88 -45.92 -24.10
HN2 NAG X . 24.47 -43.87 -23.26
HO3 NAG X . 27.67 -46.13 -24.52
HO4 NAG X . 29.77 -45.03 -24.73
HO6 NAG X . 28.36 -42.45 -27.44
C1 NAG Y . 18.93 -47.29 -13.32
C2 NAG Y . 19.75 -47.90 -12.19
C3 NAG Y . 20.49 -49.13 -12.70
C4 NAG Y . 19.53 -50.10 -13.37
C5 NAG Y . 18.70 -49.38 -14.43
C6 NAG Y . 17.62 -50.25 -15.02
C7 NAG Y . 21.63 -46.34 -12.31
C8 NAG Y . 22.49 -45.38 -11.54
N2 NAG Y . 20.67 -46.94 -11.62
O3 NAG Y . 21.15 -49.77 -11.61
O4 NAG Y . 20.26 -51.16 -13.99
O5 NAG Y . 18.04 -48.25 -13.85
O6 NAG Y . 16.34 -49.64 -14.90
O7 NAG Y . 21.81 -46.57 -13.50
H1 NAG Y . 19.54 -46.99 -14.02
H2 NAG Y . 19.12 -48.20 -11.49
H3 NAG Y . 21.16 -48.85 -13.35
H4 NAG Y . 18.93 -50.48 -12.70
H5 NAG Y . 19.29 -49.07 -15.14
H61 NAG Y . 17.80 -50.41 -15.97
H62 NAG Y . 17.60 -51.10 -14.55
H81 NAG Y . 22.96 -45.86 -10.83
H82 NAG Y . 23.14 -44.98 -12.14
H83 NAG Y . 21.92 -44.69 -11.16
HN2 NAG Y . 20.57 -46.74 -10.72
HO3 NAG Y . 21.78 -50.32 -11.92
HO4 NAG Y . 19.74 -51.88 -14.07
HO6 NAG Y . 16.40 -48.95 -14.35
C1 NAG Z . -3.88 -48.97 -5.93
C2 NAG Z . -3.14 -49.34 -4.65
C3 NAG Z . -3.71 -50.61 -4.06
C4 NAG Z . -5.22 -50.48 -3.88
C5 NAG Z . -5.87 -50.06 -5.20
C6 NAG Z . -7.34 -49.78 -5.07
C7 NAG Z . -0.85 -48.46 -4.84
C8 NAG Z . 0.58 -48.80 -5.12
N2 NAG Z . -1.71 -49.48 -4.89
O3 NAG Z . -3.11 -50.88 -2.79
O4 NAG Z . -5.78 -51.72 -3.47
O5 NAG Z . -5.27 -48.85 -5.67
O6 NAG Z . -7.89 -49.28 -6.29
O7 NAG Z . -1.22 -47.31 -4.61
H1 NAG Z . -3.74 -49.70 -6.58
H2 NAG Z . -3.28 -48.61 -4.00
H3 NAG Z . -3.53 -51.36 -4.66
H4 NAG Z . -5.41 -49.81 -3.21
H5 NAG Z . -5.73 -50.76 -5.86
H61 NAG Z . -7.49 -49.12 -4.36
H62 NAG Z . -7.81 -50.61 -4.83
H81 NAG Z . 0.66 -49.18 -6.01
H82 NAG Z . 0.89 -49.45 -4.45
H83 NAG Z . 1.12 -47.98 -5.06
HN2 NAG Z . -1.38 -50.31 -5.06
HO3 NAG Z . -3.68 -51.29 -2.27
HO4 NAG Z . -6.56 -51.59 -3.07
HO6 NAG Z . -8.17 -48.45 -6.16
C1 PLM AA . 1.79 5.24 35.34
O1 PLM AA . 2.04 4.22 35.97
C2 PLM AA . 0.90 5.26 34.10
C3 PLM AA . 0.84 3.88 33.44
C4 PLM AA . 0.89 3.90 31.89
C5 PLM AA . -0.45 4.28 31.21
C6 PLM AA . -0.32 4.93 29.80
C7 PLM AA . -0.71 4.03 28.59
C8 PLM AA . -0.12 2.58 28.59
C9 PLM AA . -0.42 1.72 27.34
CA PLM AA . 0.42 0.41 27.20
H21 PLM AA . 1.25 6.03 33.41
H22 PLM AA . -0.10 5.61 34.41
H31 PLM AA . -0.08 3.37 33.79
H32 PLM AA . 1.66 3.27 33.84
H41 PLM AA . 1.21 2.90 31.55
H42 PLM AA . 1.69 4.59 31.58
H51 PLM AA . -1.07 3.37 31.13
H52 PLM AA . -1.01 4.95 31.88
H61 PLM AA . -0.93 5.85 29.79
H62 PLM AA . 0.72 5.27 29.67
H71 PLM AA . -1.81 3.96 28.54
H72 PLM AA . -0.41 4.55 27.66
H81 PLM AA . -0.48 2.05 29.48
H82 PLM AA . 0.97 2.65 28.73
H91 PLM AA . -1.48 1.46 27.32
H92 PLM AA . -0.27 2.33 26.43
HA1 PLM AA . 1.12 0.51 26.34
HA2 PLM AA . 1.09 0.30 28.08
C1 PLM BA . 2.90 1.35 38.81
O2 PLM BA . 2.35 0.59 39.62
C2 PLM BA . 3.65 0.88 37.60
C3 PLM BA . 2.80 0.90 36.35
C4 PLM BA . 3.37 0.01 35.26
C5 PLM BA . 2.70 0.31 33.94
C6 PLM BA . 3.20 -0.59 32.83
C7 PLM BA . 2.67 -0.15 31.48
H21 PLM BA . 4.52 1.59 37.47
H22 PLM BA . 4.07 -0.15 37.78
H31 PLM BA . 2.73 1.95 35.97
H32 PLM BA . 1.77 0.56 36.61
H41 PLM BA . 4.48 0.17 35.17
H42 PLM BA . 3.20 -1.07 35.54
H51 PLM BA . 2.88 1.38 33.67
H52 PLM BA . 1.59 0.18 34.04
H61 PLM BA . 2.89 -1.64 33.03
H62 PLM BA . 4.33 -0.57 32.82
C1 PLM CA . 7.32 3.86 36.39
O2 PLM CA . 8.54 3.74 36.50
C2 PLM CA . 6.50 3.12 35.38
C3 PLM CA . 6.98 1.70 35.17
C4 PLM CA . 8.36 1.65 34.54
C5 PLM CA . 8.36 0.77 33.30
C6 PLM CA . 7.77 1.48 32.10
C7 PLM CA . 8.11 0.76 30.82
C8 PLM CA . 7.82 1.60 29.59
C9 PLM CA . 8.46 0.98 28.36
CA PLM CA . 8.31 1.88 27.16
H21 PLM CA . 5.44 3.10 35.78
H22 PLM CA . 6.48 3.68 34.41
H31 PLM CA . 6.99 1.17 36.14
H32 PLM CA . 6.25 1.18 34.49
H41 PLM CA . 8.69 2.69 34.27
H42 PLM CA . 9.09 1.25 35.29
H51 PLM CA . 9.42 0.48 33.07
H52 PLM CA . 7.78 -0.16 33.50
H61 PLM CA . 6.65 1.54 32.22
H62 PLM CA . 8.15 2.54 32.06
H71 PLM CA . 7.52 -0.19 30.77
H72 PLM CA . 9.19 0.49 30.82
H81 PLM CA . 6.72 1.68 29.43
H82 PLM CA . 8.21 2.63 29.73
H91 PLM CA . 9.55 0.79 28.57
H92 PLM CA . 7.98 -0.01 28.16
C1 PLM DA . 13.26 0.91 36.29
O2 PLM DA . 12.20 1.53 36.29
C2 PLM DA . 13.39 -0.54 35.93
C3 PLM DA . 13.18 -0.78 34.46
C4 PLM DA . 11.78 -1.24 34.15
C5 PLM DA . 11.62 -1.57 32.69
C6 PLM DA . 10.37 -2.39 32.44
C7 PLM DA . 10.28 -2.86 31.01
C8 PLM DA . 9.05 -3.70 30.79
H21 PLM DA . 12.59 -1.08 36.51
H22 PLM DA . 14.39 -0.93 36.26
H31 PLM DA . 13.41 0.16 33.89
H32 PLM DA . 13.92 -1.56 34.11
H41 PLM DA . 11.05 -0.44 34.44
H42 PLM DA . 11.53 -2.14 34.77
H51 PLM DA . 11.58 -0.63 32.08
H52 PLM DA . 12.52 -2.15 32.33
H61 PLM DA . 10.37 -3.29 33.13
H62 PLM DA . 9.46 -1.78 32.69
H71 PLM DA . 11.21 -3.45 30.75
H72 PLM DA . 10.27 -1.97 30.33
H81 PLM DA . 8.25 -3.41 31.52
H82 PLM DA . 9.28 -4.78 30.97
C1 PLM EA . 14.11 5.28 33.00
O2 PLM EA . 13.96 4.06 33.11
C2 PLM EA . 13.79 6.07 31.77
C3 PLM EA . 14.81 5.88 30.68
C4 PLM EA . 14.26 5.19 29.44
C5 PLM EA . 13.91 3.74 29.71
C6 PLM EA . 14.36 2.83 28.59
C7 PLM EA . 13.44 2.91 27.39
C8 PLM EA . 13.99 2.16 26.19
C9 PLM EA . 13.01 2.21 25.04
CA PLM EA . 13.59 1.60 23.78
H21 PLM EA . 12.79 5.73 31.41
H22 PLM EA . 13.71 7.16 32.03
H31 PLM EA . 15.23 6.88 30.39
H32 PLM EA . 15.67 5.27 31.08
H41 PLM EA . 13.34 5.74 29.10
H42 PLM EA . 15.01 5.26 28.61
H51 PLM EA . 14.38 3.42 30.68
H52 PLM EA . 12.79 3.65 29.84
H61 PLM EA . 15.40 3.09 28.28
H62 PLM EA . 14.38 1.77 28.97
H71 PLM EA . 13.28 3.98 27.12
H72 PLM EA . 12.44 2.49 27.66
H81 PLM EA . 14.97 2.62 25.88
H82 PLM EA . 14.19 1.09 26.47
H91 PLM EA . 12.72 3.27 24.83
H92 PLM EA . 12.08 1.66 25.32
HA1 PLM EA . 14.49 2.19 23.45
HA2 PLM EA . 12.83 1.67 22.95
C05 KFM FA . -0.69 -37.27 -43.14
C06 KFM FA . -1.25 -37.98 -42.09
C07 KFM FA . -2.18 -37.43 -41.19
C08 KFM FA . -2.62 -36.12 -41.27
C10 KFM FA . -4.35 -35.94 -39.21
C11 KFM FA . -5.35 -35.11 -38.67
C12 KFM FA . -6.15 -35.45 -37.56
C13 KFM FA . -6.11 -36.65 -36.83
C14 KFM FA . -5.10 -37.47 -37.38
C15 KFM FA . -4.27 -37.16 -38.50
C16 KFM FA . -7.05 -36.90 -35.62
C17 KFM FA . -8.05 -37.86 -35.66
C18 KFM FA . -9.03 -38.19 -34.61
C19 KFM FA . -9.99 -39.14 -34.64
C20 KFM FA . -10.25 -40.05 -35.76
C22 KFM FA . -11.56 -41.94 -36.80
C23 KFM FA . -12.67 -41.78 -37.62
C24 KFM FA . -13.04 -42.71 -38.60
C25 KFM FA . -12.33 -43.88 -38.84
C26 KFM FA . -11.22 -44.05 -38.02
C27 KFM FA . -10.83 -43.13 -37.04
C32 KFM FA . -9.28 -39.74 -36.79
C33 KFM FA . -8.33 -38.78 -36.74
C34 KFM FA . -6.96 -36.03 -34.35
C35 KFM FA . -7.25 -34.66 -34.28
C36 KFM FA . -7.17 -33.85 -33.15
C37 KFM FA . -6.78 -34.31 -31.87
C39 KFM FA . -6.56 -32.02 -30.62
C40 KFM FA . -6.29 -31.19 -31.74
C41 KFM FA . -6.16 -29.81 -31.64
C42 KFM FA . -6.28 -29.13 -30.45
C43 KFM FA . -6.55 -29.94 -29.35
C44 KFM FA . -6.68 -31.33 -29.43
C49 KFM FA . -6.47 -35.68 -31.91
C50 KFM FA . -6.56 -36.47 -33.08
C51 KFM FA . -2.04 -35.38 -42.35
C52 KFM FA . -1.12 -35.96 -43.23
N09 KFM FA . -3.56 -35.51 -40.36
N21 KFM FA . -11.19 -40.97 -35.77
N38 KFM FA . -6.69 -33.48 -30.72
O01 KFM FA . 0.15 -39.40 -44.37
O03 KFM FA . 1.82 -37.80 -43.73
O04 KFM FA . 0.34 -37.31 -45.53
O29 KFM FA . -14.27 -45.06 -40.14
O30 KFM FA . -12.30 -46.35 -39.73
O31 KFM FA . -12.27 -44.58 -41.34
O46 KFM FA . -6.10 -27.04 -28.93
O47 KFM FA . -7.27 -26.83 -31.01
O48 KFM FA . -4.90 -26.99 -31.00
S02 KFM FA . 0.52 -38.02 -44.30
S28 KFM FA . -12.85 -45.08 -40.13
S45 KFM FA . -6.12 -27.33 -30.32
H061 KFM FA . -0.97 -39.03 -41.93
H071 KFM FA . -2.57 -38.05 -40.39
H111 KFM FA . -5.53 -34.14 -39.12
H121 KFM FA . -6.88 -34.70 -37.27
H141 KFM FA . -4.89 -38.45 -36.96
H151 KFM FA . -3.52 -37.87 -38.84
H181 KFM FA . -8.95 -37.59 -33.72
H191 KFM FA . -10.63 -39.25 -33.77
H231 KFM FA . -13.28 -40.90 -37.50
H241 KFM FA . -13.92 -42.51 -39.20
H261 KFM FA . -10.62 -44.96 -38.17
H271 KFM FA . -9.95 -43.37 -36.46
H321 KFM FA . -9.40 -40.37 -37.65
H331 KFM FA . -7.74 -38.73 -37.63
H351 KFM FA . -7.57 -34.17 -35.20
H361 KFM FA . -7.45 -32.81 -33.29
H401 KFM FA . -6.18 -31.59 -32.73
H411 KFM FA . -5.96 -29.22 -32.52
H431 KFM FA . -6.65 -29.48 -28.38
H441 KFM FA . -6.87 -31.87 -28.53
H491 KFM FA . -6.15 -36.12 -30.98
H501 KFM FA . -6.29 -37.52 -32.92
H511 KFM FA . -2.29 -34.34 -42.54
H521 KFM FA . -0.70 -35.36 -44.04
H091 KFM FA . -3.82 -34.58 -40.67
H531 KFM FA . -11.45 -41.28 -34.84
H381 KFM FA . -6.36 -33.95 -29.88
PB GDP GA . 11.76 59.23 22.40
O1B GDP GA . 11.60 60.70 22.71
O2B GDP GA . 12.95 59.03 21.50
O3B GDP GA . 11.97 58.46 23.68
O3A GDP GA . 10.45 58.70 21.66
PA GDP GA . 9.18 58.20 22.50
O1A GDP GA . 9.28 58.59 23.95
O2A GDP GA . 7.88 58.69 21.93
O5' GDP GA . 9.28 56.61 22.34
C5' GDP GA . 8.68 55.84 23.34
C4' GDP GA . 8.74 54.34 23.09
O4' GDP GA . 7.48 53.82 23.53
C3' GDP GA . 8.92 53.95 21.65
O3' GDP GA . 10.13 53.21 21.50
C2' GDP GA . 7.72 53.10 21.28
O2' GDP GA . 8.12 51.76 21.04
C1' GDP GA . 6.80 53.15 22.48
N9 GDP GA . 5.54 53.86 22.16
C8 GDP GA . 5.37 55.18 21.97
N7 GDP GA . 4.08 55.47 21.71
C5 GDP GA . 3.40 54.32 21.74
C6 GDP GA . 2.00 53.91 21.55
O6 GDP GA . 1.12 54.74 21.28
N1 GDP GA . 1.72 52.61 21.67
C2 GDP GA . 2.66 51.70 21.96
N2 GDP GA . 2.28 50.41 22.07
N3 GDP GA . 3.96 51.99 22.14
C4 GDP GA . 4.37 53.27 22.05
H5' GDP GA . 9.16 56.05 24.29
H5'' GDP GA . 7.64 56.13 23.44
H4' GDP GA . 9.54 53.90 23.68
H3' GDP GA . 8.93 54.85 21.02
HO3' GDP GA . 10.33 53.12 20.55
H2' GDP GA . 7.23 53.52 20.41
HO2' GDP GA . 8.69 51.73 20.26
H1' GDP GA . 6.57 52.13 22.77
H8 GDP GA . 6.15 55.92 21.99
HN1 GDP GA . 0.75 52.30 21.56
HN21 GDP GA . 1.31 50.16 21.94
HN22 GDP GA . 2.96 49.70 22.28
ZN ZN HA . -8.75 61.44 26.88
ZN ZN IA . -9.35 63.32 23.68
C1 NAG JA . 12.78 -26.46 -2.09
C2 NAG JA . 13.99 -26.29 -1.17
C3 NAG JA . 14.90 -27.52 -1.23
C4 NAG JA . 14.09 -28.78 -0.98
C5 NAG JA . 12.87 -28.84 -1.90
C6 NAG JA . 11.96 -30.00 -1.60
C7 NAG JA . 15.16 -24.63 -2.65
C8 NAG JA . 14.80 -25.48 -3.84
N2 NAG JA . 14.74 -25.07 -1.44
O3 NAG JA . 15.93 -27.40 -0.26
O4 NAG JA . 14.90 -29.93 -1.19
O5 NAG JA . 12.09 -27.65 -1.74
O6 NAG JA . 10.75 -29.92 -2.35
O7 NAG JA . 15.79 -23.59 -2.77
H2 NAG JA . 13.67 -26.23 -0.26
H3 NAG JA . 15.32 -27.60 -2.12
H4 NAG JA . 13.79 -28.78 -0.05
H5 NAG JA . 13.18 -28.90 -2.83
H61 NAG JA . 12.42 -30.83 -1.83
H62 NAG JA . 11.74 -30.00 -0.65
H81 NAG JA . 15.37 -25.22 -4.59
H82 NAG JA . 14.94 -26.43 -3.67
H83 NAG JA . 13.87 -25.32 -4.08
HN2 NAG JA . 14.96 -24.56 -0.73
HO3 NAG JA . 16.29 -28.20 -0.11
HO4 NAG JA . 14.91 -30.43 -0.46
HO6 NAG JA . 10.61 -29.08 -2.60
C1 NAG KA . -14.55 -45.96 -2.69
C2 NAG KA . -15.70 -46.19 -3.68
C3 NAG KA . -16.49 -47.42 -3.26
C4 NAG KA . -15.58 -48.62 -3.10
C5 NAG KA . -14.44 -48.29 -2.15
C6 NAG KA . -13.42 -49.39 -2.04
C7 NAG KA . -17.46 -44.84 -4.72
C8 NAG KA . -18.26 -43.58 -4.64
N2 NAG KA . -16.55 -45.02 -3.76
O3 NAG KA . -17.48 -47.69 -4.26
O4 NAG KA . -16.31 -49.74 -2.60
O5 NAG KA . -13.74 -47.13 -2.62
O6 NAG KA . -12.15 -48.89 -1.64
O7 NAG KA . -17.63 -45.67 -5.61
H1 NAG KA . -14.92 -45.76 -1.82
H2 NAG KA . -15.31 -46.36 -4.56
H3 NAG KA . -16.94 -47.24 -2.41
H4 NAG KA . -15.21 -48.87 -3.98
H5 NAG KA . -14.80 -48.11 -1.26
H61 NAG KA . -13.33 -49.84 -2.91
H62 NAG KA . -13.73 -50.06 -1.38
H81 NAG KA . -17.70 -42.83 -4.90
H82 NAG KA . -18.56 -43.45 -3.73
H83 NAG KA . -19.02 -43.65 -5.24
HN2 NAG KA . -16.46 -44.38 -3.12
HO3 NAG KA . -17.71 -48.56 -4.23
HO4 NAG KA . -16.17 -50.45 -3.11
HO6 NAG KA . -12.27 -48.12 -1.22
C1 NAG LA . -24.56 -44.87 -21.46
C2 NAG LA . -25.52 -45.08 -22.63
C3 NAG LA . -26.89 -45.47 -22.11
C4 NAG LA . -26.79 -46.68 -21.19
C5 NAG LA . -25.78 -46.41 -20.08
C6 NAG LA . -25.51 -47.62 -19.22
C7 NAG LA . -25.31 -43.87 -24.75
C8 NAG LA . -25.46 -42.56 -25.45
N2 NAG LA . -25.61 -43.89 -23.45
O3 NAG LA . -27.75 -45.77 -23.21
O4 NAG LA . -28.06 -46.97 -20.62
O5 NAG LA . -24.51 -46.04 -20.66
O6 NAG LA . -24.50 -48.44 -19.78
O7 NAG LA . -24.93 -44.88 -25.34
H2 NAG LA . -25.18 -45.82 -23.17
H3 NAG LA . -27.27 -44.73 -21.60
H4 NAG LA . -26.49 -47.45 -21.71
H5 NAG LA . -26.10 -45.68 -19.52
H61 NAG LA . -25.23 -47.31 -18.33
H62 NAG LA . -26.33 -48.14 -19.14
H81 NAG LA . -24.77 -41.94 -25.14
H82 NAG LA . -26.34 -42.18 -25.23
H83 NAG LA . -25.38 -42.70 -26.41
HN2 NAG LA . -25.88 -43.11 -23.06
HO3 NAG LA . -28.16 -46.54 -23.06
HO4 NAG LA . -28.39 -47.71 -20.98
HO6 NAG LA . -24.45 -48.28 -20.66
C1 NAG MA . -31.20 -33.05 -26.50
C2 NAG MA . -32.66 -32.84 -26.16
C3 NAG MA . -33.51 -33.98 -26.73
C4 NAG MA . -33.24 -34.15 -28.22
C5 NAG MA . -31.74 -34.27 -28.47
C6 NAG MA . -31.39 -34.28 -29.94
C7 NAG MA . -32.57 -33.68 -23.85
C8 NAG MA . -32.84 -33.38 -22.42
N2 NAG MA . -32.87 -32.71 -24.73
O3 NAG MA . -34.89 -33.69 -26.51
O4 NAG MA . -33.90 -35.31 -28.70
O5 NAG MA . -31.04 -33.17 -27.90
O6 NAG MA . -30.45 -33.27 -30.26
O7 NAG MA . -32.09 -34.75 -24.21
H1 NAG MA . -30.90 -33.88 -26.09
H2 NAG MA . -32.96 -32.01 -26.59
H3 NAG MA . -33.28 -34.80 -26.27
H4 NAG MA . -33.58 -33.37 -28.70
H5 NAG MA . -31.41 -35.09 -28.06
H61 NAG MA . -31.01 -35.15 -30.18
H62 NAG MA . -32.20 -34.13 -30.46
H81 NAG MA . -33.81 -33.23 -22.30
H82 NAG MA . -32.55 -34.13 -21.87
H83 NAG MA . -32.36 -32.57 -22.16
HN2 NAG MA . -33.23 -31.94 -24.40
HO3 NAG MA . -35.36 -34.44 -26.60
HO4 NAG MA . -34.04 -35.24 -29.58
HO6 NAG MA . -30.37 -32.73 -29.56
C1 NAG NA . -25.27 -14.13 -40.07
C2 NAG NA . -26.64 -13.69 -39.55
C3 NAG NA . -27.51 -13.20 -40.71
C4 NAG NA . -26.77 -12.13 -41.51
C5 NAG NA . -25.40 -12.64 -41.94
C6 NAG NA . -24.56 -11.58 -42.61
C7 NAG NA . -27.11 -15.00 -37.53
C8 NAG NA . -27.88 -16.14 -36.96
N2 NAG NA . -27.30 -14.76 -38.83
O3 NAG NA . -28.72 -12.67 -40.20
O4 NAG NA . -27.52 -11.78 -42.66
O5 NAG NA . -24.66 -13.07 -40.78
O6 NAG NA . -23.25 -12.07 -42.88
O7 NAG NA . -26.35 -14.32 -36.84
H1 NAG NA . -25.41 -14.88 -40.68
H2 NAG NA . -26.50 -12.93 -38.93
H3 NAG NA . -27.70 -13.95 -41.30
H4 NAG NA . -26.66 -11.33 -40.94
H5 NAG NA . -25.52 -13.40 -42.53
H61 NAG NA . -24.50 -10.80 -42.03
H62 NAG NA . -24.99 -11.32 -43.45
H81 NAG NA . -27.62 -16.97 -37.42
H82 NAG NA . -28.84 -15.99 -37.07
H83 NAG NA . -27.67 -16.22 -36.00
HN2 NAG NA . -27.88 -15.29 -39.29
HO3 NAG NA . -29.02 -12.02 -40.73
HO4 NAG NA . -27.28 -10.98 -42.94
HO6 NAG NA . -22.66 -11.59 -42.42
C1 PLM OA . -18.68 27.10 14.07
O1 PLM OA . -19.83 27.18 13.65
C2 PLM OA . -17.49 26.69 13.22
C3 PLM OA . -17.93 25.88 11.99
C4 PLM OA . -17.03 24.69 11.63
C5 PLM OA . -15.70 25.06 10.91
C6 PLM OA . -14.52 24.08 11.11
C7 PLM OA . -14.16 23.16 9.89
C8 PLM OA . -15.37 22.46 9.20
C9 PLM OA . -15.02 21.47 8.05
CA PLM OA . -16.18 20.54 7.56
H21 PLM OA . -16.76 26.13 13.83
H22 PLM OA . -16.96 27.62 12.93
H31 PLM OA . -17.99 26.58 11.14
H32 PLM OA . -18.96 25.55 12.15
H41 PLM OA . -17.60 23.98 11.02
H42 PLM OA . -16.80 24.14 12.57
H51 PLM OA . -15.91 25.17 9.83
H52 PLM OA . -15.40 26.08 11.22
H61 PLM OA . -13.62 24.65 11.41
H62 PLM OA . -14.74 23.43 11.98
H71 PLM OA . -13.63 23.78 9.14
H72 PLM OA . -13.43 22.41 10.22
H81 PLM OA . -16.06 23.22 8.80
H82 PLM OA . -15.96 21.93 9.96
H91 PLM OA . -14.64 22.05 7.18
H92 PLM OA . -14.17 20.85 8.37
HA1 PLM OA . -15.95 19.50 7.85
HA2 PLM OA . -17.10 20.79 8.12
C1 PLM PA . -23.76 28.11 12.77
O2 PLM PA . -24.44 28.87 12.08
C2 PLM PA . -23.71 26.62 12.59
C3 PLM PA . -22.52 26.19 11.75
C4 PLM PA . -22.71 24.81 11.17
C5 PLM PA . -21.39 24.27 10.63
C6 PLM PA . -21.55 22.91 10.01
C7 PLM PA . -20.21 22.31 9.66
H21 PLM PA . -23.62 26.18 13.62
H22 PLM PA . -24.66 26.26 12.14
H31 PLM PA . -21.60 26.21 12.39
H32 PLM PA . -22.37 26.93 10.92
H41 PLM PA . -23.11 24.12 11.95
H42 PLM PA . -23.46 24.85 10.35
H51 PLM PA . -20.65 24.22 11.47
H52 PLM PA . -20.99 25.00 9.88
H61 PLM PA . -22.17 22.99 9.09
H62 PLM PA . -22.10 22.23 10.72
C1 PLM QA . -22.94 24.24 16.77
O2 PLM QA . -23.69 23.55 17.46
C2 PLM QA . -22.39 23.78 15.45
C3 PLM QA . -23.39 22.97 14.65
C4 PLM QA . -23.74 21.66 15.30
C5 PLM QA . -23.56 20.50 14.35
C6 PLM QA . -22.10 20.12 14.20
C7 PLM QA . -21.96 18.77 13.55
C8 PLM QA . -20.55 18.21 13.67
C9 PLM QA . -20.53 16.75 13.30
CA PLM QA . -19.17 16.13 13.56
H21 PLM QA . -22.13 24.70 14.88
H22 PLM QA . -21.45 23.19 15.61
H31 PLM QA . -24.32 23.58 14.51
H32 PLM QA . -22.96 22.77 13.64
H41 PLM QA . -23.10 21.51 16.21
H42 PLM QA . -24.81 21.69 15.66
H51 PLM QA . -24.14 19.62 14.72
H52 PLM QA . -23.97 20.77 13.35
H61 PLM QA . -21.57 20.89 13.57
H62 PLM QA . -21.60 20.11 15.21
H71 PLM QA . -22.24 18.85 12.46
H72 PLM QA . -22.68 18.05 14.02
H81 PLM QA . -19.86 18.77 13.01
H82 PLM QA . -20.18 18.33 14.72
H91 PLM QA . -21.31 16.19 13.89
H92 PLM QA . -20.78 16.63 12.21
C1 PLM RA . -27.70 19.86 18.27
O2 PLM RA . -26.78 20.65 18.06
C2 PLM RA . -28.45 19.16 17.19
C3 PLM RA . -27.63 18.10 16.51
C4 PLM RA . -27.03 18.60 15.20
C5 PLM RA . -26.29 17.50 14.48
C6 PLM RA . -26.04 17.86 13.04
C7 PLM RA . -25.43 16.71 12.27
C8 PLM RA . -25.20 17.08 10.82
H21 PLM RA . -28.75 19.95 16.43
H22 PLM RA . -29.40 18.71 17.60
H31 PLM RA . -26.81 17.76 17.19
H32 PLM RA . -28.29 17.21 16.30
H41 PLM RA . -26.34 19.45 15.42
H42 PLM RA . -27.85 19.00 14.55
H51 PLM RA . -25.31 17.30 15.00
H52 PLM RA . -26.89 16.55 14.53
H61 PLM RA . -27.00 18.17 12.56
H62 PLM RA . -25.34 18.75 12.98
H71 PLM RA . -26.11 15.82 12.34
H72 PLM RA . -24.45 16.42 12.75
H81 PLM RA . -25.06 18.19 10.74
H82 PLM RA . -26.12 16.82 10.23
C1 PLM SA . -23.42 17.92 21.20
O2 PLM SA . -24.17 17.79 20.23
C2 PLM SA . -22.03 17.37 21.25
C3 PLM SA . -22.01 15.86 21.47
C4 PLM SA . -21.42 15.10 20.30
C5 PLM SA . -22.31 15.16 19.08
C6 PLM SA . -22.45 13.82 18.40
C7 PLM SA . -21.23 13.47 17.58
C8 PLM SA . -21.26 12.05 17.06
C9 PLM SA . -20.05 11.77 16.20
CA PLM SA . -19.97 10.32 15.79
H21 PLM SA . -21.52 17.60 20.28
H22 PLM SA . -21.45 17.88 22.07
H31 PLM SA . -21.41 15.65 22.40
H32 PLM SA . -23.06 15.51 21.66
H41 PLM SA . -20.42 15.52 20.06
H42 PLM SA . -21.26 14.03 20.61
H51 PLM SA . -23.34 15.53 19.38
H52 PLM SA . -21.90 15.90 18.36
H61 PLM SA . -22.63 13.01 19.16
H62 PLM SA . -23.36 13.83 17.73
H71 PLM SA . -20.30 13.63 18.20
H72 PLM SA . -21.15 14.17 16.71
H81 PLM SA . -21.27 11.34 17.93
H82 PLM SA . -22.19 11.88 16.47
H91 PLM SA . -19.12 12.05 16.75
H92 PLM SA . -20.10 12.41 15.28
HA1 PLM SA . -19.85 9.67 16.70
HA2 PLM SA . -19.05 10.15 15.15
#